data_6XRP
# 
_entry.id   6XRP 
# 
_audit_conform.dict_name       mmcif_pdbx.dic 
_audit_conform.dict_version    5.399 
_audit_conform.dict_location   http://mmcif.pdb.org/dictionaries/ascii/mmcif_pdbx.dic 
# 
loop_
_database_2.database_id 
_database_2.database_code 
_database_2.pdbx_database_accession 
_database_2.pdbx_DOI 
PDB   6XRP         pdb_00006xrp 10.2210/pdb6xrp/pdb 
WWPDB D_1000250634 ?            ?                   
# 
loop_
_pdbx_audit_revision_history.ordinal 
_pdbx_audit_revision_history.data_content_type 
_pdbx_audit_revision_history.major_revision 
_pdbx_audit_revision_history.minor_revision 
_pdbx_audit_revision_history.revision_date 
1 'Structure model' 1 0 2020-09-16 
2 'Structure model' 1 1 2020-12-02 
3 'Structure model' 1 2 2023-10-18 
4 'Structure model' 1 3 2024-12-25 
# 
_pdbx_audit_revision_details.ordinal             1 
_pdbx_audit_revision_details.revision_ordinal    1 
_pdbx_audit_revision_details.data_content_type   'Structure model' 
_pdbx_audit_revision_details.provider            repository 
_pdbx_audit_revision_details.type                'Initial release' 
_pdbx_audit_revision_details.description         ? 
_pdbx_audit_revision_details.details             ? 
# 
loop_
_pdbx_audit_revision_group.ordinal 
_pdbx_audit_revision_group.revision_ordinal 
_pdbx_audit_revision_group.data_content_type 
_pdbx_audit_revision_group.group 
1 2 'Structure model' 'Database references'    
2 3 'Structure model' 'Data collection'        
3 3 'Structure model' 'Database references'    
4 3 'Structure model' 'Refinement description' 
5 4 'Structure model' Advisory                 
6 4 'Structure model' 'Derived calculations'   
7 4 'Structure model' 'Structure summary'      
# 
loop_
_pdbx_audit_revision_category.ordinal 
_pdbx_audit_revision_category.revision_ordinal 
_pdbx_audit_revision_category.data_content_type 
_pdbx_audit_revision_category.category 
1 2 'Structure model' citation                      
2 3 'Structure model' chem_comp_atom                
3 3 'Structure model' chem_comp_bond                
4 3 'Structure model' database_2                    
5 3 'Structure model' pdbx_initial_refinement_model 
6 4 'Structure model' pdbx_entry_details            
7 4 'Structure model' pdbx_validate_close_contact   
8 4 'Structure model' struct_conn                   
# 
loop_
_pdbx_audit_revision_item.ordinal 
_pdbx_audit_revision_item.revision_ordinal 
_pdbx_audit_revision_item.data_content_type 
_pdbx_audit_revision_item.item 
1 2 'Structure model' '_citation.journal_volume'                     
2 2 'Structure model' '_citation.page_first'                         
3 2 'Structure model' '_citation.page_last'                          
4 3 'Structure model' '_database_2.pdbx_DOI'                         
5 3 'Structure model' '_database_2.pdbx_database_accession'          
6 4 'Structure model' '_pdbx_entry_details.has_protein_modification' 
# 
_pdbx_database_status.status_code                     REL 
_pdbx_database_status.status_code_sf                  REL 
_pdbx_database_status.status_code_mr                  ? 
_pdbx_database_status.entry_id                        6XRP 
_pdbx_database_status.recvd_initial_deposition_date   2020-07-13 
_pdbx_database_status.SG_entry                        N 
_pdbx_database_status.deposit_site                    RCSB 
_pdbx_database_status.process_site                    RCSB 
_pdbx_database_status.status_code_cs                  ? 
_pdbx_database_status.status_code_nmr_data            ? 
_pdbx_database_status.methods_development_category    ? 
_pdbx_database_status.pdb_format_compatible           Y 
# 
loop_
_audit_author.name 
_audit_author.pdbx_ordinal 
_audit_author.identifier_ORCID 
'Urban, S.' 1 0000-0002-1118-1973 
'Cho, S.'   2 0000-0002-4875-2565 
# 
_citation.abstract                  ? 
_citation.abstract_id_CAS           ? 
_citation.book_id_ISBN              ? 
_citation.book_publisher            ? 
_citation.book_publisher_city       ? 
_citation.book_title                ? 
_citation.coordinate_linkage        ? 
_citation.country                   US 
_citation.database_id_Medline       ? 
_citation.details                   ? 
_citation.id                        primary 
_citation.journal_abbrev            'Cell Chem Biol' 
_citation.journal_id_ASTM           ? 
_citation.journal_id_CSD            ? 
_citation.journal_id_ISSN           2451-9456 
_citation.journal_full              ? 
_citation.journal_issue             ? 
_citation.journal_volume            27 
_citation.language                  ? 
_citation.page_first                1410 
_citation.page_last                 1424.e6 
_citation.title                     'Designed Parasite-Selective Rhomboid Inhibitors Block Invasion and Clear Blood-Stage Malaria.' 
_citation.year                      2020 
_citation.database_id_CSD           ? 
_citation.pdbx_database_id_DOI      10.1016/j.chembiol.2020.08.011 
_citation.pdbx_database_id_PubMed   32888502 
_citation.unpublished_flag          ? 
# 
loop_
_citation_author.citation_id 
_citation_author.name 
_citation_author.ordinal 
_citation_author.identifier_ORCID 
primary 'Gandhi, S.'     1 ? 
primary 'Baker, R.P.'    2 ? 
primary 'Cho, S.'        3 ? 
primary 'Stanchev, S.'   4 ? 
primary 'Strisovsky, K.' 5 ? 
primary 'Urban, S.'      6 ? 
# 
loop_
_entity.id 
_entity.type 
_entity.src_method 
_entity.pdbx_description 
_entity.formula_weight 
_entity.pdbx_number_of_molecules 
_entity.pdbx_ec 
_entity.pdbx_mutation 
_entity.pdbx_fragment 
_entity.details 
1 polymer     man 'Rhomboid protease GlpG'      23816.133 1  3.4.21.105 ? ? ? 
2 polymer     syn 'peptide ketoamide inhibitor' 740.852   1  ?          ? ? ? 
3 non-polymer syn 'N-(4-phenylbutyl)formamide'  177.243   1  ?          ? ? ? 
4 water       nat water                         18.015    22 ?          ? ? ? 
# 
_entity_name_com.entity_id   1 
_entity_name_com.name        'Intramembrane serine protease' 
# 
loop_
_entity_poly.entity_id 
_entity_poly.type 
_entity_poly.nstd_linkage 
_entity_poly.nstd_monomer 
_entity_poly.pdbx_seq_one_letter_code 
_entity_poly.pdbx_seq_one_letter_code_can 
_entity_poly.pdbx_strand_id 
_entity_poly.pdbx_target_identifier 
1 'polypeptide(L)' no no 
;MGSSHHHHHHSSGLVPRGSHMAALRERAGPVTWVMMIACVVVFIAMQILGDQEVMLWLAWPFDPTLKFEFWRYFTHALMH
FSLMHILFNLLWWWYLGGAVEKRLGSGKLIVITLISALLSGYVQQKFSGPWFGGLSGVVYALMGYVWLRGERDPQSGIYL
QRGLIIFALIWIVAGWFDLFGMSMANGAHIAGLAVGLAMAFVDSLNARKRK
;
;MGSSHHHHHHSSGLVPRGSHMAALRERAGPVTWVMMIACVVVFIAMQILGDQEVMLWLAWPFDPTLKFEFWRYFTHALMH
FSLMHILFNLLWWWYLGGAVEKRLGSGKLIVITLISALLSGYVQQKFSGPWFGGLSGVVYALMGYVWLRGERDPQSGIYL
QRGLIIFALIWIVAGWFDLFGMSMANGAHIAGLAVGLAMAFVDSLNARKRK
;
A ? 
2 'polypeptide(L)' no no ARVWHA ARVWHA B ? 
# 
loop_
_pdbx_entity_nonpoly.entity_id 
_pdbx_entity_nonpoly.name 
_pdbx_entity_nonpoly.comp_id 
3 'N-(4-phenylbutyl)formamide' V87 
4 water                        HOH 
# 
loop_
_entity_poly_seq.entity_id 
_entity_poly_seq.num 
_entity_poly_seq.mon_id 
_entity_poly_seq.hetero 
1 1   MET n 
1 2   GLY n 
1 3   SER n 
1 4   SER n 
1 5   HIS n 
1 6   HIS n 
1 7   HIS n 
1 8   HIS n 
1 9   HIS n 
1 10  HIS n 
1 11  SER n 
1 12  SER n 
1 13  GLY n 
1 14  LEU n 
1 15  VAL n 
1 16  PRO n 
1 17  ARG n 
1 18  GLY n 
1 19  SER n 
1 20  HIS n 
1 21  MET n 
1 22  ALA n 
1 23  ALA n 
1 24  LEU n 
1 25  ARG n 
1 26  GLU n 
1 27  ARG n 
1 28  ALA n 
1 29  GLY n 
1 30  PRO n 
1 31  VAL n 
1 32  THR n 
1 33  TRP n 
1 34  VAL n 
1 35  MET n 
1 36  MET n 
1 37  ILE n 
1 38  ALA n 
1 39  CYS n 
1 40  VAL n 
1 41  VAL n 
1 42  VAL n 
1 43  PHE n 
1 44  ILE n 
1 45  ALA n 
1 46  MET n 
1 47  GLN n 
1 48  ILE n 
1 49  LEU n 
1 50  GLY n 
1 51  ASP n 
1 52  GLN n 
1 53  GLU n 
1 54  VAL n 
1 55  MET n 
1 56  LEU n 
1 57  TRP n 
1 58  LEU n 
1 59  ALA n 
1 60  TRP n 
1 61  PRO n 
1 62  PHE n 
1 63  ASP n 
1 64  PRO n 
1 65  THR n 
1 66  LEU n 
1 67  LYS n 
1 68  PHE n 
1 69  GLU n 
1 70  PHE n 
1 71  TRP n 
1 72  ARG n 
1 73  TYR n 
1 74  PHE n 
1 75  THR n 
1 76  HIS n 
1 77  ALA n 
1 78  LEU n 
1 79  MET n 
1 80  HIS n 
1 81  PHE n 
1 82  SER n 
1 83  LEU n 
1 84  MET n 
1 85  HIS n 
1 86  ILE n 
1 87  LEU n 
1 88  PHE n 
1 89  ASN n 
1 90  LEU n 
1 91  LEU n 
1 92  TRP n 
1 93  TRP n 
1 94  TRP n 
1 95  TYR n 
1 96  LEU n 
1 97  GLY n 
1 98  GLY n 
1 99  ALA n 
1 100 VAL n 
1 101 GLU n 
1 102 LYS n 
1 103 ARG n 
1 104 LEU n 
1 105 GLY n 
1 106 SER n 
1 107 GLY n 
1 108 LYS n 
1 109 LEU n 
1 110 ILE n 
1 111 VAL n 
1 112 ILE n 
1 113 THR n 
1 114 LEU n 
1 115 ILE n 
1 116 SER n 
1 117 ALA n 
1 118 LEU n 
1 119 LEU n 
1 120 SER n 
1 121 GLY n 
1 122 TYR n 
1 123 VAL n 
1 124 GLN n 
1 125 GLN n 
1 126 LYS n 
1 127 PHE n 
1 128 SER n 
1 129 GLY n 
1 130 PRO n 
1 131 TRP n 
1 132 PHE n 
1 133 GLY n 
1 134 GLY n 
1 135 LEU n 
1 136 SER n 
1 137 GLY n 
1 138 VAL n 
1 139 VAL n 
1 140 TYR n 
1 141 ALA n 
1 142 LEU n 
1 143 MET n 
1 144 GLY n 
1 145 TYR n 
1 146 VAL n 
1 147 TRP n 
1 148 LEU n 
1 149 ARG n 
1 150 GLY n 
1 151 GLU n 
1 152 ARG n 
1 153 ASP n 
1 154 PRO n 
1 155 GLN n 
1 156 SER n 
1 157 GLY n 
1 158 ILE n 
1 159 TYR n 
1 160 LEU n 
1 161 GLN n 
1 162 ARG n 
1 163 GLY n 
1 164 LEU n 
1 165 ILE n 
1 166 ILE n 
1 167 PHE n 
1 168 ALA n 
1 169 LEU n 
1 170 ILE n 
1 171 TRP n 
1 172 ILE n 
1 173 VAL n 
1 174 ALA n 
1 175 GLY n 
1 176 TRP n 
1 177 PHE n 
1 178 ASP n 
1 179 LEU n 
1 180 PHE n 
1 181 GLY n 
1 182 MET n 
1 183 SER n 
1 184 MET n 
1 185 ALA n 
1 186 ASN n 
1 187 GLY n 
1 188 ALA n 
1 189 HIS n 
1 190 ILE n 
1 191 ALA n 
1 192 GLY n 
1 193 LEU n 
1 194 ALA n 
1 195 VAL n 
1 196 GLY n 
1 197 LEU n 
1 198 ALA n 
1 199 MET n 
1 200 ALA n 
1 201 PHE n 
1 202 VAL n 
1 203 ASP n 
1 204 SER n 
1 205 LEU n 
1 206 ASN n 
1 207 ALA n 
1 208 ARG n 
1 209 LYS n 
1 210 ARG n 
1 211 LYS n 
2 1   ALA n 
2 2   ARG n 
2 3   VAL n 
2 4   TRP n 
2 5   HIS n 
2 6   ALA n 
# 
_entity_src_gen.entity_id                          1 
_entity_src_gen.pdbx_src_id                        1 
_entity_src_gen.pdbx_alt_source_flag               sample 
_entity_src_gen.pdbx_seq_type                      'Biological sequence' 
_entity_src_gen.pdbx_beg_seq_num                   1 
_entity_src_gen.pdbx_end_seq_num                   211 
_entity_src_gen.gene_src_common_name               ? 
_entity_src_gen.gene_src_genus                     ? 
_entity_src_gen.pdbx_gene_src_gene                 'glpG, SK83_00858' 
_entity_src_gen.gene_src_species                   ? 
_entity_src_gen.gene_src_strain                    ? 
_entity_src_gen.gene_src_tissue                    ? 
_entity_src_gen.gene_src_tissue_fraction           ? 
_entity_src_gen.gene_src_details                   ? 
_entity_src_gen.pdbx_gene_src_fragment             ? 
_entity_src_gen.pdbx_gene_src_scientific_name      'Escherichia coli' 
_entity_src_gen.pdbx_gene_src_ncbi_taxonomy_id     562 
_entity_src_gen.pdbx_gene_src_variant              ? 
_entity_src_gen.pdbx_gene_src_cell_line            ? 
_entity_src_gen.pdbx_gene_src_atcc                 ? 
_entity_src_gen.pdbx_gene_src_organ                ? 
_entity_src_gen.pdbx_gene_src_organelle            ? 
_entity_src_gen.pdbx_gene_src_cell                 ? 
_entity_src_gen.pdbx_gene_src_cellular_location    ? 
_entity_src_gen.host_org_common_name               ? 
_entity_src_gen.pdbx_host_org_scientific_name      'Escherichia coli BL21(DE3)' 
_entity_src_gen.pdbx_host_org_ncbi_taxonomy_id     469008 
_entity_src_gen.host_org_genus                     ? 
_entity_src_gen.pdbx_host_org_gene                 ? 
_entity_src_gen.pdbx_host_org_organ                ? 
_entity_src_gen.host_org_species                   ? 
_entity_src_gen.pdbx_host_org_tissue               ? 
_entity_src_gen.pdbx_host_org_tissue_fraction      ? 
_entity_src_gen.pdbx_host_org_strain               ? 
_entity_src_gen.pdbx_host_org_variant              ? 
_entity_src_gen.pdbx_host_org_cell_line            ? 
_entity_src_gen.pdbx_host_org_atcc                 ? 
_entity_src_gen.pdbx_host_org_culture_collection   ? 
_entity_src_gen.pdbx_host_org_cell                 ? 
_entity_src_gen.pdbx_host_org_organelle            ? 
_entity_src_gen.pdbx_host_org_cellular_location    ? 
_entity_src_gen.pdbx_host_org_vector_type          ? 
_entity_src_gen.pdbx_host_org_vector               ? 
_entity_src_gen.host_org_details                   ? 
_entity_src_gen.expression_system_id               ? 
_entity_src_gen.plasmid_name                       ? 
_entity_src_gen.plasmid_details                    ? 
_entity_src_gen.pdbx_description                   ? 
# 
_pdbx_entity_src_syn.entity_id              2 
_pdbx_entity_src_syn.pdbx_src_id            1 
_pdbx_entity_src_syn.pdbx_alt_source_flag   sample 
_pdbx_entity_src_syn.pdbx_beg_seq_num       1 
_pdbx_entity_src_syn.pdbx_end_seq_num       6 
_pdbx_entity_src_syn.organism_scientific    'Drosophila melanogaster' 
_pdbx_entity_src_syn.organism_common_name   'fruit fly' 
_pdbx_entity_src_syn.ncbi_taxonomy_id       7227 
_pdbx_entity_src_syn.details                ? 
# 
loop_
_chem_comp.id 
_chem_comp.type 
_chem_comp.mon_nstd_flag 
_chem_comp.name 
_chem_comp.pdbx_synonyms 
_chem_comp.formula 
_chem_comp.formula_weight 
ALA 'L-peptide linking' y ALANINE                      ? 'C3 H7 N O2'     89.093  
ARG 'L-peptide linking' y ARGININE                     ? 'C6 H15 N4 O2 1' 175.209 
ASN 'L-peptide linking' y ASPARAGINE                   ? 'C4 H8 N2 O3'    132.118 
ASP 'L-peptide linking' y 'ASPARTIC ACID'              ? 'C4 H7 N O4'     133.103 
CYS 'L-peptide linking' y CYSTEINE                     ? 'C3 H7 N O2 S'   121.158 
GLN 'L-peptide linking' y GLUTAMINE                    ? 'C5 H10 N2 O3'   146.144 
GLU 'L-peptide linking' y 'GLUTAMIC ACID'              ? 'C5 H9 N O4'     147.129 
GLY 'peptide linking'   y GLYCINE                      ? 'C2 H5 N O2'     75.067  
HIS 'L-peptide linking' y HISTIDINE                    ? 'C6 H10 N3 O2 1' 156.162 
HOH non-polymer         . WATER                        ? 'H2 O'           18.015  
ILE 'L-peptide linking' y ISOLEUCINE                   ? 'C6 H13 N O2'    131.173 
LEU 'L-peptide linking' y LEUCINE                      ? 'C6 H13 N O2'    131.173 
LYS 'L-peptide linking' y LYSINE                       ? 'C6 H15 N2 O2 1' 147.195 
MET 'L-peptide linking' y METHIONINE                   ? 'C5 H11 N O2 S'  149.211 
PHE 'L-peptide linking' y PHENYLALANINE                ? 'C9 H11 N O2'    165.189 
PRO 'L-peptide linking' y PROLINE                      ? 'C5 H9 N O2'     115.130 
SER 'L-peptide linking' y SERINE                       ? 'C3 H7 N O3'     105.093 
THR 'L-peptide linking' y THREONINE                    ? 'C4 H9 N O3'     119.119 
TRP 'L-peptide linking' y TRYPTOPHAN                   ? 'C11 H12 N2 O2'  204.225 
TYR 'L-peptide linking' y TYROSINE                     ? 'C9 H11 N O3'    181.189 
V87 non-polymer         . 'N-(4-phenylbutyl)formamide' ? 'C11 H15 N O'    177.243 
VAL 'L-peptide linking' y VALINE                       ? 'C5 H11 N O2'    117.146 
# 
loop_
_pdbx_poly_seq_scheme.asym_id 
_pdbx_poly_seq_scheme.entity_id 
_pdbx_poly_seq_scheme.seq_id 
_pdbx_poly_seq_scheme.mon_id 
_pdbx_poly_seq_scheme.ndb_seq_num 
_pdbx_poly_seq_scheme.pdb_seq_num 
_pdbx_poly_seq_scheme.auth_seq_num 
_pdbx_poly_seq_scheme.pdb_mon_id 
_pdbx_poly_seq_scheme.auth_mon_id 
_pdbx_poly_seq_scheme.pdb_strand_id 
_pdbx_poly_seq_scheme.pdb_ins_code 
_pdbx_poly_seq_scheme.hetero 
A 1 1   MET 1   66  ?   ?   ?   A . n 
A 1 2   GLY 2   67  ?   ?   ?   A . n 
A 1 3   SER 3   68  ?   ?   ?   A . n 
A 1 4   SER 4   69  ?   ?   ?   A . n 
A 1 5   HIS 5   70  ?   ?   ?   A . n 
A 1 6   HIS 6   71  ?   ?   ?   A . n 
A 1 7   HIS 7   72  ?   ?   ?   A . n 
A 1 8   HIS 8   73  ?   ?   ?   A . n 
A 1 9   HIS 9   74  ?   ?   ?   A . n 
A 1 10  HIS 10  75  ?   ?   ?   A . n 
A 1 11  SER 11  76  ?   ?   ?   A . n 
A 1 12  SER 12  77  ?   ?   ?   A . n 
A 1 13  GLY 13  78  ?   ?   ?   A . n 
A 1 14  LEU 14  79  ?   ?   ?   A . n 
A 1 15  VAL 15  80  ?   ?   ?   A . n 
A 1 16  PRO 16  81  ?   ?   ?   A . n 
A 1 17  ARG 17  82  ?   ?   ?   A . n 
A 1 18  GLY 18  83  ?   ?   ?   A . n 
A 1 19  SER 19  84  ?   ?   ?   A . n 
A 1 20  HIS 20  85  ?   ?   ?   A . n 
A 1 21  MET 21  86  ?   ?   ?   A . n 
A 1 22  ALA 22  87  ?   ?   ?   A . n 
A 1 23  ALA 23  88  ?   ?   ?   A . n 
A 1 24  LEU 24  89  ?   ?   ?   A . n 
A 1 25  ARG 25  90  ?   ?   ?   A . n 
A 1 26  GLU 26  91  ?   ?   ?   A . n 
A 1 27  ARG 27  92  92  ARG ARG A . n 
A 1 28  ALA 28  93  93  ALA ALA A . n 
A 1 29  GLY 29  94  94  GLY GLY A . n 
A 1 30  PRO 30  95  95  PRO PRO A . n 
A 1 31  VAL 31  96  96  VAL VAL A . n 
A 1 32  THR 32  97  97  THR THR A . n 
A 1 33  TRP 33  98  98  TRP TRP A . n 
A 1 34  VAL 34  99  99  VAL VAL A . n 
A 1 35  MET 35  100 100 MET MET A . n 
A 1 36  MET 36  101 101 MET MET A . n 
A 1 37  ILE 37  102 102 ILE ILE A . n 
A 1 38  ALA 38  103 103 ALA ALA A . n 
A 1 39  CYS 39  104 104 CYS CYS A . n 
A 1 40  VAL 40  105 105 VAL VAL A . n 
A 1 41  VAL 41  106 106 VAL VAL A . n 
A 1 42  VAL 42  107 107 VAL VAL A . n 
A 1 43  PHE 43  108 108 PHE PHE A . n 
A 1 44  ILE 44  109 109 ILE ILE A . n 
A 1 45  ALA 45  110 110 ALA ALA A . n 
A 1 46  MET 46  111 111 MET MET A . n 
A 1 47  GLN 47  112 112 GLN GLN A . n 
A 1 48  ILE 48  113 113 ILE ILE A . n 
A 1 49  LEU 49  114 114 LEU LEU A . n 
A 1 50  GLY 50  115 115 GLY GLY A . n 
A 1 51  ASP 51  116 116 ASP ASP A . n 
A 1 52  GLN 52  117 117 GLN GLN A . n 
A 1 53  GLU 53  118 118 GLU GLU A . n 
A 1 54  VAL 54  119 119 VAL VAL A . n 
A 1 55  MET 55  120 120 MET MET A . n 
A 1 56  LEU 56  121 121 LEU LEU A . n 
A 1 57  TRP 57  122 122 TRP TRP A . n 
A 1 58  LEU 58  123 123 LEU LEU A . n 
A 1 59  ALA 59  124 124 ALA ALA A . n 
A 1 60  TRP 60  125 125 TRP TRP A . n 
A 1 61  PRO 61  126 126 PRO PRO A . n 
A 1 62  PHE 62  127 127 PHE PHE A . n 
A 1 63  ASP 63  128 128 ASP ASP A . n 
A 1 64  PRO 64  129 129 PRO PRO A . n 
A 1 65  THR 65  130 130 THR THR A . n 
A 1 66  LEU 66  131 131 LEU LEU A . n 
A 1 67  LYS 67  132 132 LYS LYS A . n 
A 1 68  PHE 68  133 133 PHE PHE A . n 
A 1 69  GLU 69  134 134 GLU GLU A . n 
A 1 70  PHE 70  135 135 PHE PHE A . n 
A 1 71  TRP 71  136 136 TRP TRP A . n 
A 1 72  ARG 72  137 137 ARG ARG A . n 
A 1 73  TYR 73  138 138 TYR TYR A . n 
A 1 74  PHE 74  139 139 PHE PHE A . n 
A 1 75  THR 75  140 140 THR THR A . n 
A 1 76  HIS 76  141 141 HIS HIS A . n 
A 1 77  ALA 77  142 142 ALA ALA A . n 
A 1 78  LEU 78  143 143 LEU LEU A . n 
A 1 79  MET 79  144 144 MET MET A . n 
A 1 80  HIS 80  145 145 HIS HIS A . n 
A 1 81  PHE 81  146 146 PHE PHE A . n 
A 1 82  SER 82  147 147 SER SER A . n 
A 1 83  LEU 83  148 148 LEU LEU A . n 
A 1 84  MET 84  149 149 MET MET A . n 
A 1 85  HIS 85  150 150 HIS HIS A . n 
A 1 86  ILE 86  151 151 ILE ILE A . n 
A 1 87  LEU 87  152 152 LEU LEU A . n 
A 1 88  PHE 88  153 153 PHE PHE A . n 
A 1 89  ASN 89  154 154 ASN ASN A . n 
A 1 90  LEU 90  155 155 LEU LEU A . n 
A 1 91  LEU 91  156 156 LEU LEU A . n 
A 1 92  TRP 92  157 157 TRP TRP A . n 
A 1 93  TRP 93  158 158 TRP TRP A . n 
A 1 94  TRP 94  159 159 TRP TRP A . n 
A 1 95  TYR 95  160 160 TYR TYR A . n 
A 1 96  LEU 96  161 161 LEU LEU A . n 
A 1 97  GLY 97  162 162 GLY GLY A . n 
A 1 98  GLY 98  163 163 GLY GLY A . n 
A 1 99  ALA 99  164 164 ALA ALA A . n 
A 1 100 VAL 100 165 165 VAL VAL A . n 
A 1 101 GLU 101 166 166 GLU GLU A . n 
A 1 102 LYS 102 167 167 LYS LYS A . n 
A 1 103 ARG 103 168 168 ARG ARG A . n 
A 1 104 LEU 104 169 169 LEU LEU A . n 
A 1 105 GLY 105 170 170 GLY GLY A . n 
A 1 106 SER 106 171 171 SER SER A . n 
A 1 107 GLY 107 172 172 GLY GLY A . n 
A 1 108 LYS 108 173 173 LYS LYS A . n 
A 1 109 LEU 109 174 174 LEU LEU A . n 
A 1 110 ILE 110 175 175 ILE ILE A . n 
A 1 111 VAL 111 176 176 VAL VAL A . n 
A 1 112 ILE 112 177 177 ILE ILE A . n 
A 1 113 THR 113 178 178 THR THR A . n 
A 1 114 LEU 114 179 179 LEU LEU A . n 
A 1 115 ILE 115 180 180 ILE ILE A . n 
A 1 116 SER 116 181 181 SER SER A . n 
A 1 117 ALA 117 182 182 ALA ALA A . n 
A 1 118 LEU 118 183 183 LEU LEU A . n 
A 1 119 LEU 119 184 184 LEU LEU A . n 
A 1 120 SER 120 185 185 SER SER A . n 
A 1 121 GLY 121 186 186 GLY GLY A . n 
A 1 122 TYR 122 187 187 TYR TYR A . n 
A 1 123 VAL 123 188 188 VAL VAL A . n 
A 1 124 GLN 124 189 189 GLN GLN A . n 
A 1 125 GLN 125 190 190 GLN GLN A . n 
A 1 126 LYS 126 191 191 LYS LYS A . n 
A 1 127 PHE 127 192 192 PHE PHE A . n 
A 1 128 SER 128 193 193 SER SER A . n 
A 1 129 GLY 129 194 194 GLY GLY A . n 
A 1 130 PRO 130 195 195 PRO PRO A . n 
A 1 131 TRP 131 196 196 TRP TRP A . n 
A 1 132 PHE 132 197 197 PHE PHE A . n 
A 1 133 GLY 133 198 198 GLY GLY A . n 
A 1 134 GLY 134 199 199 GLY GLY A . n 
A 1 135 LEU 135 200 200 LEU LEU A . n 
A 1 136 SER 136 201 201 SER SER A . n 
A 1 137 GLY 137 202 202 GLY GLY A . n 
A 1 138 VAL 138 203 203 VAL VAL A . n 
A 1 139 VAL 139 204 204 VAL VAL A . n 
A 1 140 TYR 140 205 205 TYR TYR A . n 
A 1 141 ALA 141 206 206 ALA ALA A . n 
A 1 142 LEU 142 207 207 LEU LEU A . n 
A 1 143 MET 143 208 208 MET MET A . n 
A 1 144 GLY 144 209 209 GLY GLY A . n 
A 1 145 TYR 145 210 210 TYR TYR A . n 
A 1 146 VAL 146 211 211 VAL VAL A . n 
A 1 147 TRP 147 212 212 TRP TRP A . n 
A 1 148 LEU 148 213 213 LEU LEU A . n 
A 1 149 ARG 149 214 214 ARG ARG A . n 
A 1 150 GLY 150 215 215 GLY GLY A . n 
A 1 151 GLU 151 216 216 GLU GLU A . n 
A 1 152 ARG 152 217 217 ARG ARG A . n 
A 1 153 ASP 153 218 218 ASP ASP A . n 
A 1 154 PRO 154 219 219 PRO PRO A . n 
A 1 155 GLN 155 220 220 GLN GLN A . n 
A 1 156 SER 156 221 221 SER SER A . n 
A 1 157 GLY 157 222 222 GLY GLY A . n 
A 1 158 ILE 158 223 223 ILE ILE A . n 
A 1 159 TYR 159 224 224 TYR TYR A . n 
A 1 160 LEU 160 225 225 LEU LEU A . n 
A 1 161 GLN 161 226 226 GLN GLN A . n 
A 1 162 ARG 162 227 227 ARG ARG A . n 
A 1 163 GLY 163 228 228 GLY GLY A . n 
A 1 164 LEU 164 229 229 LEU LEU A . n 
A 1 165 ILE 165 230 230 ILE ILE A . n 
A 1 166 ILE 166 231 231 ILE ILE A . n 
A 1 167 PHE 167 232 232 PHE PHE A . n 
A 1 168 ALA 168 233 233 ALA ALA A . n 
A 1 169 LEU 169 234 234 LEU LEU A . n 
A 1 170 ILE 170 235 235 ILE ILE A . n 
A 1 171 TRP 171 236 236 TRP TRP A . n 
A 1 172 ILE 172 237 237 ILE ILE A . n 
A 1 173 VAL 173 238 238 VAL VAL A . n 
A 1 174 ALA 174 239 239 ALA ALA A . n 
A 1 175 GLY 175 240 240 GLY GLY A . n 
A 1 176 TRP 176 241 241 TRP TRP A . n 
A 1 177 PHE 177 242 242 PHE PHE A . n 
A 1 178 ASP 178 243 243 ASP ASP A . n 
A 1 179 LEU 179 244 244 LEU LEU A . n 
A 1 180 PHE 180 245 245 PHE PHE A . n 
A 1 181 GLY 181 246 246 GLY GLY A . n 
A 1 182 MET 182 247 247 MET MET A . n 
A 1 183 SER 183 248 248 SER SER A . n 
A 1 184 MET 184 249 249 MET MET A . n 
A 1 185 ALA 185 250 250 ALA ALA A . n 
A 1 186 ASN 186 251 251 ASN ASN A . n 
A 1 187 GLY 187 252 252 GLY GLY A . n 
A 1 188 ALA 188 253 253 ALA ALA A . n 
A 1 189 HIS 189 254 254 HIS HIS A . n 
A 1 190 ILE 190 255 255 ILE ILE A . n 
A 1 191 ALA 191 256 256 ALA ALA A . n 
A 1 192 GLY 192 257 257 GLY GLY A . n 
A 1 193 LEU 193 258 258 LEU LEU A . n 
A 1 194 ALA 194 259 259 ALA ALA A . n 
A 1 195 VAL 195 260 260 VAL VAL A . n 
A 1 196 GLY 196 261 261 GLY GLY A . n 
A 1 197 LEU 197 262 262 LEU LEU A . n 
A 1 198 ALA 198 263 263 ALA ALA A . n 
A 1 199 MET 199 264 264 MET MET A . n 
A 1 200 ALA 200 265 265 ALA ALA A . n 
A 1 201 PHE 201 266 266 PHE PHE A . n 
A 1 202 VAL 202 267 267 VAL VAL A . n 
A 1 203 ASP 203 268 268 ASP ASP A . n 
A 1 204 SER 204 269 269 SER SER A . n 
A 1 205 LEU 205 270 270 LEU LEU A . n 
A 1 206 ASN 206 271 271 ASN ASN A . n 
A 1 207 ALA 207 272 ?   ?   ?   A . n 
A 1 208 ARG 208 273 ?   ?   ?   A . n 
A 1 209 LYS 209 274 ?   ?   ?   A . n 
A 1 210 ARG 210 275 ?   ?   ?   A . n 
A 1 211 LYS 211 276 ?   ?   ?   A . n 
B 2 1   ALA 1   496 496 ALA ALA B . n 
B 2 2   ARG 2   497 497 ARG ARG B . n 
B 2 3   VAL 3   498 498 VAL VAL B . n 
B 2 4   TRP 4   499 499 TRP TRP B . n 
B 2 5   HIS 5   500 500 HIS HIS B . n 
B 2 6   ALA 6   501 501 ALA ALA B . n 
# 
loop_
_pdbx_nonpoly_scheme.asym_id 
_pdbx_nonpoly_scheme.entity_id 
_pdbx_nonpoly_scheme.mon_id 
_pdbx_nonpoly_scheme.ndb_seq_num 
_pdbx_nonpoly_scheme.pdb_seq_num 
_pdbx_nonpoly_scheme.auth_seq_num 
_pdbx_nonpoly_scheme.pdb_mon_id 
_pdbx_nonpoly_scheme.auth_mon_id 
_pdbx_nonpoly_scheme.pdb_strand_id 
_pdbx_nonpoly_scheme.pdb_ins_code 
C 3 V87 1  601 502 V87 DRG B . 
D 4 HOH 1  301 522 HOH HOH A . 
D 4 HOH 2  302 514 HOH HOH A . 
D 4 HOH 3  303 509 HOH HOH A . 
D 4 HOH 4  304 512 HOH HOH A . 
D 4 HOH 5  305 513 HOH HOH A . 
D 4 HOH 6  306 507 HOH HOH A . 
D 4 HOH 7  307 521 HOH HOH A . 
D 4 HOH 8  308 520 HOH HOH A . 
D 4 HOH 9  309 505 HOH HOH A . 
D 4 HOH 10 310 518 HOH HOH A . 
D 4 HOH 11 311 519 HOH HOH A . 
D 4 HOH 12 312 503 HOH HOH A . 
D 4 HOH 13 313 504 HOH HOH A . 
D 4 HOH 14 314 516 HOH HOH A . 
D 4 HOH 15 315 508 HOH HOH A . 
D 4 HOH 16 316 510 HOH HOH A . 
D 4 HOH 17 317 511 HOH HOH A . 
D 4 HOH 18 318 517 HOH HOH A . 
D 4 HOH 19 319 515 HOH HOH A . 
D 4 HOH 20 320 501 HOH HOH A . 
D 4 HOH 21 321 502 HOH HOH A . 
D 4 HOH 22 322 506 HOH HOH A . 
# 
loop_
_pdbx_unobs_or_zero_occ_atoms.id 
_pdbx_unobs_or_zero_occ_atoms.PDB_model_num 
_pdbx_unobs_or_zero_occ_atoms.polymer_flag 
_pdbx_unobs_or_zero_occ_atoms.occupancy_flag 
_pdbx_unobs_or_zero_occ_atoms.auth_asym_id 
_pdbx_unobs_or_zero_occ_atoms.auth_comp_id 
_pdbx_unobs_or_zero_occ_atoms.auth_seq_id 
_pdbx_unobs_or_zero_occ_atoms.PDB_ins_code 
_pdbx_unobs_or_zero_occ_atoms.auth_atom_id 
_pdbx_unobs_or_zero_occ_atoms.label_alt_id 
_pdbx_unobs_or_zero_occ_atoms.label_asym_id 
_pdbx_unobs_or_zero_occ_atoms.label_comp_id 
_pdbx_unobs_or_zero_occ_atoms.label_seq_id 
_pdbx_unobs_or_zero_occ_atoms.label_atom_id 
1 1 Y 1 B ALA 496 ? N  ? B ALA 1 N  
2 1 Y 1 B ALA 496 ? CB ? B ALA 1 CB 
# 
loop_
_software.citation_id 
_software.classification 
_software.compiler_name 
_software.compiler_version 
_software.contact_author 
_software.contact_author_email 
_software.date 
_software.description 
_software.dependencies 
_software.hardware 
_software.language 
_software.location 
_software.mods 
_software.name 
_software.os 
_software.os_version 
_software.type 
_software.version 
_software.pdbx_ordinal 
? refinement        ? ? ? ? ? ? ? ? ? ? ? PHENIX      ? ? ? 1.10_2148 1 
? 'data extraction' ? ? ? ? ? ? ? ? ? ? ? PDB_EXTRACT ? ? ? 3.25      2 
? 'data reduction'  ? ? ? ? ? ? ? ? ? ? ? MOSFLM      ? ? ? .         3 
? 'data scaling'    ? ? ? ? ? ? ? ? ? ? ? Aimless     ? ? ? .         4 
? phasing           ? ? ? ? ? ? ? ? ? ? ? MOLREP      ? ? ? .         5 
# 
_cell.angle_alpha                  90.000 
_cell.angle_alpha_esd              ? 
_cell.angle_beta                   90.000 
_cell.angle_beta_esd               ? 
_cell.angle_gamma                  120.000 
_cell.angle_gamma_esd              ? 
_cell.entry_id                     6XRP 
_cell.details                      ? 
_cell.formula_units_Z              ? 
_cell.length_a                     109.460 
_cell.length_a_esd                 ? 
_cell.length_b                     109.460 
_cell.length_b_esd                 ? 
_cell.length_c                     129.471 
_cell.length_c_esd                 ? 
_cell.volume                       ? 
_cell.volume_esd                   ? 
_cell.Z_PDB                        18 
_cell.reciprocal_angle_alpha       ? 
_cell.reciprocal_angle_beta        ? 
_cell.reciprocal_angle_gamma       ? 
_cell.reciprocal_angle_alpha_esd   ? 
_cell.reciprocal_angle_beta_esd    ? 
_cell.reciprocal_angle_gamma_esd   ? 
_cell.reciprocal_length_a          ? 
_cell.reciprocal_length_b          ? 
_cell.reciprocal_length_c          ? 
_cell.reciprocal_length_a_esd      ? 
_cell.reciprocal_length_b_esd      ? 
_cell.reciprocal_length_c_esd      ? 
_cell.pdbx_unique_axis             ? 
# 
_symmetry.entry_id                         6XRP 
_symmetry.cell_setting                     ? 
_symmetry.Int_Tables_number                155 
_symmetry.space_group_name_Hall            ? 
_symmetry.space_group_name_H-M             'H 3 2' 
_symmetry.pdbx_full_space_group_name_H-M   ? 
# 
_exptl.absorpt_coefficient_mu     ? 
_exptl.absorpt_correction_T_max   ? 
_exptl.absorpt_correction_T_min   ? 
_exptl.absorpt_correction_type    ? 
_exptl.absorpt_process_details    ? 
_exptl.entry_id                   6XRP 
_exptl.crystals_number            1 
_exptl.details                    ? 
_exptl.method                     'X-RAY DIFFRACTION' 
_exptl.method_details             ? 
# 
_exptl_crystal.colour                      ? 
_exptl_crystal.density_diffrn              ? 
_exptl_crystal.density_Matthews            3.04 
_exptl_crystal.density_method              ? 
_exptl_crystal.density_percent_sol         59.53 
_exptl_crystal.description                 ? 
_exptl_crystal.F_000                       ? 
_exptl_crystal.id                          1 
_exptl_crystal.preparation                 ? 
_exptl_crystal.size_max                    ? 
_exptl_crystal.size_mid                    ? 
_exptl_crystal.size_min                    ? 
_exptl_crystal.size_rad                    ? 
_exptl_crystal.colour_lustre               ? 
_exptl_crystal.colour_modifier             ? 
_exptl_crystal.colour_primary              ? 
_exptl_crystal.density_meas                ? 
_exptl_crystal.density_meas_esd            ? 
_exptl_crystal.density_meas_gt             ? 
_exptl_crystal.density_meas_lt             ? 
_exptl_crystal.density_meas_temp           ? 
_exptl_crystal.density_meas_temp_esd       ? 
_exptl_crystal.density_meas_temp_gt        ? 
_exptl_crystal.density_meas_temp_lt        ? 
_exptl_crystal.pdbx_crystal_image_url      ? 
_exptl_crystal.pdbx_crystal_image_format   ? 
_exptl_crystal.pdbx_mosaicity              ? 
_exptl_crystal.pdbx_mosaicity_esd          ? 
# 
_exptl_crystal_grow.apparatus       ? 
_exptl_crystal_grow.atmosphere      ? 
_exptl_crystal_grow.crystal_id      1 
_exptl_crystal_grow.details         ? 
_exptl_crystal_grow.method          'VAPOR DIFFUSION, HANGING DROP' 
_exptl_crystal_grow.method_ref      ? 
_exptl_crystal_grow.pH              8.5 
_exptl_crystal_grow.pressure        ? 
_exptl_crystal_grow.pressure_esd    ? 
_exptl_crystal_grow.seeding         ? 
_exptl_crystal_grow.seeding_ref     ? 
_exptl_crystal_grow.temp            298 
_exptl_crystal_grow.temp_details    ? 
_exptl_crystal_grow.temp_esd        ? 
_exptl_crystal_grow.time            ? 
_exptl_crystal_grow.pdbx_details    '0.1 M Tris, pH 8.5, 3 M sodium nitrate, 15% glycerol' 
_exptl_crystal_grow.pdbx_pH_range   ? 
# 
_diffrn.ambient_environment              ? 
_diffrn.ambient_temp                     100 
_diffrn.ambient_temp_details             ? 
_diffrn.ambient_temp_esd                 ? 
_diffrn.crystal_id                       1 
_diffrn.crystal_support                  ? 
_diffrn.crystal_treatment                ? 
_diffrn.details                          ? 
_diffrn.id                               1 
_diffrn.ambient_pressure                 ? 
_diffrn.ambient_pressure_esd             ? 
_diffrn.ambient_pressure_gt              ? 
_diffrn.ambient_pressure_lt              ? 
_diffrn.ambient_temp_gt                  ? 
_diffrn.ambient_temp_lt                  ? 
_diffrn.pdbx_serial_crystal_experiment   N 
# 
_diffrn_detector.details                      ? 
_diffrn_detector.detector                     PIXEL 
_diffrn_detector.diffrn_id                    1 
_diffrn_detector.type                         'DECTRIS PILATUS 6M' 
_diffrn_detector.area_resol_mean              ? 
_diffrn_detector.dtime                        ? 
_diffrn_detector.pdbx_frames_total            ? 
_diffrn_detector.pdbx_collection_time_total   ? 
_diffrn_detector.pdbx_collection_date         2019-10-26 
_diffrn_detector.pdbx_frequency               ? 
# 
_diffrn_radiation.collimation                      ? 
_diffrn_radiation.diffrn_id                        1 
_diffrn_radiation.filter_edge                      ? 
_diffrn_radiation.inhomogeneity                    ? 
_diffrn_radiation.monochromator                    'Si(111)' 
_diffrn_radiation.polarisn_norm                    ? 
_diffrn_radiation.polarisn_ratio                   ? 
_diffrn_radiation.probe                            ? 
_diffrn_radiation.type                             ? 
_diffrn_radiation.xray_symbol                      ? 
_diffrn_radiation.wavelength_id                    1 
_diffrn_radiation.pdbx_monochromatic_or_laue_m_l   M 
_diffrn_radiation.pdbx_wavelength_list             ? 
_diffrn_radiation.pdbx_wavelength                  ? 
_diffrn_radiation.pdbx_diffrn_protocol             'SINGLE WAVELENGTH' 
_diffrn_radiation.pdbx_analyzer                    ? 
_diffrn_radiation.pdbx_scattering_type             x-ray 
# 
_diffrn_radiation_wavelength.id           1 
_diffrn_radiation_wavelength.wavelength   0.9712 
_diffrn_radiation_wavelength.wt           1.0 
# 
_diffrn_source.current                     ? 
_diffrn_source.details                     ? 
_diffrn_source.diffrn_id                   1 
_diffrn_source.power                       ? 
_diffrn_source.size                        ? 
_diffrn_source.source                      SYNCHROTRON 
_diffrn_source.target                      ? 
_diffrn_source.type                        'CHESS BEAMLINE F1' 
_diffrn_source.voltage                     ? 
_diffrn_source.take-off_angle              ? 
_diffrn_source.pdbx_wavelength_list        0.9712 
_diffrn_source.pdbx_wavelength             ? 
_diffrn_source.pdbx_synchrotron_beamline   F1 
_diffrn_source.pdbx_synchrotron_site       CHESS 
# 
_reflns.B_iso_Wilson_estimate            ? 
_reflns.entry_id                         6XRP 
_reflns.data_reduction_details           ? 
_reflns.data_reduction_method            ? 
_reflns.d_resolution_high                2.30 
_reflns.d_resolution_low                 57.43 
_reflns.details                          ? 
_reflns.limit_h_max                      ? 
_reflns.limit_h_min                      ? 
_reflns.limit_k_max                      ? 
_reflns.limit_k_min                      ? 
_reflns.limit_l_max                      ? 
_reflns.limit_l_min                      ? 
_reflns.number_all                       ? 
_reflns.number_obs                       23475 
_reflns.observed_criterion               ? 
_reflns.observed_criterion_F_max         ? 
_reflns.observed_criterion_F_min         ? 
_reflns.observed_criterion_I_max         ? 
_reflns.observed_criterion_I_min         ? 
_reflns.observed_criterion_sigma_F       ? 
_reflns.observed_criterion_sigma_I       ? 
_reflns.percent_possible_obs             100 
_reflns.R_free_details                   ? 
_reflns.Rmerge_F_all                     ? 
_reflns.Rmerge_F_obs                     ? 
_reflns.Friedel_coverage                 ? 
_reflns.number_gt                        ? 
_reflns.threshold_expression             ? 
_reflns.pdbx_redundancy                  9.0 
_reflns.pdbx_Rmerge_I_obs                0.146 
_reflns.pdbx_Rmerge_I_all                ? 
_reflns.pdbx_Rsym_value                  ? 
_reflns.pdbx_netI_over_av_sigmaI         ? 
_reflns.pdbx_netI_over_sigmaI            7.5 
_reflns.pdbx_res_netI_over_av_sigmaI_2   ? 
_reflns.pdbx_res_netI_over_sigmaI_2      ? 
_reflns.pdbx_chi_squared                 ? 
_reflns.pdbx_scaling_rejects             ? 
_reflns.pdbx_d_res_high_opt              ? 
_reflns.pdbx_d_res_low_opt               ? 
_reflns.pdbx_d_res_opt_method            ? 
_reflns.phase_calculation_details        ? 
_reflns.pdbx_Rrim_I_all                  ? 
_reflns.pdbx_Rpim_I_all                  ? 
_reflns.pdbx_d_opt                       ? 
_reflns.pdbx_number_measured_all         ? 
_reflns.pdbx_diffrn_id                   1 
_reflns.pdbx_ordinal                     1 
_reflns.pdbx_CC_half                     ? 
_reflns.pdbx_CC_star                     ? 
_reflns.pdbx_R_split                     ? 
# 
_reflns_shell.d_res_high                  2.30 
_reflns_shell.d_res_low                   2.38 
_reflns_shell.meanI_over_sigI_all         ? 
_reflns_shell.meanI_over_sigI_obs         0.7 
_reflns_shell.number_measured_all         ? 
_reflns_shell.number_measured_obs         ? 
_reflns_shell.number_possible             ? 
_reflns_shell.number_unique_all           ? 
_reflns_shell.number_unique_obs           1315 
_reflns_shell.percent_possible_all        100 
_reflns_shell.percent_possible_obs        ? 
_reflns_shell.Rmerge_F_all                ? 
_reflns_shell.Rmerge_F_obs                ? 
_reflns_shell.Rmerge_I_all                ? 
_reflns_shell.Rmerge_I_obs                0.791 
_reflns_shell.meanI_over_sigI_gt          ? 
_reflns_shell.meanI_over_uI_all           ? 
_reflns_shell.meanI_over_uI_gt            ? 
_reflns_shell.number_measured_gt          ? 
_reflns_shell.number_unique_gt            ? 
_reflns_shell.percent_possible_gt         ? 
_reflns_shell.Rmerge_F_gt                 ? 
_reflns_shell.Rmerge_I_gt                 ? 
_reflns_shell.pdbx_redundancy             9.0 
_reflns_shell.pdbx_Rsym_value             ? 
_reflns_shell.pdbx_chi_squared            ? 
_reflns_shell.pdbx_netI_over_sigmaI_all   ? 
_reflns_shell.pdbx_netI_over_sigmaI_obs   ? 
_reflns_shell.pdbx_Rrim_I_all             ? 
_reflns_shell.pdbx_Rpim_I_all             ? 
_reflns_shell.pdbx_rejects                ? 
_reflns_shell.pdbx_ordinal                1 
_reflns_shell.pdbx_diffrn_id              1 
_reflns_shell.pdbx_CC_half                ? 
_reflns_shell.pdbx_CC_star                ? 
_reflns_shell.pdbx_R_split                ? 
# 
_refine.aniso_B[1][1]                            ? 
_refine.aniso_B[1][2]                            ? 
_refine.aniso_B[1][3]                            ? 
_refine.aniso_B[2][2]                            ? 
_refine.aniso_B[2][3]                            ? 
_refine.aniso_B[3][3]                            ? 
_refine.B_iso_max                                148.420 
_refine.B_iso_mean                               70 
_refine.B_iso_min                                43.600 
_refine.correlation_coeff_Fo_to_Fc               ? 
_refine.correlation_coeff_Fo_to_Fc_free          ? 
_refine.details                                  ? 
_refine.diff_density_max                         ? 
_refine.diff_density_max_esd                     ? 
_refine.diff_density_min                         ? 
_refine.diff_density_min_esd                     ? 
_refine.diff_density_rms                         ? 
_refine.diff_density_rms_esd                     ? 
_refine.entry_id                                 6XRP 
_refine.pdbx_refine_id                           'X-RAY DIFFRACTION' 
_refine.ls_abs_structure_details                 ? 
_refine.ls_abs_structure_Flack                   ? 
_refine.ls_abs_structure_Flack_esd               ? 
_refine.ls_abs_structure_Rogers                  ? 
_refine.ls_abs_structure_Rogers_esd              ? 
_refine.ls_d_res_high                            2.4000 
_refine.ls_d_res_low                             54.7300 
_refine.ls_extinction_coef                       ? 
_refine.ls_extinction_coef_esd                   ? 
_refine.ls_extinction_expression                 ? 
_refine.ls_extinction_method                     ? 
_refine.ls_goodness_of_fit_all                   ? 
_refine.ls_goodness_of_fit_all_esd               ? 
_refine.ls_goodness_of_fit_obs                   ? 
_refine.ls_goodness_of_fit_obs_esd               ? 
_refine.ls_hydrogen_treatment                    ? 
_refine.ls_matrix_type                           ? 
_refine.ls_number_constraints                    ? 
_refine.ls_number_parameters                     ? 
_refine.ls_number_reflns_all                     ? 
_refine.ls_number_reflns_obs                     22577 
_refine.ls_number_reflns_R_free                  1116 
_refine.ls_number_reflns_R_work                  21461 
_refine.ls_number_restraints                     ? 
_refine.ls_percent_reflns_obs                    99.7100 
_refine.ls_percent_reflns_R_free                 4.9400 
_refine.ls_R_factor_all                          ? 
_refine.ls_R_factor_obs                          0.2332 
_refine.ls_R_factor_R_free                       0.2426 
_refine.ls_R_factor_R_free_error                 ? 
_refine.ls_R_factor_R_free_error_details         ? 
_refine.ls_R_factor_R_work                       0.2327 
_refine.ls_R_Fsqd_factor_obs                     ? 
_refine.ls_R_I_factor_obs                        ? 
_refine.ls_redundancy_reflns_all                 ? 
_refine.ls_redundancy_reflns_obs                 ? 
_refine.ls_restrained_S_all                      ? 
_refine.ls_restrained_S_obs                      ? 
_refine.ls_shift_over_esd_max                    ? 
_refine.ls_shift_over_esd_mean                   ? 
_refine.ls_structure_factor_coef                 ? 
_refine.ls_weighting_details                     ? 
_refine.ls_weighting_scheme                      ? 
_refine.ls_wR_factor_all                         ? 
_refine.ls_wR_factor_obs                         ? 
_refine.ls_wR_factor_R_free                      ? 
_refine.ls_wR_factor_R_work                      ? 
_refine.occupancy_max                            ? 
_refine.occupancy_min                            ? 
_refine.solvent_model_details                    'FLAT BULK SOLVENT MODEL' 
_refine.solvent_model_param_bsol                 ? 
_refine.solvent_model_param_ksol                 ? 
_refine.pdbx_R_complete                          ? 
_refine.ls_R_factor_gt                           ? 
_refine.ls_goodness_of_fit_gt                    ? 
_refine.ls_goodness_of_fit_ref                   ? 
_refine.ls_shift_over_su_max                     ? 
_refine.ls_shift_over_su_max_lt                  ? 
_refine.ls_shift_over_su_mean                    ? 
_refine.ls_shift_over_su_mean_lt                 ? 
_refine.pdbx_ls_sigma_I                          ? 
_refine.pdbx_ls_sigma_F                          0.090 
_refine.pdbx_ls_sigma_Fsqd                       ? 
_refine.pdbx_data_cutoff_high_absF               ? 
_refine.pdbx_data_cutoff_high_rms_absF           ? 
_refine.pdbx_data_cutoff_low_absF                ? 
_refine.pdbx_isotropic_thermal_model             ? 
_refine.pdbx_ls_cross_valid_method               THROUGHOUT 
_refine.pdbx_method_to_determine_struct          'MOLECULAR REPLACEMENT' 
_refine.pdbx_starting_model                      'PDB entry 2IC8' 
_refine.pdbx_stereochemistry_target_values       ML 
_refine.pdbx_R_Free_selection_details            ? 
_refine.pdbx_stereochem_target_val_spec_case     ? 
_refine.pdbx_overall_ESU_R                       ? 
_refine.pdbx_overall_ESU_R_Free                  ? 
_refine.pdbx_solvent_vdw_probe_radii             1.1100 
_refine.pdbx_solvent_ion_probe_radii             ? 
_refine.pdbx_solvent_shrinkage_radii             0.9000 
_refine.pdbx_real_space_R                        ? 
_refine.pdbx_density_correlation                 ? 
_refine.pdbx_pd_number_of_powder_patterns        ? 
_refine.pdbx_pd_number_of_points                 ? 
_refine.pdbx_pd_meas_number_of_points            ? 
_refine.pdbx_pd_proc_ls_prof_R_factor            ? 
_refine.pdbx_pd_proc_ls_prof_wR_factor           ? 
_refine.pdbx_pd_Marquardt_correlation_coeff      ? 
_refine.pdbx_pd_Fsqrd_R_factor                   ? 
_refine.pdbx_pd_ls_matrix_band_width             ? 
_refine.pdbx_overall_phase_error                 36.7900 
_refine.pdbx_overall_SU_R_free_Cruickshank_DPI   ? 
_refine.pdbx_overall_SU_R_free_Blow_DPI          ? 
_refine.pdbx_overall_SU_R_Blow_DPI               ? 
_refine.pdbx_TLS_residual_ADP_flag               ? 
_refine.pdbx_diffrn_id                           1 
_refine.overall_SU_B                             ? 
_refine.overall_SU_ML                            0.5200 
_refine.overall_SU_R_Cruickshank_DPI             ? 
_refine.overall_SU_R_free                        ? 
_refine.overall_FOM_free_R_set                   ? 
_refine.overall_FOM_work_R_set                   ? 
_refine.pdbx_average_fsc_overall                 ? 
_refine.pdbx_average_fsc_work                    ? 
_refine.pdbx_average_fsc_free                    ? 
# 
_refine_hist.pdbx_refine_id                   'X-RAY DIFFRACTION' 
_refine_hist.cycle_id                         final 
_refine_hist.details                          ? 
_refine_hist.d_res_high                       2.4000 
_refine_hist.d_res_low                        54.7300 
_refine_hist.number_atoms_solvent             22 
_refine_hist.number_atoms_total               1522 
_refine_hist.number_reflns_all                ? 
_refine_hist.number_reflns_obs                ? 
_refine_hist.number_reflns_R_free             ? 
_refine_hist.number_reflns_R_work             ? 
_refine_hist.R_factor_all                     ? 
_refine_hist.R_factor_obs                     ? 
_refine_hist.R_factor_R_free                  ? 
_refine_hist.R_factor_R_work                  ? 
_refine_hist.pdbx_number_residues_total       186 
_refine_hist.pdbx_B_iso_mean_ligand           86.61 
_refine_hist.pdbx_B_iso_mean_solvent          69.93 
_refine_hist.pdbx_number_atoms_protein        1487 
_refine_hist.pdbx_number_atoms_nucleic_acid   0 
_refine_hist.pdbx_number_atoms_ligand         13 
_refine_hist.pdbx_number_atoms_lipid          ? 
_refine_hist.pdbx_number_atoms_carb           ? 
_refine_hist.pdbx_pseudo_atom_details         ? 
# 
loop_
_refine_ls_restr.pdbx_refine_id 
_refine_ls_restr.criterion 
_refine_ls_restr.dev_ideal 
_refine_ls_restr.dev_ideal_target 
_refine_ls_restr.number 
_refine_ls_restr.rejects 
_refine_ls_restr.type 
_refine_ls_restr.weight 
_refine_ls_restr.pdbx_restraint_function 
'X-RAY DIFFRACTION' ? 0.010  ? 1553 ? f_bond_d           ? ? 
'X-RAY DIFFRACTION' ? 1.039  ? 2106 ? f_angle_d          ? ? 
'X-RAY DIFFRACTION' ? 0.054  ? 223  ? f_chiral_restr     ? ? 
'X-RAY DIFFRACTION' ? 0.005  ? 252  ? f_plane_restr      ? ? 
'X-RAY DIFFRACTION' ? 16.867 ? 846  ? f_dihedral_angle_d ? ? 
# 
loop_
_refine_ls_shell.pdbx_refine_id 
_refine_ls_shell.d_res_high 
_refine_ls_shell.d_res_low 
_refine_ls_shell.number_reflns_all 
_refine_ls_shell.number_reflns_obs 
_refine_ls_shell.number_reflns_R_free 
_refine_ls_shell.number_reflns_R_work 
_refine_ls_shell.percent_reflns_obs 
_refine_ls_shell.percent_reflns_R_free 
_refine_ls_shell.R_factor_all 
_refine_ls_shell.R_factor_obs 
_refine_ls_shell.R_factor_R_free 
_refine_ls_shell.R_factor_R_free_error 
_refine_ls_shell.R_factor_R_work 
_refine_ls_shell.redundancy_reflns_all 
_refine_ls_shell.redundancy_reflns_obs 
_refine_ls_shell.wR_factor_all 
_refine_ls_shell.wR_factor_obs 
_refine_ls_shell.wR_factor_R_free 
_refine_ls_shell.wR_factor_R_work 
_refine_ls_shell.pdbx_R_complete 
_refine_ls_shell.pdbx_total_number_of_bins_used 
_refine_ls_shell.pdbx_phase_error 
_refine_ls_shell.pdbx_fsc_work 
_refine_ls_shell.pdbx_fsc_free 
'X-RAY DIFFRACTION' 2.4000 2.5093 . . 137 2669 100.0000 . . . 0.5254 0.0000 0.4118 . . . . . . . . . . . 
'X-RAY DIFFRACTION' 2.5093 2.6416 . . 130 2705 100.0000 . . . 0.3637 0.0000 0.3482 . . . . . . . . . . . 
'X-RAY DIFFRACTION' 2.6416 2.8070 . . 132 2713 100.0000 . . . 0.3904 0.0000 0.3036 . . . . . . . . . . . 
'X-RAY DIFFRACTION' 2.8070 3.0238 . . 138 2678 100.0000 . . . 0.3335 0.0000 0.2840 . . . . . . . . . . . 
'X-RAY DIFFRACTION' 3.0238 3.3280 . . 126 2734 100.0000 . . . 0.3129 0.0000 0.2381 . . . . . . . . . . . 
'X-RAY DIFFRACTION' 3.3280 3.8095 . . 127 2651 99.0000  . . . 0.2455 0.0000 0.2287 . . . . . . . . . . . 
'X-RAY DIFFRACTION' 3.8095 4.7991 . . 160 2649 99.0000  . . . 0.1954 0.0000 0.1889 . . . . . . . . . . . 
# 
_struct.entry_id                     6XRP 
_struct.title                        
'Crystal structure of GlpG in complex with peptide ketoamide inhibitor, Ac-RVWHA-ketoamide-phenylbutyl' 
_struct.pdbx_model_details           ? 
_struct.pdbx_formula_weight          ? 
_struct.pdbx_formula_weight_method   ? 
_struct.pdbx_model_type_details      ? 
_struct.pdbx_CASP_flag               N 
# 
_struct_keywords.entry_id        6XRP 
_struct_keywords.text            'GlpG, rhomboid protease, HYDROLASE-HYDROLASE INHIBITOR complex, membrane protein' 
_struct_keywords.pdbx_keywords   'HYDROLASE/HYDROLASE INHIBITOR' 
# 
loop_
_struct_asym.id 
_struct_asym.pdbx_blank_PDB_chainid_flag 
_struct_asym.pdbx_modified 
_struct_asym.entity_id 
_struct_asym.details 
A N N 1 ? 
B N N 2 ? 
C N N 3 ? 
D N N 4 ? 
# 
loop_
_struct_ref.id 
_struct_ref.db_name 
_struct_ref.db_code 
_struct_ref.pdbx_db_accession 
_struct_ref.pdbx_db_isoform 
_struct_ref.entity_id 
_struct_ref.pdbx_seq_one_letter_code 
_struct_ref.pdbx_align_begin 
1 UNP A0A0J2E248_ECOLX A0A0J2E248 ? 1 
;AALRERAGPVTWVMMIACVVVFIAMQILGDQEVMLWLAWPFDPTLKFEFWRYFTHALMHFSLMHILFNLLWWWYLGGAVE
KRLGSGKLIVITLISALLSGYVQQKFSGPWFGGLSGVVYALMGYVWLRGERDPQSGIYLQRGLIIFALIWIVAGWFDLFG
MSMANGAHIAGLAVGLAMAFVDSLNARKRK
;
87 
2 PDB 6XRP             6XRP       ? 2 ? 1  
# 
loop_
_struct_ref_seq.align_id 
_struct_ref_seq.ref_id 
_struct_ref_seq.pdbx_PDB_id_code 
_struct_ref_seq.pdbx_strand_id 
_struct_ref_seq.seq_align_beg 
_struct_ref_seq.pdbx_seq_align_beg_ins_code 
_struct_ref_seq.seq_align_end 
_struct_ref_seq.pdbx_seq_align_end_ins_code 
_struct_ref_seq.pdbx_db_accession 
_struct_ref_seq.db_align_beg 
_struct_ref_seq.pdbx_db_align_beg_ins_code 
_struct_ref_seq.db_align_end 
_struct_ref_seq.pdbx_db_align_end_ins_code 
_struct_ref_seq.pdbx_auth_seq_align_beg 
_struct_ref_seq.pdbx_auth_seq_align_end 
1 1 6XRP A 22 ? 211 ? A0A0J2E248 87  ? 276 ? 87  276 
2 2 6XRP B 1  ? 6   ? 6XRP       496 ? 501 ? 496 501 
# 
loop_
_struct_ref_seq_dif.align_id 
_struct_ref_seq_dif.pdbx_pdb_id_code 
_struct_ref_seq_dif.mon_id 
_struct_ref_seq_dif.pdbx_pdb_strand_id 
_struct_ref_seq_dif.seq_num 
_struct_ref_seq_dif.pdbx_pdb_ins_code 
_struct_ref_seq_dif.pdbx_seq_db_name 
_struct_ref_seq_dif.pdbx_seq_db_accession_code 
_struct_ref_seq_dif.db_mon_id 
_struct_ref_seq_dif.pdbx_seq_db_seq_num 
_struct_ref_seq_dif.details 
_struct_ref_seq_dif.pdbx_auth_seq_num 
_struct_ref_seq_dif.pdbx_ordinal 
1 6XRP MET A 1  ? UNP A0A0J2E248 ? ? 'initiating methionine' 66 1  
1 6XRP GLY A 2  ? UNP A0A0J2E248 ? ? 'expression tag'        67 2  
1 6XRP SER A 3  ? UNP A0A0J2E248 ? ? 'expression tag'        68 3  
1 6XRP SER A 4  ? UNP A0A0J2E248 ? ? 'expression tag'        69 4  
1 6XRP HIS A 5  ? UNP A0A0J2E248 ? ? 'expression tag'        70 5  
1 6XRP HIS A 6  ? UNP A0A0J2E248 ? ? 'expression tag'        71 6  
1 6XRP HIS A 7  ? UNP A0A0J2E248 ? ? 'expression tag'        72 7  
1 6XRP HIS A 8  ? UNP A0A0J2E248 ? ? 'expression tag'        73 8  
1 6XRP HIS A 9  ? UNP A0A0J2E248 ? ? 'expression tag'        74 9  
1 6XRP HIS A 10 ? UNP A0A0J2E248 ? ? 'expression tag'        75 10 
1 6XRP SER A 11 ? UNP A0A0J2E248 ? ? 'expression tag'        76 11 
1 6XRP SER A 12 ? UNP A0A0J2E248 ? ? 'expression tag'        77 12 
1 6XRP GLY A 13 ? UNP A0A0J2E248 ? ? 'expression tag'        78 13 
1 6XRP LEU A 14 ? UNP A0A0J2E248 ? ? 'expression tag'        79 14 
1 6XRP VAL A 15 ? UNP A0A0J2E248 ? ? 'expression tag'        80 15 
1 6XRP PRO A 16 ? UNP A0A0J2E248 ? ? 'expression tag'        81 16 
1 6XRP ARG A 17 ? UNP A0A0J2E248 ? ? 'expression tag'        82 17 
1 6XRP GLY A 18 ? UNP A0A0J2E248 ? ? 'expression tag'        83 18 
1 6XRP SER A 19 ? UNP A0A0J2E248 ? ? 'expression tag'        84 19 
1 6XRP HIS A 20 ? UNP A0A0J2E248 ? ? 'expression tag'        85 20 
1 6XRP MET A 21 ? UNP A0A0J2E248 ? ? 'expression tag'        86 21 
# 
_pdbx_struct_assembly.id                   1 
_pdbx_struct_assembly.details              author_and_software_defined_assembly 
_pdbx_struct_assembly.method_details       PISA 
_pdbx_struct_assembly.oligomeric_details   dimeric 
_pdbx_struct_assembly.oligomeric_count     2 
# 
loop_
_pdbx_struct_assembly_prop.biol_id 
_pdbx_struct_assembly_prop.type 
_pdbx_struct_assembly_prop.value 
_pdbx_struct_assembly_prop.details 
1 'ABSA (A^2)' 1290 ? 
1 MORE         -9   ? 
1 'SSA (A^2)'  9420 ? 
# 
_pdbx_struct_assembly_gen.assembly_id       1 
_pdbx_struct_assembly_gen.oper_expression   1 
_pdbx_struct_assembly_gen.asym_id_list      A,B,C,D 
# 
_pdbx_struct_assembly_auth_evidence.id                     1 
_pdbx_struct_assembly_auth_evidence.assembly_id            1 
_pdbx_struct_assembly_auth_evidence.experimental_support   'gel filtration' 
_pdbx_struct_assembly_auth_evidence.details                ? 
# 
_pdbx_struct_oper_list.id                   1 
_pdbx_struct_oper_list.type                 'identity operation' 
_pdbx_struct_oper_list.name                 1_555 
_pdbx_struct_oper_list.symmetry_operation   x,y,z 
_pdbx_struct_oper_list.matrix[1][1]         1.0000000000 
_pdbx_struct_oper_list.matrix[1][2]         0.0000000000 
_pdbx_struct_oper_list.matrix[1][3]         0.0000000000 
_pdbx_struct_oper_list.vector[1]            0.0000000000 
_pdbx_struct_oper_list.matrix[2][1]         0.0000000000 
_pdbx_struct_oper_list.matrix[2][2]         1.0000000000 
_pdbx_struct_oper_list.matrix[2][3]         0.0000000000 
_pdbx_struct_oper_list.vector[2]            0.0000000000 
_pdbx_struct_oper_list.matrix[3][1]         0.0000000000 
_pdbx_struct_oper_list.matrix[3][2]         0.0000000000 
_pdbx_struct_oper_list.matrix[3][3]         1.0000000000 
_pdbx_struct_oper_list.vector[3]            0.0000000000 
# 
loop_
_struct_conf.conf_type_id 
_struct_conf.id 
_struct_conf.pdbx_PDB_helix_id 
_struct_conf.beg_label_comp_id 
_struct_conf.beg_label_asym_id 
_struct_conf.beg_label_seq_id 
_struct_conf.pdbx_beg_PDB_ins_code 
_struct_conf.end_label_comp_id 
_struct_conf.end_label_asym_id 
_struct_conf.end_label_seq_id 
_struct_conf.pdbx_end_PDB_ins_code 
_struct_conf.beg_auth_comp_id 
_struct_conf.beg_auth_asym_id 
_struct_conf.beg_auth_seq_id 
_struct_conf.end_auth_comp_id 
_struct_conf.end_auth_asym_id 
_struct_conf.end_auth_seq_id 
_struct_conf.pdbx_PDB_helix_class 
_struct_conf.details 
_struct_conf.pdbx_PDB_helix_length 
HELX_P HELX_P1  AA1 GLY A 29  ? LEU A 49  ? GLY A 94  LEU A 114 1 ? 21 
HELX_P HELX_P2  AA2 GLY A 50  ? ALA A 59  ? GLY A 115 ALA A 124 1 ? 10 
HELX_P HELX_P3  AA3 ASP A 63  ? PHE A 70  ? ASP A 128 PHE A 135 5 ? 8  
HELX_P HELX_P4  AA4 TRP A 71  ? HIS A 76  ? TRP A 136 HIS A 141 1 ? 6  
HELX_P HELX_P5  AA5 ALA A 77  ? MET A 79  ? ALA A 142 MET A 144 5 ? 3  
HELX_P HELX_P6  AA6 SER A 82  ? GLY A 105 ? SER A 147 GLY A 170 1 ? 24 
HELX_P HELX_P7  AA7 GLY A 105 ? GLY A 129 ? GLY A 170 GLY A 194 1 ? 25 
HELX_P HELX_P8  AA8 LEU A 135 ? ASP A 153 ? LEU A 200 ASP A 218 1 ? 19 
HELX_P HELX_P9  AA9 PRO A 154 ? GLY A 157 ? PRO A 219 GLY A 222 5 ? 4  
HELX_P HELX_P10 AB1 GLN A 161 ? ASP A 178 ? GLN A 226 ASP A 243 1 ? 18 
HELX_P HELX_P11 AB2 ALA A 185 ? SER A 204 ? ALA A 250 SER A 269 1 ? 20 
# 
_struct_conf_type.id          HELX_P 
_struct_conf_type.criteria    ? 
_struct_conf_type.reference   ? 
# 
_struct_sheet.id               AA1 
_struct_sheet.type             ? 
_struct_sheet.number_strands   2 
_struct_sheet.details          ? 
# 
_struct_sheet_order.sheet_id     AA1 
_struct_sheet_order.range_id_1   1 
_struct_sheet_order.range_id_2   2 
_struct_sheet_order.offset       ? 
_struct_sheet_order.sense        parallel 
# 
loop_
_struct_sheet_range.sheet_id 
_struct_sheet_range.id 
_struct_sheet_range.beg_label_comp_id 
_struct_sheet_range.beg_label_asym_id 
_struct_sheet_range.beg_label_seq_id 
_struct_sheet_range.pdbx_beg_PDB_ins_code 
_struct_sheet_range.end_label_comp_id 
_struct_sheet_range.end_label_asym_id 
_struct_sheet_range.end_label_seq_id 
_struct_sheet_range.pdbx_end_PDB_ins_code 
_struct_sheet_range.beg_auth_comp_id 
_struct_sheet_range.beg_auth_asym_id 
_struct_sheet_range.beg_auth_seq_id 
_struct_sheet_range.end_auth_comp_id 
_struct_sheet_range.end_auth_asym_id 
_struct_sheet_range.end_auth_seq_id 
AA1 1 PHE A 132 ? GLY A 133 ? PHE A 197 GLY A 198 
AA1 2 TRP B 4   ? HIS B 5   ? TRP B 499 HIS B 500 
# 
_pdbx_struct_sheet_hbond.sheet_id                AA1 
_pdbx_struct_sheet_hbond.range_id_1              1 
_pdbx_struct_sheet_hbond.range_id_2              2 
_pdbx_struct_sheet_hbond.range_1_label_atom_id   N 
_pdbx_struct_sheet_hbond.range_1_label_comp_id   GLY 
_pdbx_struct_sheet_hbond.range_1_label_asym_id   A 
_pdbx_struct_sheet_hbond.range_1_label_seq_id    133 
_pdbx_struct_sheet_hbond.range_1_PDB_ins_code    ? 
_pdbx_struct_sheet_hbond.range_1_auth_atom_id    N 
_pdbx_struct_sheet_hbond.range_1_auth_comp_id    GLY 
_pdbx_struct_sheet_hbond.range_1_auth_asym_id    A 
_pdbx_struct_sheet_hbond.range_1_auth_seq_id     198 
_pdbx_struct_sheet_hbond.range_2_label_atom_id   O 
_pdbx_struct_sheet_hbond.range_2_label_comp_id   TRP 
_pdbx_struct_sheet_hbond.range_2_label_asym_id   B 
_pdbx_struct_sheet_hbond.range_2_label_seq_id    4 
_pdbx_struct_sheet_hbond.range_2_PDB_ins_code    ? 
_pdbx_struct_sheet_hbond.range_2_auth_atom_id    O 
_pdbx_struct_sheet_hbond.range_2_auth_comp_id    TRP 
_pdbx_struct_sheet_hbond.range_2_auth_asym_id    B 
_pdbx_struct_sheet_hbond.range_2_auth_seq_id     499 
# 
_struct_site.id                   AC1 
_struct_site.pdbx_evidence_code   Software 
_struct_site.pdbx_auth_asym_id    B 
_struct_site.pdbx_auth_comp_id    V87 
_struct_site.pdbx_auth_seq_id     601 
_struct_site.pdbx_auth_ins_code   ? 
_struct_site.pdbx_num_residues    11 
_struct_site.details              'binding site for residue V87 B 601' 
# 
loop_
_struct_site_gen.id 
_struct_site_gen.site_id 
_struct_site_gen.pdbx_num_res 
_struct_site_gen.label_comp_id 
_struct_site_gen.label_asym_id 
_struct_site_gen.label_seq_id 
_struct_site_gen.pdbx_auth_ins_code 
_struct_site_gen.auth_comp_id 
_struct_site_gen.auth_asym_id 
_struct_site_gen.auth_seq_id 
_struct_site_gen.label_atom_id 
_struct_site_gen.label_alt_id 
_struct_site_gen.symmetry 
_struct_site_gen.details 
1  AC1 11 MET A 84  ? MET A 149 . ? 1_555 ? 
2  AC1 11 HIS A 85  ? HIS A 150 . ? 1_555 ? 
3  AC1 11 PHE A 88  ? PHE A 153 . ? 1_555 ? 
4  AC1 11 ASN A 89  ? ASN A 154 . ? 1_555 ? 
5  AC1 11 SER A 136 ? SER A 201 . ? 1_555 ? 
6  AC1 11 TRP A 171 ? TRP A 236 . ? 1_555 ? 
7  AC1 11 MET A 182 ? MET A 247 . ? 1_555 ? 
8  AC1 11 MET A 184 ? MET A 249 . ? 1_555 ? 
9  AC1 11 HIS A 189 ? HIS A 254 . ? 1_555 ? 
10 AC1 11 HIS B 5   ? HIS B 500 . ? 1_555 ? 
11 AC1 11 ALA B 6   ? ALA B 501 . ? 1_555 ? 
# 
_pdbx_entry_details.entry_id                   6XRP 
_pdbx_entry_details.has_ligand_of_interest     N 
_pdbx_entry_details.compound_details           ? 
_pdbx_entry_details.source_details             ? 
_pdbx_entry_details.nonpolymer_details         ? 
_pdbx_entry_details.sequence_details           ? 
_pdbx_entry_details.has_protein_modification   N 
# 
loop_
_pdbx_validate_close_contact.id 
_pdbx_validate_close_contact.PDB_model_num 
_pdbx_validate_close_contact.auth_atom_id_1 
_pdbx_validate_close_contact.auth_asym_id_1 
_pdbx_validate_close_contact.auth_comp_id_1 
_pdbx_validate_close_contact.auth_seq_id_1 
_pdbx_validate_close_contact.PDB_ins_code_1 
_pdbx_validate_close_contact.label_alt_id_1 
_pdbx_validate_close_contact.auth_atom_id_2 
_pdbx_validate_close_contact.auth_asym_id_2 
_pdbx_validate_close_contact.auth_comp_id_2 
_pdbx_validate_close_contact.auth_seq_id_2 
_pdbx_validate_close_contact.PDB_ins_code_2 
_pdbx_validate_close_contact.label_alt_id_2 
_pdbx_validate_close_contact.dist 
1 1 C  B ALA 501 ? ? CAC B V87 601 ? ? 1.52 
2 1 OG A SER 201 ? ? C   B ALA 501 ? ? 1.71 
# 
loop_
_pdbx_validate_torsion.id 
_pdbx_validate_torsion.PDB_model_num 
_pdbx_validate_torsion.auth_comp_id 
_pdbx_validate_torsion.auth_asym_id 
_pdbx_validate_torsion.auth_seq_id 
_pdbx_validate_torsion.PDB_ins_code 
_pdbx_validate_torsion.label_alt_id 
_pdbx_validate_torsion.phi 
_pdbx_validate_torsion.psi 
1 1 LYS A 132 ? ? -24.38  -46.91  
2 1 SER A 193 ? ? -141.68 17.42   
3 1 LEU A 244 ? ? -113.14 54.08   
4 1 PHE A 245 ? ? -123.81 -167.96 
# 
loop_
_pdbx_unobs_or_zero_occ_residues.id 
_pdbx_unobs_or_zero_occ_residues.PDB_model_num 
_pdbx_unobs_or_zero_occ_residues.polymer_flag 
_pdbx_unobs_or_zero_occ_residues.occupancy_flag 
_pdbx_unobs_or_zero_occ_residues.auth_asym_id 
_pdbx_unobs_or_zero_occ_residues.auth_comp_id 
_pdbx_unobs_or_zero_occ_residues.auth_seq_id 
_pdbx_unobs_or_zero_occ_residues.PDB_ins_code 
_pdbx_unobs_or_zero_occ_residues.label_asym_id 
_pdbx_unobs_or_zero_occ_residues.label_comp_id 
_pdbx_unobs_or_zero_occ_residues.label_seq_id 
1  1 Y 1 A MET 66  ? A MET 1   
2  1 Y 1 A GLY 67  ? A GLY 2   
3  1 Y 1 A SER 68  ? A SER 3   
4  1 Y 1 A SER 69  ? A SER 4   
5  1 Y 1 A HIS 70  ? A HIS 5   
6  1 Y 1 A HIS 71  ? A HIS 6   
7  1 Y 1 A HIS 72  ? A HIS 7   
8  1 Y 1 A HIS 73  ? A HIS 8   
9  1 Y 1 A HIS 74  ? A HIS 9   
10 1 Y 1 A HIS 75  ? A HIS 10  
11 1 Y 1 A SER 76  ? A SER 11  
12 1 Y 1 A SER 77  ? A SER 12  
13 1 Y 1 A GLY 78  ? A GLY 13  
14 1 Y 1 A LEU 79  ? A LEU 14  
15 1 Y 1 A VAL 80  ? A VAL 15  
16 1 Y 1 A PRO 81  ? A PRO 16  
17 1 Y 1 A ARG 82  ? A ARG 17  
18 1 Y 1 A GLY 83  ? A GLY 18  
19 1 Y 1 A SER 84  ? A SER 19  
20 1 Y 1 A HIS 85  ? A HIS 20  
21 1 Y 1 A MET 86  ? A MET 21  
22 1 Y 1 A ALA 87  ? A ALA 22  
23 1 Y 1 A ALA 88  ? A ALA 23  
24 1 Y 1 A LEU 89  ? A LEU 24  
25 1 Y 1 A ARG 90  ? A ARG 25  
26 1 Y 1 A GLU 91  ? A GLU 26  
27 1 Y 1 A ALA 272 ? A ALA 207 
28 1 Y 1 A ARG 273 ? A ARG 208 
29 1 Y 1 A LYS 274 ? A LYS 209 
30 1 Y 1 A ARG 275 ? A ARG 210 
31 1 Y 1 A LYS 276 ? A LYS 211 
# 
loop_
_chem_comp_atom.comp_id 
_chem_comp_atom.atom_id 
_chem_comp_atom.type_symbol 
_chem_comp_atom.pdbx_aromatic_flag 
_chem_comp_atom.pdbx_stereo_config 
_chem_comp_atom.pdbx_ordinal 
ALA N    N N N 1   
ALA CA   C N S 2   
ALA C    C N N 3   
ALA O    O N N 4   
ALA CB   C N N 5   
ALA OXT  O N N 6   
ALA H    H N N 7   
ALA H2   H N N 8   
ALA HA   H N N 9   
ALA HB1  H N N 10  
ALA HB2  H N N 11  
ALA HB3  H N N 12  
ALA HXT  H N N 13  
ARG N    N N N 14  
ARG CA   C N S 15  
ARG C    C N N 16  
ARG O    O N N 17  
ARG CB   C N N 18  
ARG CG   C N N 19  
ARG CD   C N N 20  
ARG NE   N N N 21  
ARG CZ   C N N 22  
ARG NH1  N N N 23  
ARG NH2  N N N 24  
ARG OXT  O N N 25  
ARG H    H N N 26  
ARG H2   H N N 27  
ARG HA   H N N 28  
ARG HB2  H N N 29  
ARG HB3  H N N 30  
ARG HG2  H N N 31  
ARG HG3  H N N 32  
ARG HD2  H N N 33  
ARG HD3  H N N 34  
ARG HE   H N N 35  
ARG HH11 H N N 36  
ARG HH12 H N N 37  
ARG HH21 H N N 38  
ARG HH22 H N N 39  
ARG HXT  H N N 40  
ASN N    N N N 41  
ASN CA   C N S 42  
ASN C    C N N 43  
ASN O    O N N 44  
ASN CB   C N N 45  
ASN CG   C N N 46  
ASN OD1  O N N 47  
ASN ND2  N N N 48  
ASN OXT  O N N 49  
ASN H    H N N 50  
ASN H2   H N N 51  
ASN HA   H N N 52  
ASN HB2  H N N 53  
ASN HB3  H N N 54  
ASN HD21 H N N 55  
ASN HD22 H N N 56  
ASN HXT  H N N 57  
ASP N    N N N 58  
ASP CA   C N S 59  
ASP C    C N N 60  
ASP O    O N N 61  
ASP CB   C N N 62  
ASP CG   C N N 63  
ASP OD1  O N N 64  
ASP OD2  O N N 65  
ASP OXT  O N N 66  
ASP H    H N N 67  
ASP H2   H N N 68  
ASP HA   H N N 69  
ASP HB2  H N N 70  
ASP HB3  H N N 71  
ASP HD2  H N N 72  
ASP HXT  H N N 73  
CYS N    N N N 74  
CYS CA   C N R 75  
CYS C    C N N 76  
CYS O    O N N 77  
CYS CB   C N N 78  
CYS SG   S N N 79  
CYS OXT  O N N 80  
CYS H    H N N 81  
CYS H2   H N N 82  
CYS HA   H N N 83  
CYS HB2  H N N 84  
CYS HB3  H N N 85  
CYS HG   H N N 86  
CYS HXT  H N N 87  
GLN N    N N N 88  
GLN CA   C N S 89  
GLN C    C N N 90  
GLN O    O N N 91  
GLN CB   C N N 92  
GLN CG   C N N 93  
GLN CD   C N N 94  
GLN OE1  O N N 95  
GLN NE2  N N N 96  
GLN OXT  O N N 97  
GLN H    H N N 98  
GLN H2   H N N 99  
GLN HA   H N N 100 
GLN HB2  H N N 101 
GLN HB3  H N N 102 
GLN HG2  H N N 103 
GLN HG3  H N N 104 
GLN HE21 H N N 105 
GLN HE22 H N N 106 
GLN HXT  H N N 107 
GLU N    N N N 108 
GLU CA   C N S 109 
GLU C    C N N 110 
GLU O    O N N 111 
GLU CB   C N N 112 
GLU CG   C N N 113 
GLU CD   C N N 114 
GLU OE1  O N N 115 
GLU OE2  O N N 116 
GLU OXT  O N N 117 
GLU H    H N N 118 
GLU H2   H N N 119 
GLU HA   H N N 120 
GLU HB2  H N N 121 
GLU HB3  H N N 122 
GLU HG2  H N N 123 
GLU HG3  H N N 124 
GLU HE2  H N N 125 
GLU HXT  H N N 126 
GLY N    N N N 127 
GLY CA   C N N 128 
GLY C    C N N 129 
GLY O    O N N 130 
GLY OXT  O N N 131 
GLY H    H N N 132 
GLY H2   H N N 133 
GLY HA2  H N N 134 
GLY HA3  H N N 135 
GLY HXT  H N N 136 
HIS N    N N N 137 
HIS CA   C N S 138 
HIS C    C N N 139 
HIS O    O N N 140 
HIS CB   C N N 141 
HIS CG   C Y N 142 
HIS ND1  N Y N 143 
HIS CD2  C Y N 144 
HIS CE1  C Y N 145 
HIS NE2  N Y N 146 
HIS OXT  O N N 147 
HIS H    H N N 148 
HIS H2   H N N 149 
HIS HA   H N N 150 
HIS HB2  H N N 151 
HIS HB3  H N N 152 
HIS HD1  H N N 153 
HIS HD2  H N N 154 
HIS HE1  H N N 155 
HIS HE2  H N N 156 
HIS HXT  H N N 157 
HOH O    O N N 158 
HOH H1   H N N 159 
HOH H2   H N N 160 
ILE N    N N N 161 
ILE CA   C N S 162 
ILE C    C N N 163 
ILE O    O N N 164 
ILE CB   C N S 165 
ILE CG1  C N N 166 
ILE CG2  C N N 167 
ILE CD1  C N N 168 
ILE OXT  O N N 169 
ILE H    H N N 170 
ILE H2   H N N 171 
ILE HA   H N N 172 
ILE HB   H N N 173 
ILE HG12 H N N 174 
ILE HG13 H N N 175 
ILE HG21 H N N 176 
ILE HG22 H N N 177 
ILE HG23 H N N 178 
ILE HD11 H N N 179 
ILE HD12 H N N 180 
ILE HD13 H N N 181 
ILE HXT  H N N 182 
LEU N    N N N 183 
LEU CA   C N S 184 
LEU C    C N N 185 
LEU O    O N N 186 
LEU CB   C N N 187 
LEU CG   C N N 188 
LEU CD1  C N N 189 
LEU CD2  C N N 190 
LEU OXT  O N N 191 
LEU H    H N N 192 
LEU H2   H N N 193 
LEU HA   H N N 194 
LEU HB2  H N N 195 
LEU HB3  H N N 196 
LEU HG   H N N 197 
LEU HD11 H N N 198 
LEU HD12 H N N 199 
LEU HD13 H N N 200 
LEU HD21 H N N 201 
LEU HD22 H N N 202 
LEU HD23 H N N 203 
LEU HXT  H N N 204 
LYS N    N N N 205 
LYS CA   C N S 206 
LYS C    C N N 207 
LYS O    O N N 208 
LYS CB   C N N 209 
LYS CG   C N N 210 
LYS CD   C N N 211 
LYS CE   C N N 212 
LYS NZ   N N N 213 
LYS OXT  O N N 214 
LYS H    H N N 215 
LYS H2   H N N 216 
LYS HA   H N N 217 
LYS HB2  H N N 218 
LYS HB3  H N N 219 
LYS HG2  H N N 220 
LYS HG3  H N N 221 
LYS HD2  H N N 222 
LYS HD3  H N N 223 
LYS HE2  H N N 224 
LYS HE3  H N N 225 
LYS HZ1  H N N 226 
LYS HZ2  H N N 227 
LYS HZ3  H N N 228 
LYS HXT  H N N 229 
MET N    N N N 230 
MET CA   C N S 231 
MET C    C N N 232 
MET O    O N N 233 
MET CB   C N N 234 
MET CG   C N N 235 
MET SD   S N N 236 
MET CE   C N N 237 
MET OXT  O N N 238 
MET H    H N N 239 
MET H2   H N N 240 
MET HA   H N N 241 
MET HB2  H N N 242 
MET HB3  H N N 243 
MET HG2  H N N 244 
MET HG3  H N N 245 
MET HE1  H N N 246 
MET HE2  H N N 247 
MET HE3  H N N 248 
MET HXT  H N N 249 
PHE N    N N N 250 
PHE CA   C N S 251 
PHE C    C N N 252 
PHE O    O N N 253 
PHE CB   C N N 254 
PHE CG   C Y N 255 
PHE CD1  C Y N 256 
PHE CD2  C Y N 257 
PHE CE1  C Y N 258 
PHE CE2  C Y N 259 
PHE CZ   C Y N 260 
PHE OXT  O N N 261 
PHE H    H N N 262 
PHE H2   H N N 263 
PHE HA   H N N 264 
PHE HB2  H N N 265 
PHE HB3  H N N 266 
PHE HD1  H N N 267 
PHE HD2  H N N 268 
PHE HE1  H N N 269 
PHE HE2  H N N 270 
PHE HZ   H N N 271 
PHE HXT  H N N 272 
PRO N    N N N 273 
PRO CA   C N S 274 
PRO C    C N N 275 
PRO O    O N N 276 
PRO CB   C N N 277 
PRO CG   C N N 278 
PRO CD   C N N 279 
PRO OXT  O N N 280 
PRO H    H N N 281 
PRO HA   H N N 282 
PRO HB2  H N N 283 
PRO HB3  H N N 284 
PRO HG2  H N N 285 
PRO HG3  H N N 286 
PRO HD2  H N N 287 
PRO HD3  H N N 288 
PRO HXT  H N N 289 
SER N    N N N 290 
SER CA   C N S 291 
SER C    C N N 292 
SER O    O N N 293 
SER CB   C N N 294 
SER OG   O N N 295 
SER OXT  O N N 296 
SER H    H N N 297 
SER H2   H N N 298 
SER HA   H N N 299 
SER HB2  H N N 300 
SER HB3  H N N 301 
SER HG   H N N 302 
SER HXT  H N N 303 
THR N    N N N 304 
THR CA   C N S 305 
THR C    C N N 306 
THR O    O N N 307 
THR CB   C N R 308 
THR OG1  O N N 309 
THR CG2  C N N 310 
THR OXT  O N N 311 
THR H    H N N 312 
THR H2   H N N 313 
THR HA   H N N 314 
THR HB   H N N 315 
THR HG1  H N N 316 
THR HG21 H N N 317 
THR HG22 H N N 318 
THR HG23 H N N 319 
THR HXT  H N N 320 
TRP N    N N N 321 
TRP CA   C N S 322 
TRP C    C N N 323 
TRP O    O N N 324 
TRP CB   C N N 325 
TRP CG   C Y N 326 
TRP CD1  C Y N 327 
TRP CD2  C Y N 328 
TRP NE1  N Y N 329 
TRP CE2  C Y N 330 
TRP CE3  C Y N 331 
TRP CZ2  C Y N 332 
TRP CZ3  C Y N 333 
TRP CH2  C Y N 334 
TRP OXT  O N N 335 
TRP H    H N N 336 
TRP H2   H N N 337 
TRP HA   H N N 338 
TRP HB2  H N N 339 
TRP HB3  H N N 340 
TRP HD1  H N N 341 
TRP HE1  H N N 342 
TRP HE3  H N N 343 
TRP HZ2  H N N 344 
TRP HZ3  H N N 345 
TRP HH2  H N N 346 
TRP HXT  H N N 347 
TYR N    N N N 348 
TYR CA   C N S 349 
TYR C    C N N 350 
TYR O    O N N 351 
TYR CB   C N N 352 
TYR CG   C Y N 353 
TYR CD1  C Y N 354 
TYR CD2  C Y N 355 
TYR CE1  C Y N 356 
TYR CE2  C Y N 357 
TYR CZ   C Y N 358 
TYR OH   O N N 359 
TYR OXT  O N N 360 
TYR H    H N N 361 
TYR H2   H N N 362 
TYR HA   H N N 363 
TYR HB2  H N N 364 
TYR HB3  H N N 365 
TYR HD1  H N N 366 
TYR HD2  H N N 367 
TYR HE1  H N N 368 
TYR HE2  H N N 369 
TYR HH   H N N 370 
TYR HXT  H N N 371 
V87 CAC  C N N 372 
V87 NAD  N N N 373 
V87 OAE  O N N 374 
V87 CAF  C N N 375 
V87 CAG  C N N 376 
V87 CAH  C N N 377 
V87 CAI  C N N 378 
V87 CAJ  C Y N 379 
V87 CAK  C Y N 380 
V87 CAL  C Y N 381 
V87 CAM  C Y N 382 
V87 CAN  C Y N 383 
V87 CAO  C Y N 384 
V87 H1   H N N 385 
V87 H2   H N N 386 
V87 H3   H N N 387 
V87 H4   H N N 388 
V87 H5   H N N 389 
V87 H6   H N N 390 
V87 H7   H N N 391 
V87 H8   H N N 392 
V87 H9   H N N 393 
V87 H10  H N N 394 
V87 H11  H N N 395 
V87 H12  H N N 396 
V87 H13  H N N 397 
V87 H14  H N N 398 
V87 H15  H N N 399 
VAL N    N N N 400 
VAL CA   C N S 401 
VAL C    C N N 402 
VAL O    O N N 403 
VAL CB   C N N 404 
VAL CG1  C N N 405 
VAL CG2  C N N 406 
VAL OXT  O N N 407 
VAL H    H N N 408 
VAL H2   H N N 409 
VAL HA   H N N 410 
VAL HB   H N N 411 
VAL HG11 H N N 412 
VAL HG12 H N N 413 
VAL HG13 H N N 414 
VAL HG21 H N N 415 
VAL HG22 H N N 416 
VAL HG23 H N N 417 
VAL HXT  H N N 418 
# 
loop_
_chem_comp_bond.comp_id 
_chem_comp_bond.atom_id_1 
_chem_comp_bond.atom_id_2 
_chem_comp_bond.value_order 
_chem_comp_bond.pdbx_aromatic_flag 
_chem_comp_bond.pdbx_stereo_config 
_chem_comp_bond.pdbx_ordinal 
ALA N   CA   sing N N 1   
ALA N   H    sing N N 2   
ALA N   H2   sing N N 3   
ALA CA  C    sing N N 4   
ALA CA  CB   sing N N 5   
ALA CA  HA   sing N N 6   
ALA C   O    doub N N 7   
ALA C   OXT  sing N N 8   
ALA CB  HB1  sing N N 9   
ALA CB  HB2  sing N N 10  
ALA CB  HB3  sing N N 11  
ALA OXT HXT  sing N N 12  
ARG N   CA   sing N N 13  
ARG N   H    sing N N 14  
ARG N   H2   sing N N 15  
ARG CA  C    sing N N 16  
ARG CA  CB   sing N N 17  
ARG CA  HA   sing N N 18  
ARG C   O    doub N N 19  
ARG C   OXT  sing N N 20  
ARG CB  CG   sing N N 21  
ARG CB  HB2  sing N N 22  
ARG CB  HB3  sing N N 23  
ARG CG  CD   sing N N 24  
ARG CG  HG2  sing N N 25  
ARG CG  HG3  sing N N 26  
ARG CD  NE   sing N N 27  
ARG CD  HD2  sing N N 28  
ARG CD  HD3  sing N N 29  
ARG NE  CZ   sing N N 30  
ARG NE  HE   sing N N 31  
ARG CZ  NH1  sing N N 32  
ARG CZ  NH2  doub N N 33  
ARG NH1 HH11 sing N N 34  
ARG NH1 HH12 sing N N 35  
ARG NH2 HH21 sing N N 36  
ARG NH2 HH22 sing N N 37  
ARG OXT HXT  sing N N 38  
ASN N   CA   sing N N 39  
ASN N   H    sing N N 40  
ASN N   H2   sing N N 41  
ASN CA  C    sing N N 42  
ASN CA  CB   sing N N 43  
ASN CA  HA   sing N N 44  
ASN C   O    doub N N 45  
ASN C   OXT  sing N N 46  
ASN CB  CG   sing N N 47  
ASN CB  HB2  sing N N 48  
ASN CB  HB3  sing N N 49  
ASN CG  OD1  doub N N 50  
ASN CG  ND2  sing N N 51  
ASN ND2 HD21 sing N N 52  
ASN ND2 HD22 sing N N 53  
ASN OXT HXT  sing N N 54  
ASP N   CA   sing N N 55  
ASP N   H    sing N N 56  
ASP N   H2   sing N N 57  
ASP CA  C    sing N N 58  
ASP CA  CB   sing N N 59  
ASP CA  HA   sing N N 60  
ASP C   O    doub N N 61  
ASP C   OXT  sing N N 62  
ASP CB  CG   sing N N 63  
ASP CB  HB2  sing N N 64  
ASP CB  HB3  sing N N 65  
ASP CG  OD1  doub N N 66  
ASP CG  OD2  sing N N 67  
ASP OD2 HD2  sing N N 68  
ASP OXT HXT  sing N N 69  
CYS N   CA   sing N N 70  
CYS N   H    sing N N 71  
CYS N   H2   sing N N 72  
CYS CA  C    sing N N 73  
CYS CA  CB   sing N N 74  
CYS CA  HA   sing N N 75  
CYS C   O    doub N N 76  
CYS C   OXT  sing N N 77  
CYS CB  SG   sing N N 78  
CYS CB  HB2  sing N N 79  
CYS CB  HB3  sing N N 80  
CYS SG  HG   sing N N 81  
CYS OXT HXT  sing N N 82  
GLN N   CA   sing N N 83  
GLN N   H    sing N N 84  
GLN N   H2   sing N N 85  
GLN CA  C    sing N N 86  
GLN CA  CB   sing N N 87  
GLN CA  HA   sing N N 88  
GLN C   O    doub N N 89  
GLN C   OXT  sing N N 90  
GLN CB  CG   sing N N 91  
GLN CB  HB2  sing N N 92  
GLN CB  HB3  sing N N 93  
GLN CG  CD   sing N N 94  
GLN CG  HG2  sing N N 95  
GLN CG  HG3  sing N N 96  
GLN CD  OE1  doub N N 97  
GLN CD  NE2  sing N N 98  
GLN NE2 HE21 sing N N 99  
GLN NE2 HE22 sing N N 100 
GLN OXT HXT  sing N N 101 
GLU N   CA   sing N N 102 
GLU N   H    sing N N 103 
GLU N   H2   sing N N 104 
GLU CA  C    sing N N 105 
GLU CA  CB   sing N N 106 
GLU CA  HA   sing N N 107 
GLU C   O    doub N N 108 
GLU C   OXT  sing N N 109 
GLU CB  CG   sing N N 110 
GLU CB  HB2  sing N N 111 
GLU CB  HB3  sing N N 112 
GLU CG  CD   sing N N 113 
GLU CG  HG2  sing N N 114 
GLU CG  HG3  sing N N 115 
GLU CD  OE1  doub N N 116 
GLU CD  OE2  sing N N 117 
GLU OE2 HE2  sing N N 118 
GLU OXT HXT  sing N N 119 
GLY N   CA   sing N N 120 
GLY N   H    sing N N 121 
GLY N   H2   sing N N 122 
GLY CA  C    sing N N 123 
GLY CA  HA2  sing N N 124 
GLY CA  HA3  sing N N 125 
GLY C   O    doub N N 126 
GLY C   OXT  sing N N 127 
GLY OXT HXT  sing N N 128 
HIS N   CA   sing N N 129 
HIS N   H    sing N N 130 
HIS N   H2   sing N N 131 
HIS CA  C    sing N N 132 
HIS CA  CB   sing N N 133 
HIS CA  HA   sing N N 134 
HIS C   O    doub N N 135 
HIS C   OXT  sing N N 136 
HIS CB  CG   sing N N 137 
HIS CB  HB2  sing N N 138 
HIS CB  HB3  sing N N 139 
HIS CG  ND1  sing Y N 140 
HIS CG  CD2  doub Y N 141 
HIS ND1 CE1  doub Y N 142 
HIS ND1 HD1  sing N N 143 
HIS CD2 NE2  sing Y N 144 
HIS CD2 HD2  sing N N 145 
HIS CE1 NE2  sing Y N 146 
HIS CE1 HE1  sing N N 147 
HIS NE2 HE2  sing N N 148 
HIS OXT HXT  sing N N 149 
HOH O   H1   sing N N 150 
HOH O   H2   sing N N 151 
ILE N   CA   sing N N 152 
ILE N   H    sing N N 153 
ILE N   H2   sing N N 154 
ILE CA  C    sing N N 155 
ILE CA  CB   sing N N 156 
ILE CA  HA   sing N N 157 
ILE C   O    doub N N 158 
ILE C   OXT  sing N N 159 
ILE CB  CG1  sing N N 160 
ILE CB  CG2  sing N N 161 
ILE CB  HB   sing N N 162 
ILE CG1 CD1  sing N N 163 
ILE CG1 HG12 sing N N 164 
ILE CG1 HG13 sing N N 165 
ILE CG2 HG21 sing N N 166 
ILE CG2 HG22 sing N N 167 
ILE CG2 HG23 sing N N 168 
ILE CD1 HD11 sing N N 169 
ILE CD1 HD12 sing N N 170 
ILE CD1 HD13 sing N N 171 
ILE OXT HXT  sing N N 172 
LEU N   CA   sing N N 173 
LEU N   H    sing N N 174 
LEU N   H2   sing N N 175 
LEU CA  C    sing N N 176 
LEU CA  CB   sing N N 177 
LEU CA  HA   sing N N 178 
LEU C   O    doub N N 179 
LEU C   OXT  sing N N 180 
LEU CB  CG   sing N N 181 
LEU CB  HB2  sing N N 182 
LEU CB  HB3  sing N N 183 
LEU CG  CD1  sing N N 184 
LEU CG  CD2  sing N N 185 
LEU CG  HG   sing N N 186 
LEU CD1 HD11 sing N N 187 
LEU CD1 HD12 sing N N 188 
LEU CD1 HD13 sing N N 189 
LEU CD2 HD21 sing N N 190 
LEU CD2 HD22 sing N N 191 
LEU CD2 HD23 sing N N 192 
LEU OXT HXT  sing N N 193 
LYS N   CA   sing N N 194 
LYS N   H    sing N N 195 
LYS N   H2   sing N N 196 
LYS CA  C    sing N N 197 
LYS CA  CB   sing N N 198 
LYS CA  HA   sing N N 199 
LYS C   O    doub N N 200 
LYS C   OXT  sing N N 201 
LYS CB  CG   sing N N 202 
LYS CB  HB2  sing N N 203 
LYS CB  HB3  sing N N 204 
LYS CG  CD   sing N N 205 
LYS CG  HG2  sing N N 206 
LYS CG  HG3  sing N N 207 
LYS CD  CE   sing N N 208 
LYS CD  HD2  sing N N 209 
LYS CD  HD3  sing N N 210 
LYS CE  NZ   sing N N 211 
LYS CE  HE2  sing N N 212 
LYS CE  HE3  sing N N 213 
LYS NZ  HZ1  sing N N 214 
LYS NZ  HZ2  sing N N 215 
LYS NZ  HZ3  sing N N 216 
LYS OXT HXT  sing N N 217 
MET N   CA   sing N N 218 
MET N   H    sing N N 219 
MET N   H2   sing N N 220 
MET CA  C    sing N N 221 
MET CA  CB   sing N N 222 
MET CA  HA   sing N N 223 
MET C   O    doub N N 224 
MET C   OXT  sing N N 225 
MET CB  CG   sing N N 226 
MET CB  HB2  sing N N 227 
MET CB  HB3  sing N N 228 
MET CG  SD   sing N N 229 
MET CG  HG2  sing N N 230 
MET CG  HG3  sing N N 231 
MET SD  CE   sing N N 232 
MET CE  HE1  sing N N 233 
MET CE  HE2  sing N N 234 
MET CE  HE3  sing N N 235 
MET OXT HXT  sing N N 236 
PHE N   CA   sing N N 237 
PHE N   H    sing N N 238 
PHE N   H2   sing N N 239 
PHE CA  C    sing N N 240 
PHE CA  CB   sing N N 241 
PHE CA  HA   sing N N 242 
PHE C   O    doub N N 243 
PHE C   OXT  sing N N 244 
PHE CB  CG   sing N N 245 
PHE CB  HB2  sing N N 246 
PHE CB  HB3  sing N N 247 
PHE CG  CD1  doub Y N 248 
PHE CG  CD2  sing Y N 249 
PHE CD1 CE1  sing Y N 250 
PHE CD1 HD1  sing N N 251 
PHE CD2 CE2  doub Y N 252 
PHE CD2 HD2  sing N N 253 
PHE CE1 CZ   doub Y N 254 
PHE CE1 HE1  sing N N 255 
PHE CE2 CZ   sing Y N 256 
PHE CE2 HE2  sing N N 257 
PHE CZ  HZ   sing N N 258 
PHE OXT HXT  sing N N 259 
PRO N   CA   sing N N 260 
PRO N   CD   sing N N 261 
PRO N   H    sing N N 262 
PRO CA  C    sing N N 263 
PRO CA  CB   sing N N 264 
PRO CA  HA   sing N N 265 
PRO C   O    doub N N 266 
PRO C   OXT  sing N N 267 
PRO CB  CG   sing N N 268 
PRO CB  HB2  sing N N 269 
PRO CB  HB3  sing N N 270 
PRO CG  CD   sing N N 271 
PRO CG  HG2  sing N N 272 
PRO CG  HG3  sing N N 273 
PRO CD  HD2  sing N N 274 
PRO CD  HD3  sing N N 275 
PRO OXT HXT  sing N N 276 
SER N   CA   sing N N 277 
SER N   H    sing N N 278 
SER N   H2   sing N N 279 
SER CA  C    sing N N 280 
SER CA  CB   sing N N 281 
SER CA  HA   sing N N 282 
SER C   O    doub N N 283 
SER C   OXT  sing N N 284 
SER CB  OG   sing N N 285 
SER CB  HB2  sing N N 286 
SER CB  HB3  sing N N 287 
SER OG  HG   sing N N 288 
SER OXT HXT  sing N N 289 
THR N   CA   sing N N 290 
THR N   H    sing N N 291 
THR N   H2   sing N N 292 
THR CA  C    sing N N 293 
THR CA  CB   sing N N 294 
THR CA  HA   sing N N 295 
THR C   O    doub N N 296 
THR C   OXT  sing N N 297 
THR CB  OG1  sing N N 298 
THR CB  CG2  sing N N 299 
THR CB  HB   sing N N 300 
THR OG1 HG1  sing N N 301 
THR CG2 HG21 sing N N 302 
THR CG2 HG22 sing N N 303 
THR CG2 HG23 sing N N 304 
THR OXT HXT  sing N N 305 
TRP N   CA   sing N N 306 
TRP N   H    sing N N 307 
TRP N   H2   sing N N 308 
TRP CA  C    sing N N 309 
TRP CA  CB   sing N N 310 
TRP CA  HA   sing N N 311 
TRP C   O    doub N N 312 
TRP C   OXT  sing N N 313 
TRP CB  CG   sing N N 314 
TRP CB  HB2  sing N N 315 
TRP CB  HB3  sing N N 316 
TRP CG  CD1  doub Y N 317 
TRP CG  CD2  sing Y N 318 
TRP CD1 NE1  sing Y N 319 
TRP CD1 HD1  sing N N 320 
TRP CD2 CE2  doub Y N 321 
TRP CD2 CE3  sing Y N 322 
TRP NE1 CE2  sing Y N 323 
TRP NE1 HE1  sing N N 324 
TRP CE2 CZ2  sing Y N 325 
TRP CE3 CZ3  doub Y N 326 
TRP CE3 HE3  sing N N 327 
TRP CZ2 CH2  doub Y N 328 
TRP CZ2 HZ2  sing N N 329 
TRP CZ3 CH2  sing Y N 330 
TRP CZ3 HZ3  sing N N 331 
TRP CH2 HH2  sing N N 332 
TRP OXT HXT  sing N N 333 
TYR N   CA   sing N N 334 
TYR N   H    sing N N 335 
TYR N   H2   sing N N 336 
TYR CA  C    sing N N 337 
TYR CA  CB   sing N N 338 
TYR CA  HA   sing N N 339 
TYR C   O    doub N N 340 
TYR C   OXT  sing N N 341 
TYR CB  CG   sing N N 342 
TYR CB  HB2  sing N N 343 
TYR CB  HB3  sing N N 344 
TYR CG  CD1  doub Y N 345 
TYR CG  CD2  sing Y N 346 
TYR CD1 CE1  sing Y N 347 
TYR CD1 HD1  sing N N 348 
TYR CD2 CE2  doub Y N 349 
TYR CD2 HD2  sing N N 350 
TYR CE1 CZ   doub Y N 351 
TYR CE1 HE1  sing N N 352 
TYR CE2 CZ   sing Y N 353 
TYR CE2 HE2  sing N N 354 
TYR CZ  OH   sing N N 355 
TYR OH  HH   sing N N 356 
TYR OXT HXT  sing N N 357 
V87 OAE CAC  doub N N 358 
V87 CAG CAH  sing N N 359 
V87 CAG CAF  sing N N 360 
V87 CAC NAD  sing N N 361 
V87 CAI CAH  sing N N 362 
V87 CAI CAJ  sing N N 363 
V87 NAD CAF  sing N N 364 
V87 CAO CAJ  doub Y N 365 
V87 CAO CAN  sing Y N 366 
V87 CAJ CAK  sing Y N 367 
V87 CAN CAM  doub Y N 368 
V87 CAK CAL  doub Y N 369 
V87 CAM CAL  sing Y N 370 
V87 CAC H1   sing N N 371 
V87 NAD H2   sing N N 372 
V87 CAF H3   sing N N 373 
V87 CAF H4   sing N N 374 
V87 CAG H5   sing N N 375 
V87 CAG H6   sing N N 376 
V87 CAH H7   sing N N 377 
V87 CAH H8   sing N N 378 
V87 CAI H9   sing N N 379 
V87 CAI H10  sing N N 380 
V87 CAK H11  sing N N 381 
V87 CAL H12  sing N N 382 
V87 CAM H13  sing N N 383 
V87 CAN H14  sing N N 384 
V87 CAO H15  sing N N 385 
VAL N   CA   sing N N 386 
VAL N   H    sing N N 387 
VAL N   H2   sing N N 388 
VAL CA  C    sing N N 389 
VAL CA  CB   sing N N 390 
VAL CA  HA   sing N N 391 
VAL C   O    doub N N 392 
VAL C   OXT  sing N N 393 
VAL CB  CG1  sing N N 394 
VAL CB  CG2  sing N N 395 
VAL CB  HB   sing N N 396 
VAL CG1 HG11 sing N N 397 
VAL CG1 HG12 sing N N 398 
VAL CG1 HG13 sing N N 399 
VAL CG2 HG21 sing N N 400 
VAL CG2 HG22 sing N N 401 
VAL CG2 HG23 sing N N 402 
VAL OXT HXT  sing N N 403 
# 
_pdbx_audit_support.funding_organization   
'National Institutes of Health/National Institute of Diabetes and Digestive and Kidney Disease (NIH/NIDDK)' 
_pdbx_audit_support.country                'United States' 
_pdbx_audit_support.grant_number           R01AI066025 
_pdbx_audit_support.ordinal                1 
# 
_pdbx_initial_refinement_model.id               1 
_pdbx_initial_refinement_model.entity_id_list   ? 
_pdbx_initial_refinement_model.type             'experimental model' 
_pdbx_initial_refinement_model.source_name      PDB 
_pdbx_initial_refinement_model.accession_code   2IC8 
_pdbx_initial_refinement_model.details          'PDB entry 2IC8' 
# 
_atom_sites.entry_id                    6XRP 
_atom_sites.Cartn_transf_matrix[1][1]   ? 
_atom_sites.Cartn_transf_matrix[1][2]   ? 
_atom_sites.Cartn_transf_matrix[1][3]   ? 
_atom_sites.Cartn_transf_matrix[2][1]   ? 
_atom_sites.Cartn_transf_matrix[2][2]   ? 
_atom_sites.Cartn_transf_matrix[2][3]   ? 
_atom_sites.Cartn_transf_matrix[3][1]   ? 
_atom_sites.Cartn_transf_matrix[3][2]   ? 
_atom_sites.Cartn_transf_matrix[3][3]   ? 
_atom_sites.Cartn_transf_vector[1]      ? 
_atom_sites.Cartn_transf_vector[2]      ? 
_atom_sites.Cartn_transf_vector[3]      ? 
_atom_sites.fract_transf_matrix[1][1]   0.00931785 
_atom_sites.fract_transf_matrix[1][2]   0.00284419 
_atom_sites.fract_transf_matrix[1][3]   -0.00404727 
_atom_sites.fract_transf_matrix[2][1]   0.00121062 
_atom_sites.fract_transf_matrix[2][2]   0.00072212 
_atom_sites.fract_transf_matrix[2][3]   -0.01045439 
_atom_sites.fract_transf_matrix[3][1]   -0.00214881 
_atom_sites.fract_transf_matrix[3][2]   0.00741441 
_atom_sites.fract_transf_matrix[3][3]   0.00026330 
_atom_sites.fract_transf_vector[1]      -0.201901 
_atom_sites.fract_transf_vector[2]      -0.076932 
_atom_sites.fract_transf_vector[3]      -0.145452 
_atom_sites.solution_primary            ? 
_atom_sites.solution_secondary          ? 
_atom_sites.solution_hydrogens          ? 
_atom_sites.special_details             ? 
# 
loop_
_atom_type.symbol 
C 
N 
O 
S 
# 
loop_
_atom_site.group_PDB 
_atom_site.id 
_atom_site.type_symbol 
_atom_site.label_atom_id 
_atom_site.label_alt_id 
_atom_site.label_comp_id 
_atom_site.label_asym_id 
_atom_site.label_entity_id 
_atom_site.label_seq_id 
_atom_site.pdbx_PDB_ins_code 
_atom_site.Cartn_x 
_atom_site.Cartn_y 
_atom_site.Cartn_z 
_atom_site.occupancy 
_atom_site.B_iso_or_equiv 
_atom_site.pdbx_formal_charge 
_atom_site.auth_seq_id 
_atom_site.auth_comp_id 
_atom_site.auth_asym_id 
_atom_site.auth_atom_id 
_atom_site.pdbx_PDB_model_num 
ATOM   1    N N   . ARG A 1 27  ? 12.120  -11.587 -9.034  1.00 98.12  ? 92  ARG A N   1 
ATOM   2    C CA  . ARG A 1 27  ? 11.370  -11.393 -7.791  1.00 102.50 ? 92  ARG A CA  1 
ATOM   3    C C   . ARG A 1 27  ? 9.964   -10.838 -8.094  1.00 108.80 ? 92  ARG A C   1 
ATOM   4    O O   . ARG A 1 27  ? 9.501   -9.932  -7.394  1.00 148.42 ? 92  ARG A O   1 
ATOM   5    C CB  . ARG A 1 27  ? 12.143  -10.450 -6.838  1.00 94.09  ? 92  ARG A CB  1 
ATOM   6    C CG  . ARG A 1 27  ? 11.752  -10.488 -5.327  1.00 93.78  ? 92  ARG A CG  1 
ATOM   7    C CD  . ARG A 1 27  ? 12.983  -10.557 -4.374  1.00 94.08  ? 92  ARG A CD  1 
ATOM   8    N NE  . ARG A 1 27  ? 14.183  -9.944  -4.955  1.00 101.88 ? 92  ARG A NE  1 
ATOM   9    C CZ  . ARG A 1 27  ? 15.299  -10.607 -5.280  1.00 108.76 ? 92  ARG A CZ  1 
ATOM   10   N NH1 . ARG A 1 27  ? 16.335  -9.965  -5.817  1.00 105.83 ? 92  ARG A NH1 1 
ATOM   11   N NH2 . ARG A 1 27  ? 15.391  -11.915 -5.067  1.00 111.98 ? 92  ARG A NH2 1 
ATOM   12   N N   . ALA A 1 28  ? 9.278   -11.374 -9.122  1.00 96.11  ? 93  ALA A N   1 
ATOM   13   C CA  . ALA A 1 28  ? 8.020   -10.763 -9.576  1.00 93.83  ? 93  ALA A CA  1 
ATOM   14   C C   . ALA A 1 28  ? 7.105   -11.805 -10.224 1.00 91.60  ? 93  ALA A C   1 
ATOM   15   O O   . ALA A 1 28  ? 7.187   -12.031 -11.437 1.00 91.84  ? 93  ALA A O   1 
ATOM   16   C CB  . ALA A 1 28  ? 8.294   -9.615  -10.540 1.00 90.64  ? 93  ALA A CB  1 
ATOM   17   N N   . GLY A 1 29  ? 6.194   -12.377 -9.427  1.00 81.15  ? 94  GLY A N   1 
ATOM   18   C CA  . GLY A 1 29  ? 5.145   -13.239 -9.934  1.00 75.28  ? 94  GLY A CA  1 
ATOM   19   C C   . GLY A 1 29  ? 3.956   -12.453 -10.465 1.00 72.43  ? 94  GLY A C   1 
ATOM   20   O O   . GLY A 1 29  ? 3.971   -11.214 -10.487 1.00 73.31  ? 94  GLY A O   1 
ATOM   21   N N   . PRO A 1 30  ? 2.888   -13.157 -10.888 1.00 68.81  ? 95  PRO A N   1 
ATOM   22   C CA  . PRO A 1 30  ? 1.795   -12.465 -11.597 1.00 62.86  ? 95  PRO A CA  1 
ATOM   23   C C   . PRO A 1 30  ? 1.098   -11.402 -10.764 1.00 65.48  ? 95  PRO A C   1 
ATOM   24   O O   . PRO A 1 30  ? 0.708   -10.359 -11.309 1.00 65.46  ? 95  PRO A O   1 
ATOM   25   C CB  . PRO A 1 30  ? 0.840   -13.607 -11.978 1.00 64.43  ? 95  PRO A CB  1 
ATOM   26   C CG  . PRO A 1 30  ? 1.168   -14.721 -11.066 1.00 63.51  ? 95  PRO A CG  1 
ATOM   27   C CD  . PRO A 1 30  ? 2.633   -14.603 -10.760 1.00 68.40  ? 95  PRO A CD  1 
ATOM   28   N N   . VAL A 1 31  ? 0.929   -11.617 -9.459  1.00 57.95  ? 96  VAL A N   1 
ATOM   29   C CA  . VAL A 1 31  ? 0.259   -10.605 -8.652  1.00 67.08  ? 96  VAL A CA  1 
ATOM   30   C C   . VAL A 1 31  ? 1.129   -9.359  -8.542  1.00 62.26  ? 96  VAL A C   1 
ATOM   31   O O   . VAL A 1 31  ? 0.681   -8.241  -8.825  1.00 62.92  ? 96  VAL A O   1 
ATOM   32   C CB  . VAL A 1 31  ? -0.121  -11.178 -7.269  1.00 68.26  ? 96  VAL A CB  1 
ATOM   33   C CG1 . VAL A 1 31  ? -0.835  -10.130 -6.426  1.00 55.93  ? 96  VAL A CG1 1 
ATOM   34   C CG2 . VAL A 1 31  ? -0.990  -12.427 -7.434  1.00 66.23  ? 96  VAL A CG2 1 
ATOM   35   N N   . THR A 1 32  ? 2.390   -9.532  -8.149  1.00 61.83  ? 97  THR A N   1 
ATOM   36   C CA  . THR A 1 32  ? 3.332   -8.416  -8.140  1.00 66.48  ? 97  THR A CA  1 
ATOM   37   C C   . THR A 1 32  ? 3.344   -7.687  -9.486  1.00 63.81  ? 97  THR A C   1 
ATOM   38   O O   . THR A 1 32  ? 3.292   -6.449  -9.539  1.00 60.07  ? 97  THR A O   1 
ATOM   39   C CB  . THR A 1 32  ? 4.732   -8.937  -7.791  1.00 68.30  ? 97  THR A CB  1 
ATOM   40   O OG1 . THR A 1 32  ? 4.675   -9.675  -6.564  1.00 67.03  ? 97  THR A OG1 1 
ATOM   41   C CG2 . THR A 1 32  ? 5.717   -7.786  -7.643  1.00 68.29  ? 97  THR A CG2 1 
ATOM   42   N N   . TRP A 1 33  ? 3.368   -8.453  -10.585 1.00 59.81  ? 98  TRP A N   1 
ATOM   43   C CA  . TRP A 1 33  ? 3.500   -7.882  -11.925 1.00 66.21  ? 98  TRP A CA  1 
ATOM   44   C C   . TRP A 1 33  ? 2.263   -7.077  -12.319 1.00 67.02  ? 98  TRP A C   1 
ATOM   45   O O   . TRP A 1 33  ? 2.383   -5.931  -12.781 1.00 65.33  ? 98  TRP A O   1 
ATOM   46   C CB  . TRP A 1 33  ? 3.786   -9.008  -12.924 1.00 66.17  ? 98  TRP A CB  1 
ATOM   47   C CG  . TRP A 1 33  ? 3.901   -8.628  -14.375 1.00 72.52  ? 98  TRP A CG  1 
ATOM   48   C CD1 . TRP A 1 33  ? 3.194   -9.171  -15.406 1.00 73.53  ? 98  TRP A CD1 1 
ATOM   49   C CD2 . TRP A 1 33  ? 4.791   -7.664  -14.966 1.00 72.62  ? 98  TRP A CD2 1 
ATOM   50   N NE1 . TRP A 1 33  ? 3.568   -8.600  -16.596 1.00 73.56  ? 98  TRP A NE1 1 
ATOM   51   C CE2 . TRP A 1 33  ? 4.542   -7.668  -16.357 1.00 74.78  ? 98  TRP A CE2 1 
ATOM   52   C CE3 . TRP A 1 33  ? 5.755   -6.787  -14.456 1.00 69.14  ? 98  TRP A CE3 1 
ATOM   53   C CZ2 . TRP A 1 33  ? 5.224   -6.836  -17.245 1.00 73.26  ? 98  TRP A CZ2 1 
ATOM   54   C CZ3 . TRP A 1 33  ? 6.425   -5.959  -15.338 1.00 75.85  ? 98  TRP A CZ3 1 
ATOM   55   C CH2 . TRP A 1 33  ? 6.158   -5.993  -16.720 1.00 76.23  ? 98  TRP A CH2 1 
ATOM   56   N N   . VAL A 1 34  ? 1.060   -7.644  -12.118 1.00 65.03  ? 99  VAL A N   1 
ATOM   57   C CA  . VAL A 1 34  ? -0.163  -6.961  -12.537 1.00 58.22  ? 99  VAL A CA  1 
ATOM   58   C C   . VAL A 1 34  ? -0.345  -5.666  -11.757 1.00 59.90  ? 99  VAL A C   1 
ATOM   59   O O   . VAL A 1 34  ? -0.779  -4.644  -12.309 1.00 56.89  ? 99  VAL A O   1 
ATOM   60   C CB  . VAL A 1 34  ? -1.382  -7.892  -12.387 1.00 66.73  ? 99  VAL A CB  1 
ATOM   61   C CG1 . VAL A 1 34  ? -2.681  -7.155  -12.724 1.00 66.60  ? 99  VAL A CG1 1 
ATOM   62   C CG2 . VAL A 1 34  ? -1.252  -9.089  -13.296 1.00 64.41  ? 99  VAL A CG2 1 
ATOM   63   N N   . MET A 1 35  ? 0.012   -5.675  -10.472 1.00 59.25  ? 100 MET A N   1 
ATOM   64   C CA  . MET A 1 35  ? -0.164  -4.476  -9.664  1.00 61.19  ? 100 MET A CA  1 
ATOM   65   C C   . MET A 1 35  ? 0.740   -3.349  -10.149 1.00 61.01  ? 100 MET A C   1 
ATOM   66   O O   . MET A 1 35  ? 0.327   -2.183  -10.198 1.00 63.01  ? 100 MET A O   1 
ATOM   67   C CB  . MET A 1 35  ? 0.106   -4.799  -8.202  1.00 60.34  ? 100 MET A CB  1 
ATOM   68   C CG  . MET A 1 35  ? 0.101   -3.588  -7.285  1.00 63.79  ? 100 MET A CG  1 
ATOM   69   S SD  . MET A 1 35  ? -1.564  -2.971  -7.008  1.00 76.28  ? 100 MET A SD  1 
ATOM   70   C CE  . MET A 1 35  ? -2.401  -4.533  -6.788  1.00 64.92  ? 100 MET A CE  1 
ATOM   71   N N   . MET A 1 36  ? 1.975   -3.674  -10.515 1.00 59.59  ? 101 MET A N   1 
ATOM   72   C CA  . MET A 1 36  ? 2.859   -2.642  -11.041 1.00 63.34  ? 101 MET A CA  1 
ATOM   73   C C   . MET A 1 36  ? 2.341   -2.129  -12.377 1.00 60.07  ? 101 MET A C   1 
ATOM   74   O O   . MET A 1 36  ? 2.143   -0.919  -12.554 1.00 56.15  ? 101 MET A O   1 
ATOM   75   C CB  . MET A 1 36  ? 4.284   -3.184  -11.161 1.00 62.78  ? 101 MET A CB  1 
ATOM   76   C CG  . MET A 1 36  ? 4.829   -3.690  -9.827  1.00 65.35  ? 101 MET A CG  1 
ATOM   77   S SD  . MET A 1 36  ? 6.560   -4.223  -9.853  1.00 75.48  ? 101 MET A SD  1 
ATOM   78   C CE  . MET A 1 36  ? 6.584   -5.332  -11.270 1.00 67.32  ? 101 MET A CE  1 
ATOM   79   N N   . ILE A 1 37  ? 2.082   -3.041  -13.320 1.00 56.60  ? 102 ILE A N   1 
ATOM   80   C CA  . ILE A 1 37  ? 1.483   -2.631  -14.586 1.00 61.69  ? 102 ILE A CA  1 
ATOM   81   C C   . ILE A 1 37  ? 0.280   -1.740  -14.334 1.00 61.20  ? 102 ILE A C   1 
ATOM   82   O O   . ILE A 1 37  ? 0.132   -0.678  -14.959 1.00 57.13  ? 102 ILE A O   1 
ATOM   83   C CB  . ILE A 1 37  ? 1.095   -3.856  -15.429 1.00 59.90  ? 102 ILE A CB  1 
ATOM   84   C CG1 . ILE A 1 37  ? 2.344   -4.597  -15.912 1.00 69.05  ? 102 ILE A CG1 1 
ATOM   85   C CG2 . ILE A 1 37  ? 0.284   -3.395  -16.629 1.00 61.57  ? 102 ILE A CG2 1 
ATOM   86   C CD1 . ILE A 1 37  ? 3.228   -3.769  -16.852 1.00 67.31  ? 102 ILE A CD1 1 
ATOM   87   N N   . ALA A 1 38  ? -0.575  -2.141  -13.382 1.00 58.26  ? 103 ALA A N   1 
ATOM   88   C CA  . ALA A 1 38  ? -1.772  -1.371  -13.073 1.00 55.64  ? 103 ALA A CA  1 
ATOM   89   C C   . ALA A 1 38  ? -1.407  0.032   -12.607 1.00 54.92  ? 103 ALA A C   1 
ATOM   90   O O   . ALA A 1 38  ? -1.975  1.022   -13.085 1.00 54.61  ? 103 ALA A O   1 
ATOM   91   C CB  . ALA A 1 38  ? -2.607  -2.100  -12.017 1.00 56.31  ? 103 ALA A CB  1 
ATOM   92   N N   . CYS A 1 39  ? -0.464  0.139   -11.669 1.00 53.66  ? 104 CYS A N   1 
ATOM   93   C CA  . CYS A 1 39  ? -0.024  1.466   -11.239 1.00 61.51  ? 104 CYS A CA  1 
ATOM   94   C C   . CYS A 1 39  ? 0.614   2.232   -12.390 1.00 60.55  ? 104 CYS A C   1 
ATOM   95   O O   . CYS A 1 39  ? 0.441   3.451   -12.511 1.00 55.83  ? 104 CYS A O   1 
ATOM   96   C CB  . CYS A 1 39  ? 0.946   1.346   -10.071 1.00 58.82  ? 104 CYS A CB  1 
ATOM   97   S SG  . CYS A 1 39  ? 0.130   0.546   -8.671  1.00 64.71  ? 104 CYS A SG  1 
ATOM   98   N N   . VAL A 1 40  ? 1.329   1.535   -13.263 1.00 52.08  ? 105 VAL A N   1 
ATOM   99   C CA  . VAL A 1 40  ? 1.902   2.212   -14.412 1.00 60.24  ? 105 VAL A CA  1 
ATOM   100  C C   . VAL A 1 40  ? 0.795   2.687   -15.346 1.00 59.81  ? 105 VAL A C   1 
ATOM   101  O O   . VAL A 1 40  ? 0.712   3.874   -15.680 1.00 56.67  ? 105 VAL A O   1 
ATOM   102  C CB  . VAL A 1 40  ? 2.904   1.294   -15.125 1.00 60.53  ? 105 VAL A CB  1 
ATOM   103  C CG1 . VAL A 1 40  ? 3.346   1.939   -16.418 1.00 60.42  ? 105 VAL A CG1 1 
ATOM   104  C CG2 . VAL A 1 40  ? 4.089   1.025   -14.200 1.00 62.61  ? 105 VAL A CG2 1 
ATOM   105  N N   . VAL A 1 41  ? -0.089  1.772   -15.760 1.00 59.44  ? 106 VAL A N   1 
ATOM   106  C CA  . VAL A 1 41  ? -1.227  2.155   -16.598 1.00 59.26  ? 106 VAL A CA  1 
ATOM   107  C C   . VAL A 1 41  ? -2.011  3.308   -15.972 1.00 63.60  ? 106 VAL A C   1 
ATOM   108  O O   . VAL A 1 41  ? -2.389  4.263   -16.664 1.00 65.60  ? 106 VAL A O   1 
ATOM   109  C CB  . VAL A 1 41  ? -2.142  0.947   -16.861 1.00 56.63  ? 106 VAL A CB  1 
ATOM   110  C CG1 . VAL A 1 41  ? -3.393  1.397   -17.576 1.00 59.76  ? 106 VAL A CG1 1 
ATOM   111  C CG2 . VAL A 1 41  ? -1.423  -0.107  -17.682 1.00 60.87  ? 106 VAL A CG2 1 
ATOM   112  N N   . VAL A 1 42  ? -2.274  3.245   -14.658 1.00 60.72  ? 107 VAL A N   1 
ATOM   113  C CA  . VAL A 1 42  ? -2.970  4.359   -14.020 1.00 55.81  ? 107 VAL A CA  1 
ATOM   114  C C   . VAL A 1 42  ? -2.116  5.618   -14.058 1.00 57.24  ? 107 VAL A C   1 
ATOM   115  O O   . VAL A 1 42  ? -2.620  6.707   -14.350 1.00 55.54  ? 107 VAL A O   1 
ATOM   116  C CB  . VAL A 1 42  ? -3.385  4.001   -12.583 1.00 55.97  ? 107 VAL A CB  1 
ATOM   117  C CG1 . VAL A 1 42  ? -4.031  5.226   -11.877 1.00 44.92  ? 107 VAL A CG1 1 
ATOM   118  C CG2 . VAL A 1 42  ? -4.340  2.844   -12.609 1.00 56.29  ? 107 VAL A CG2 1 
ATOM   119  N N   . PHE A 1 43  ? -0.811  5.499   -13.778 1.00 58.90  ? 108 PHE A N   1 
ATOM   120  C CA  . PHE A 1 43  ? 0.044   6.689   -13.797 1.00 62.04  ? 108 PHE A CA  1 
ATOM   121  C C   . PHE A 1 43  ? -0.009  7.374   -15.152 1.00 58.02  ? 108 PHE A C   1 
ATOM   122  O O   . PHE A 1 43  ? -0.160  8.598   -15.244 1.00 57.30  ? 108 PHE A O   1 
ATOM   123  C CB  . PHE A 1 43  ? 1.495   6.343   -13.449 1.00 58.10  ? 108 PHE A CB  1 
ATOM   124  C CG  . PHE A 1 43  ? 2.308   7.538   -13.033 1.00 62.13  ? 108 PHE A CG  1 
ATOM   125  C CD1 . PHE A 1 43  ? 3.363   8.000   -13.827 1.00 55.42  ? 108 PHE A CD1 1 
ATOM   126  C CD2 . PHE A 1 43  ? 1.998   8.222   -11.853 1.00 60.88  ? 108 PHE A CD2 1 
ATOM   127  C CE1 . PHE A 1 43  ? 4.098   9.119   -13.439 1.00 66.14  ? 108 PHE A CE1 1 
ATOM   128  C CE2 . PHE A 1 43  ? 2.732   9.349   -11.453 1.00 66.20  ? 108 PHE A CE2 1 
ATOM   129  C CZ  . PHE A 1 43  ? 3.783   9.799   -12.242 1.00 71.77  ? 108 PHE A CZ  1 
ATOM   130  N N   . ILE A 1 44  ? 0.116   6.583   -16.213 1.00 57.09  ? 109 ILE A N   1 
ATOM   131  C CA  . ILE A 1 44  ? 0.042   7.109   -17.567 1.00 58.45  ? 109 ILE A CA  1 
ATOM   132  C C   . ILE A 1 44  ? -1.292  7.806   -17.792 1.00 64.02  ? 109 ILE A C   1 
ATOM   133  O O   . ILE A 1 44  ? -1.351  8.911   -18.349 1.00 64.39  ? 109 ILE A O   1 
ATOM   134  C CB  . ILE A 1 44  ? 0.274   5.968   -18.570 1.00 63.82  ? 109 ILE A CB  1 
ATOM   135  C CG1 . ILE A 1 44  ? 1.699   5.429   -18.401 1.00 65.89  ? 109 ILE A CG1 1 
ATOM   136  C CG2 . ILE A 1 44  ? -0.006  6.435   -20.004 1.00 71.83  ? 109 ILE A CG2 1 
ATOM   137  C CD1 . ILE A 1 44  ? 2.073   4.321   -19.371 1.00 66.25  ? 109 ILE A CD1 1 
ATOM   138  N N   . ALA A 1 45  ? -2.384  7.182   -17.332 1.00 63.00  ? 110 ALA A N   1 
ATOM   139  C CA  . ALA A 1 45  ? -3.714  7.768   -17.481 1.00 58.58  ? 110 ALA A CA  1 
ATOM   140  C C   . ALA A 1 45  ? -3.843  9.093   -16.745 1.00 61.28  ? 110 ALA A C   1 
ATOM   141  O O   . ALA A 1 45  ? -4.631  9.957   -17.151 1.00 66.89  ? 110 ALA A O   1 
ATOM   142  C CB  . ALA A 1 45  ? -4.770  6.790   -16.985 1.00 54.82  ? 110 ALA A CB  1 
ATOM   143  N N   . MET A 1 46  ? -3.092  9.273   -15.662 1.00 61.48  ? 111 MET A N   1 
ATOM   144  C CA  . MET A 1 46  ? -3.098  10.542  -14.957 1.00 67.49  ? 111 MET A CA  1 
ATOM   145  C C   . MET A 1 46  ? -2.242  11.595  -15.656 1.00 70.18  ? 111 MET A C   1 
ATOM   146  O O   . MET A 1 46  ? -2.444  12.795  -15.433 1.00 72.34  ? 111 MET A O   1 
ATOM   147  C CB  . MET A 1 46  ? -2.632  10.328  -13.508 1.00 67.62  ? 111 MET A CB  1 
ATOM   148  C CG  . MET A 1 46  ? -3.553  9.412   -12.679 1.00 64.23  ? 111 MET A CG  1 
ATOM   149  S SD  . MET A 1 46  ? -2.919  9.006   -11.027 1.00 66.61  ? 111 MET A SD  1 
ATOM   150  C CE  . MET A 1 46  ? -3.222  10.548  -10.145 1.00 60.54  ? 111 MET A CE  1 
ATOM   151  N N   . GLN A 1 47  ? -1.293  11.188  -16.498 1.00 65.88  ? 112 GLN A N   1 
ATOM   152  C CA  . GLN A 1 47  ? -0.555  12.204  -17.234 1.00 68.20  ? 112 GLN A CA  1 
ATOM   153  C C   . GLN A 1 47  ? -1.374  12.720  -18.417 1.00 71.13  ? 112 GLN A C   1 
ATOM   154  O O   . GLN A 1 47  ? -1.411  13.931  -18.656 1.00 69.92  ? 112 GLN A O   1 
ATOM   155  C CB  . GLN A 1 47  ? 0.798   11.656  -17.673 1.00 64.18  ? 112 GLN A CB  1 
ATOM   156  C CG  . GLN A 1 47  ? 1.599   10.982  -16.537 1.00 70.91  ? 112 GLN A CG  1 
ATOM   157  C CD  . GLN A 1 47  ? 1.541   11.728  -15.183 1.00 72.78  ? 112 GLN A CD  1 
ATOM   158  O OE1 . GLN A 1 47  ? 1.889   12.905  -15.084 1.00 74.66  ? 112 GLN A OE1 1 
ATOM   159  N NE2 . GLN A 1 47  ? 1.111   11.020  -14.136 1.00 71.41  ? 112 GLN A NE2 1 
ATOM   160  N N   . ILE A 1 48  ? -2.085  11.821  -19.114 1.00 68.30  ? 113 ILE A N   1 
ATOM   161  C CA  . ILE A 1 48  ? -2.882  12.193  -20.292 1.00 69.55  ? 113 ILE A CA  1 
ATOM   162  C C   . ILE A 1 48  ? -4.106  13.003  -19.885 1.00 71.16  ? 113 ILE A C   1 
ATOM   163  O O   . ILE A 1 48  ? -4.347  14.104  -20.397 1.00 74.06  ? 113 ILE A O   1 
ATOM   164  C CB  . ILE A 1 48  ? -3.329  10.944  -21.071 1.00 67.25  ? 113 ILE A CB  1 
ATOM   165  C CG1 . ILE A 1 48  ? -2.145  10.129  -21.571 1.00 65.57  ? 113 ILE A CG1 1 
ATOM   166  C CG2 . ILE A 1 48  ? -4.277  11.332  -22.200 1.00 63.42  ? 113 ILE A CG2 1 
ATOM   167  C CD1 . ILE A 1 48  ? -2.541  8.705   -21.888 1.00 63.33  ? 113 ILE A CD1 1 
ATOM   168  N N   . LEU A 1 49  ? -4.931  12.434  -19.009 1.00 72.66  ? 114 LEU A N   1 
ATOM   169  C CA  . LEU A 1 49  ? -6.180  13.052  -18.590 1.00 71.45  ? 114 LEU A CA  1 
ATOM   170  C C   . LEU A 1 49  ? -6.010  13.986  -17.396 1.00 72.39  ? 114 LEU A C   1 
ATOM   171  O O   . LEU A 1 49  ? -6.959  14.692  -17.033 1.00 79.82  ? 114 LEU A O   1 
ATOM   172  C CB  . LEU A 1 49  ? -7.206  11.956  -18.267 1.00 69.71  ? 114 LEU A CB  1 
ATOM   173  C CG  . LEU A 1 49  ? -7.214  10.738  -19.196 1.00 65.81  ? 114 LEU A CG  1 
ATOM   174  C CD1 . LEU A 1 49  ? -7.863  9.543   -18.550 1.00 64.34  ? 114 LEU A CD1 1 
ATOM   175  C CD2 . LEU A 1 49  ? -7.912  11.049  -20.513 1.00 75.47  ? 114 LEU A CD2 1 
ATOM   176  N N   . GLY A 1 50  ? -4.834  14.019  -16.786 1.00 69.48  ? 115 GLY A N   1 
ATOM   177  C CA  . GLY A 1 50  ? -4.691  14.839  -15.589 1.00 75.87  ? 115 GLY A CA  1 
ATOM   178  C C   . GLY A 1 50  ? -5.117  14.104  -14.335 1.00 72.13  ? 115 GLY A C   1 
ATOM   179  O O   . GLY A 1 50  ? -6.005  13.254  -14.350 1.00 71.70  ? 115 GLY A O   1 
ATOM   180  N N   . ASP A 1 51  ? -4.449  14.434  -13.221 1.00 70.07  ? 116 ASP A N   1 
ATOM   181  C CA  . ASP A 1 51  ? -4.712  13.741  -11.959 1.00 73.03  ? 116 ASP A CA  1 
ATOM   182  C C   . ASP A 1 51  ? -6.187  13.837  -11.572 1.00 73.73  ? 116 ASP A C   1 
ATOM   183  O O   . ASP A 1 51  ? -6.807  12.837  -11.191 1.00 67.96  ? 116 ASP A O   1 
ATOM   184  C CB  . ASP A 1 51  ? -3.837  14.314  -10.834 1.00 74.52  ? 116 ASP A CB  1 
ATOM   185  C CG  . ASP A 1 51  ? -2.353  13.992  -11.000 1.00 78.04  ? 116 ASP A CG  1 
ATOM   186  O OD1 . ASP A 1 51  ? -2.007  13.292  -11.976 1.00 78.82  ? 116 ASP A OD1 1 
ATOM   187  O OD2 . ASP A 1 51  ? -1.532  14.429  -10.148 1.00 77.22  ? 116 ASP A OD2 1 
ATOM   188  N N   . GLN A 1 52  ? -6.770  15.029  -11.706 1.00 79.40  ? 117 GLN A N   1 
ATOM   189  C CA  . GLN A 1 52  ? -8.099  15.293  -11.166 1.00 74.50  ? 117 GLN A CA  1 
ATOM   190  C C   . GLN A 1 52  ? -9.156  14.373  -11.761 1.00 72.89  ? 117 GLN A C   1 
ATOM   191  O O   . GLN A 1 52  ? -9.992  13.820  -11.040 1.00 73.45  ? 117 GLN A O   1 
ATOM   192  C CB  . GLN A 1 52  ? -8.456  16.747  -11.424 1.00 73.57  ? 117 GLN A CB  1 
ATOM   193  C CG  . GLN A 1 52  ? -8.173  17.651  -10.270 1.00 81.91  ? 117 GLN A CG  1 
ATOM   194  C CD  . GLN A 1 52  ? -9.074  17.367  -9.070  1.00 94.62  ? 117 GLN A CD  1 
ATOM   195  O OE1 . GLN A 1 52  ? -9.726  16.324  -8.980  1.00 117.34 ? 117 GLN A OE1 1 
ATOM   196  N NE2 . GLN A 1 52  ? -9.135  18.324  -8.152  1.00 95.42  ? 117 GLN A NE2 1 
ATOM   197  N N   . GLU A 1 53  ? -9.140  14.199  -13.077 1.00 75.15  ? 118 GLU A N   1 
ATOM   198  C CA  . GLU A 1 53  ? -10.165 13.384  -13.710 1.00 77.86  ? 118 GLU A CA  1 
ATOM   199  C C   . GLU A 1 53  ? -10.040 11.914  -13.313 1.00 74.17  ? 118 GLU A C   1 
ATOM   200  O O   . GLU A 1 53  ? -11.052 11.202  -13.262 1.00 69.67  ? 118 GLU A O   1 
ATOM   201  C CB  . GLU A 1 53  ? -10.098 13.555  -15.237 1.00 81.21  ? 118 GLU A CB  1 
ATOM   202  C CG  . GLU A 1 53  ? -11.470 13.622  -15.960 1.00 88.15  ? 118 GLU A CG  1 
ATOM   203  C CD  . GLU A 1 53  ? -12.365 14.765  -15.468 1.00 97.24  ? 118 GLU A CD  1 
ATOM   204  O OE1 . GLU A 1 53  ? -13.450 14.480  -14.917 1.00 102.69 ? 118 GLU A OE1 1 
ATOM   205  O OE2 . GLU A 1 53  ? -11.980 15.946  -15.627 1.00 98.01  ? 118 GLU A OE2 1 
ATOM   206  N N   . VAL A 1 54  ? -8.822  11.440  -13.031 1.00 68.63  ? 119 VAL A N   1 
ATOM   207  C CA  . VAL A 1 54  ? -8.682  10.045  -12.615 1.00 71.88  ? 119 VAL A CA  1 
ATOM   208  C C   . VAL A 1 54  ? -9.078  9.885   -11.145 1.00 68.08  ? 119 VAL A C   1 
ATOM   209  O O   . VAL A 1 54  ? -9.588  8.830   -10.750 1.00 60.27  ? 119 VAL A O   1 
ATOM   210  C CB  . VAL A 1 54  ? -7.255  9.516   -12.872 1.00 70.01  ? 119 VAL A CB  1 
ATOM   211  C CG1 . VAL A 1 54  ? -7.146  8.019   -12.512 1.00 65.89  ? 119 VAL A CG1 1 
ATOM   212  C CG2 . VAL A 1 54  ? -6.834  9.745   -14.317 1.00 66.27  ? 119 VAL A CG2 1 
ATOM   213  N N   . MET A 1 55  ? -8.845  10.908  -10.317 1.00 64.19  ? 120 MET A N   1 
ATOM   214  C CA  . MET A 1 55  ? -9.382  10.882  -8.965  1.00 67.31  ? 120 MET A CA  1 
ATOM   215  C C   . MET A 1 55  ? -10.897 10.726  -8.995  1.00 71.16  ? 120 MET A C   1 
ATOM   216  O O   . MET A 1 55  ? -11.466 9.932   -8.233  1.00 65.14  ? 120 MET A O   1 
ATOM   217  C CB  . MET A 1 55  ? -8.980  12.150  -8.217  1.00 69.53  ? 120 MET A CB  1 
ATOM   218  C CG  . MET A 1 55  ? -7.467  12.337  -8.098  1.00 77.28  ? 120 MET A CG  1 
ATOM   219  S SD  . MET A 1 55  ? -6.995  13.275  -6.623  1.00 94.94  ? 120 MET A SD  1 
ATOM   220  C CE  . MET A 1 55  ? -7.458  12.125  -5.313  1.00 77.64  ? 120 MET A CE  1 
ATOM   221  N N   . LEU A 1 56  ? -11.565 11.443  -9.903  1.00 68.86  ? 121 LEU A N   1 
ATOM   222  C CA  . LEU A 1 56  ? -13.019 11.362  -9.968  1.00 70.11  ? 121 LEU A CA  1 
ATOM   223  C C   . LEU A 1 56  ? -13.508 9.933   -10.180 1.00 66.79  ? 121 LEU A C   1 
ATOM   224  O O   . LEU A 1 56  ? -14.556 9.567   -9.648  1.00 62.44  ? 121 LEU A O   1 
ATOM   225  C CB  . LEU A 1 56  ? -13.554 12.275  -11.070 1.00 74.76  ? 121 LEU A CB  1 
ATOM   226  C CG  . LEU A 1 56  ? -13.610 13.773  -10.766 1.00 76.23  ? 121 LEU A CG  1 
ATOM   227  C CD1 . LEU A 1 56  ? -14.466 14.463  -11.827 1.00 74.21  ? 121 LEU A CD1 1 
ATOM   228  C CD2 . LEU A 1 56  ? -14.172 14.005  -9.382  1.00 68.98  ? 121 LEU A CD2 1 
ATOM   229  N N   . TRP A 1 57  ? -12.762 9.103   -10.918 1.00 66.07  ? 122 TRP A N   1 
ATOM   230  C CA  . TRP A 1 57  ? -13.203 7.733   -11.174 1.00 62.77  ? 122 TRP A CA  1 
ATOM   231  C C   . TRP A 1 57  ? -12.629 6.696   -10.203 1.00 63.75  ? 122 TRP A C   1 
ATOM   232  O O   . TRP A 1 57  ? -13.282 5.679   -9.953  1.00 62.08  ? 122 TRP A O   1 
ATOM   233  C CB  . TRP A 1 57  ? -12.871 7.316   -12.615 1.00 70.94  ? 122 TRP A CB  1 
ATOM   234  C CG  . TRP A 1 57  ? -13.907 7.765   -13.687 1.00 93.73  ? 122 TRP A CG  1 
ATOM   235  C CD1 . TRP A 1 57  ? -13.707 8.681   -14.688 1.00 96.92  ? 122 TRP A CD1 1 
ATOM   236  C CD2 . TRP A 1 57  ? -15.273 7.309   -13.841 1.00 102.28 ? 122 TRP A CD2 1 
ATOM   237  N NE1 . TRP A 1 57  ? -14.846 8.819   -15.450 1.00 103.46 ? 122 TRP A NE1 1 
ATOM   238  C CE2 . TRP A 1 57  ? -15.821 7.995   -14.952 1.00 112.67 ? 122 TRP A CE2 1 
ATOM   239  C CE3 . TRP A 1 57  ? -16.081 6.396   -13.150 1.00 105.89 ? 122 TRP A CE3 1 
ATOM   240  C CZ2 . TRP A 1 57  ? -17.142 7.790   -15.387 1.00 114.39 ? 122 TRP A CZ2 1 
ATOM   241  C CZ3 . TRP A 1 57  ? -17.402 6.198   -13.587 1.00 111.05 ? 122 TRP A CZ3 1 
ATOM   242  C CH2 . TRP A 1 57  ? -17.911 6.890   -14.692 1.00 112.99 ? 122 TRP A CH2 1 
ATOM   243  N N   . LEU A 1 58  ? -11.448 6.904   -9.622  1.00 60.54  ? 123 LEU A N   1 
ATOM   244  C CA  . LEU A 1 58  ? -10.849 5.855   -8.813  1.00 54.75  ? 123 LEU A CA  1 
ATOM   245  C C   . LEU A 1 58  ? -10.765 6.170   -7.327  1.00 54.22  ? 123 LEU A C   1 
ATOM   246  O O   . LEU A 1 58  ? -10.436 5.265   -6.550  1.00 50.90  ? 123 LEU A O   1 
ATOM   247  C CB  . LEU A 1 58  ? -9.442  5.531   -9.314  1.00 55.18  ? 123 LEU A CB  1 
ATOM   248  C CG  . LEU A 1 58  ? -9.284  4.948   -10.695 1.00 57.91  ? 123 LEU A CG  1 
ATOM   249  C CD1 . LEU A 1 58  ? -7.836  4.440   -10.845 1.00 54.39  ? 123 LEU A CD1 1 
ATOM   250  C CD2 . LEU A 1 58  ? -10.317 3.859   -10.930 1.00 52.22  ? 123 LEU A CD2 1 
ATOM   251  N N   . ALA A 1 59  ? -11.020 7.414   -6.912  1.00 55.91  ? 124 ALA A N   1 
ATOM   252  C CA  . ALA A 1 59  ? -10.929 7.766   -5.495  1.00 53.79  ? 124 ALA A CA  1 
ATOM   253  C C   . ALA A 1 59  ? -11.982 7.033   -4.683  1.00 57.13  ? 124 ALA A C   1 
ATOM   254  O O   . ALA A 1 59  ? -13.053 6.672   -5.188  1.00 52.21  ? 124 ALA A O   1 
ATOM   255  C CB  . ALA A 1 59  ? -11.108 9.273   -5.268  1.00 46.88  ? 124 ALA A CB  1 
ATOM   256  N N   . TRP A 1 60  ? -11.663 6.835   -3.404  1.00 54.42  ? 125 TRP A N   1 
ATOM   257  C CA  . TRP A 1 60  ? -12.592 6.418   -2.372  1.00 53.21  ? 125 TRP A CA  1 
ATOM   258  C C   . TRP A 1 60  ? -13.870 7.224   -2.518  1.00 56.55  ? 125 TRP A C   1 
ATOM   259  O O   . TRP A 1 60  ? -13.805 8.421   -2.832  1.00 57.85  ? 125 TRP A O   1 
ATOM   260  C CB  . TRP A 1 60  ? -11.980 6.647   -0.997  1.00 54.43  ? 125 TRP A CB  1 
ATOM   261  C CG  . TRP A 1 60  ? -12.771 6.062   0.158   1.00 55.28  ? 125 TRP A CG  1 
ATOM   262  C CD1 . TRP A 1 60  ? -13.817 6.636   0.807   1.00 53.12  ? 125 TRP A CD1 1 
ATOM   263  C CD2 . TRP A 1 60  ? -12.537 4.805   0.803   1.00 52.15  ? 125 TRP A CD2 1 
ATOM   264  N NE1 . TRP A 1 60  ? -14.245 5.822   1.830   1.00 54.43  ? 125 TRP A NE1 1 
ATOM   265  C CE2 . TRP A 1 60  ? -13.484 4.685   1.841   1.00 53.35  ? 125 TRP A CE2 1 
ATOM   266  C CE3 . TRP A 1 60  ? -11.607 3.771   0.612   1.00 54.40  ? 125 TRP A CE3 1 
ATOM   267  C CZ2 . TRP A 1 60  ? -13.541 3.570   2.677   1.00 53.21  ? 125 TRP A CZ2 1 
ATOM   268  C CZ3 . TRP A 1 60  ? -11.665 2.656   1.443   1.00 56.00  ? 125 TRP A CZ3 1 
ATOM   269  C CH2 . TRP A 1 60  ? -12.624 2.567   2.464   1.00 53.33  ? 125 TRP A CH2 1 
ATOM   270  N N   . PRO A 1 61  ? -15.043 6.619   -2.298  1.00 59.81  ? 126 PRO A N   1 
ATOM   271  C CA  . PRO A 1 61  ? -16.298 7.351   -2.549  1.00 64.73  ? 126 PRO A CA  1 
ATOM   272  C C   . PRO A 1 61  ? -16.354 8.658   -1.786  1.00 61.26  ? 126 PRO A C   1 
ATOM   273  O O   . PRO A 1 61  ? -16.322 8.692   -0.551  1.00 63.12  ? 126 PRO A O   1 
ATOM   274  C CB  . PRO A 1 61  ? -17.387 6.368   -2.095  1.00 57.74  ? 126 PRO A CB  1 
ATOM   275  C CG  . PRO A 1 61  ? -16.754 5.012   -2.312  1.00 59.68  ? 126 PRO A CG  1 
ATOM   276  C CD  . PRO A 1 61  ? -15.283 5.209   -1.938  1.00 55.98  ? 126 PRO A CD  1 
ATOM   277  N N   . PHE A 1 62  ? -16.379 9.749   -2.541  1.00 60.73  ? 127 PHE A N   1 
ATOM   278  C CA  . PHE A 1 62  ? -16.447 11.084  -1.978  1.00 66.39  ? 127 PHE A CA  1 
ATOM   279  C C   . PHE A 1 62  ? -17.844 11.666  -2.073  1.00 71.51  ? 127 PHE A C   1 
ATOM   280  O O   . PHE A 1 62  ? -18.030 12.856  -1.808  1.00 76.39  ? 127 PHE A O   1 
ATOM   281  C CB  . PHE A 1 62  ? -15.447 12.008  -2.673  1.00 65.44  ? 127 PHE A CB  1 
ATOM   282  C CG  . PHE A 1 62  ? -15.556 11.994  -4.157  1.00 60.08  ? 127 PHE A CG  1 
ATOM   283  C CD1 . PHE A 1 62  ? -14.888 11.044  -4.898  1.00 60.05  ? 127 PHE A CD1 1 
ATOM   284  C CD2 . PHE A 1 62  ? -16.330 12.917  -4.806  1.00 61.14  ? 127 PHE A CD2 1 
ATOM   285  C CE1 . PHE A 1 62  ? -14.976 11.018  -6.263  1.00 61.45  ? 127 PHE A CE1 1 
ATOM   286  C CE2 . PHE A 1 62  ? -16.422 12.897  -6.172  1.00 67.62  ? 127 PHE A CE2 1 
ATOM   287  C CZ  . PHE A 1 62  ? -15.744 11.946  -6.904  1.00 66.95  ? 127 PHE A CZ  1 
ATOM   288  N N   . ASP A 1 63  ? -18.829 10.852  -2.441  1.00 74.09  ? 128 ASP A N   1 
ATOM   289  C CA  . ASP A 1 63  ? -20.208 11.268  -2.431  1.00 80.19  ? 128 ASP A CA  1 
ATOM   290  C C   . ASP A 1 63  ? -21.112 10.067  -2.206  1.00 80.98  ? 128 ASP A C   1 
ATOM   291  O O   . ASP A 1 63  ? -20.820 8.976   -2.719  1.00 75.81  ? 128 ASP A O   1 
ATOM   292  C CB  . ASP A 1 63  ? -20.595 11.948  -3.737  1.00 84.45  ? 128 ASP A CB  1 
ATOM   293  C CG  . ASP A 1 63  ? -21.967 12.556  -3.676  1.00 93.51  ? 128 ASP A CG  1 
ATOM   294  O OD1 . ASP A 1 63  ? -22.063 13.759  -3.327  1.00 96.89  ? 128 ASP A OD1 1 
ATOM   295  O OD2 . ASP A 1 63  ? -22.940 11.821  -3.965  1.00 88.96  ? 128 ASP A OD2 1 
ATOM   296  N N   . PRO A 1 64  ? -22.193 10.233  -1.433  1.00 87.77  ? 129 PRO A N   1 
ATOM   297  C CA  . PRO A 1 64  ? -23.226 9.178   -1.323  1.00 84.83  ? 129 PRO A CA  1 
ATOM   298  C C   . PRO A 1 64  ? -23.521 8.443   -2.631  1.00 79.80  ? 129 PRO A C   1 
ATOM   299  O O   . PRO A 1 64  ? -23.636 7.212   -2.656  1.00 74.10  ? 129 PRO A O   1 
ATOM   300  C CB  . PRO A 1 64  ? -24.472 9.954   -0.845  1.00 89.67  ? 129 PRO A CB  1 
ATOM   301  C CG  . PRO A 1 64  ? -24.044 11.460  -0.839  1.00 92.33  ? 129 PRO A CG  1 
ATOM   302  C CD  . PRO A 1 64  ? -22.544 11.418  -0.635  1.00 87.83  ? 129 PRO A CD  1 
ATOM   303  N N   . THR A 1 65  ? -23.638 9.197   -3.729  1.00 79.62  ? 130 THR A N   1 
ATOM   304  C CA  . THR A 1 65  ? -23.920 8.596   -5.034  1.00 79.93  ? 130 THR A CA  1 
ATOM   305  C C   . THR A 1 65  ? -22.950 7.476   -5.369  1.00 82.28  ? 130 THR A C   1 
ATOM   306  O O   . THR A 1 65  ? -23.316 6.505   -6.047  1.00 75.70  ? 130 THR A O   1 
ATOM   307  C CB  . THR A 1 65  ? -23.833 9.653   -6.125  1.00 84.08  ? 130 THR A CB  1 
ATOM   308  O OG1 . THR A 1 65  ? -24.499 10.840  -5.681  1.00 93.08  ? 130 THR A OG1 1 
ATOM   309  C CG2 . THR A 1 65  ? -24.457 9.132   -7.420  1.00 86.65  ? 130 THR A CG2 1 
ATOM   310  N N   . LEU A 1 66  ? -21.698 7.608   -4.920  1.00 79.14  ? 131 LEU A N   1 
ATOM   311  C CA  . LEU A 1 66  ? -20.636 6.702   -5.320  1.00 70.85  ? 131 LEU A CA  1 
ATOM   312  C C   . LEU A 1 66  ? -20.508 5.496   -4.410  1.00 71.28  ? 131 LEU A C   1 
ATOM   313  O O   . LEU A 1 66  ? -19.811 4.546   -4.789  1.00 68.03  ? 131 LEU A O   1 
ATOM   314  C CB  . LEU A 1 66  ? -19.311 7.464   -5.399  1.00 68.78  ? 131 LEU A CB  1 
ATOM   315  C CG  . LEU A 1 66  ? -19.430 8.639   -6.383  1.00 74.11  ? 131 LEU A CG  1 
ATOM   316  C CD1 . LEU A 1 66  ? -18.190 9.531   -6.417  1.00 68.55  ? 131 LEU A CD1 1 
ATOM   317  C CD2 . LEU A 1 66  ? -19.766 8.116   -7.781  1.00 68.16  ? 131 LEU A CD2 1 
ATOM   318  N N   . LYS A 1 67  ? -21.180 5.516   -3.244  1.00 69.85  ? 132 LYS A N   1 
ATOM   319  C CA  . LYS A 1 67  ? -21.312 4.414   -2.289  1.00 62.29  ? 132 LYS A CA  1 
ATOM   320  C C   . LYS A 1 67  ? -21.138 3.037   -2.905  1.00 61.65  ? 132 LYS A C   1 
ATOM   321  O O   . LYS A 1 67  ? -20.448 2.183   -2.345  1.00 60.61  ? 132 LYS A O   1 
ATOM   322  C CB  . LYS A 1 67  ? -22.698 4.439   -1.631  1.00 71.95  ? 132 LYS A CB  1 
ATOM   323  C CG  . LYS A 1 67  ? -22.861 5.334   -0.432  1.00 77.80  ? 132 LYS A CG  1 
ATOM   324  C CD  . LYS A 1 67  ? -24.263 5.210   0.157   1.00 76.08  ? 132 LYS A CD  1 
ATOM   325  C CE  . LYS A 1 67  ? -24.517 6.266   1.244   1.00 91.88  ? 132 LYS A CE  1 
ATOM   326  N NZ  . LYS A 1 67  ? -23.638 6.161   2.480   1.00 81.12  ? 132 LYS A NZ  1 
ATOM   327  N N   . PHE A 1 68  ? -21.800 2.797   -4.034  1.00 65.09  ? 133 PHE A N   1 
ATOM   328  C CA  . PHE A 1 68  ? -21.875 1.464   -4.608  1.00 68.82  ? 133 PHE A CA  1 
ATOM   329  C C   . PHE A 1 68  ? -20.942 1.258   -5.782  1.00 65.17  ? 133 PHE A C   1 
ATOM   330  O O   . PHE A 1 68  ? -20.982 0.195   -6.394  1.00 66.34  ? 133 PHE A O   1 
ATOM   331  C CB  . PHE A 1 68  ? -23.301 1.156   -5.051  1.00 69.70  ? 133 PHE A CB  1 
ATOM   332  C CG  . PHE A 1 68  ? -24.312 1.322   -3.966  1.00 71.96  ? 133 PHE A CG  1 
ATOM   333  C CD1 . PHE A 1 68  ? -24.483 0.335   -3.007  1.00 69.72  ? 133 PHE A CD1 1 
ATOM   334  C CD2 . PHE A 1 68  ? -25.092 2.469   -3.900  1.00 74.17  ? 133 PHE A CD2 1 
ATOM   335  C CE1 . PHE A 1 68  ? -25.427 0.489   -1.996  1.00 76.43  ? 133 PHE A CE1 1 
ATOM   336  C CE2 . PHE A 1 68  ? -26.033 2.631   -2.888  1.00 79.39  ? 133 PHE A CE2 1 
ATOM   337  C CZ  . PHE A 1 68  ? -26.202 1.642   -1.938  1.00 75.85  ? 133 PHE A CZ  1 
ATOM   338  N N   . GLU A 1 69  ? -20.131 2.244   -6.140  1.00 65.25  ? 134 GLU A N   1 
ATOM   339  C CA  . GLU A 1 69  ? -19.054 1.989   -7.095  1.00 66.91  ? 134 GLU A CA  1 
ATOM   340  C C   . GLU A 1 69  ? -17.923 1.315   -6.314  1.00 65.92  ? 134 GLU A C   1 
ATOM   341  O O   . GLU A 1 69  ? -17.056 1.972   -5.738  1.00 64.31  ? 134 GLU A O   1 
ATOM   342  C CB  . GLU A 1 69  ? -18.635 3.282   -7.780  1.00 63.75  ? 134 GLU A CB  1 
ATOM   343  C CG  . GLU A 1 69  ? -19.788 3.874   -8.595  1.00 72.14  ? 134 GLU A CG  1 
ATOM   344  C CD  . GLU A 1 69  ? -19.418 5.110   -9.409  1.00 75.33  ? 134 GLU A CD  1 
ATOM   345  O OE1 . GLU A 1 69  ? -18.221 5.483   -9.453  1.00 71.99  ? 134 GLU A OE1 1 
ATOM   346  O OE2 . GLU A 1 69  ? -20.341 5.706   -10.014 1.00 83.48  ? 134 GLU A OE2 1 
ATOM   347  N N   . PHE A 1 70  ? -17.937 -0.028  -6.299  1.00 67.03  ? 135 PHE A N   1 
ATOM   348  C CA  . PHE A 1 70  ? -17.190 -0.788  -5.296  1.00 60.83  ? 135 PHE A CA  1 
ATOM   349  C C   . PHE A 1 70  ? -15.693 -0.823  -5.557  1.00 59.88  ? 135 PHE A C   1 
ATOM   350  O O   . PHE A 1 70  ? -14.920 -0.992  -4.601  1.00 60.31  ? 135 PHE A O   1 
ATOM   351  C CB  . PHE A 1 70  ? -17.721 -2.215  -5.203  1.00 61.09  ? 135 PHE A CB  1 
ATOM   352  C CG  . PHE A 1 70  ? -19.126 -2.275  -4.720  1.00 72.78  ? 135 PHE A CG  1 
ATOM   353  C CD1 . PHE A 1 70  ? -19.402 -2.252  -3.363  1.00 64.99  ? 135 PHE A CD1 1 
ATOM   354  C CD2 . PHE A 1 70  ? -20.179 -2.326  -5.616  1.00 67.19  ? 135 PHE A CD2 1 
ATOM   355  C CE1 . PHE A 1 70  ? -20.702 -2.284  -2.914  1.00 68.01  ? 135 PHE A CE1 1 
ATOM   356  C CE2 . PHE A 1 70  ? -21.484 -2.358  -5.162  1.00 72.51  ? 135 PHE A CE2 1 
ATOM   357  C CZ  . PHE A 1 70  ? -21.744 -2.332  -3.812  1.00 67.36  ? 135 PHE A CZ  1 
ATOM   358  N N   . TRP A 1 71  ? -15.263 -0.703  -6.822  1.00 55.35  ? 136 TRP A N   1 
ATOM   359  C CA  . TRP A 1 71  ? -13.828 -0.680  -7.111  1.00 53.69  ? 136 TRP A CA  1 
ATOM   360  C C   . TRP A 1 71  ? -13.127 0.404   -6.292  1.00 55.19  ? 136 TRP A C   1 
ATOM   361  O O   . TRP A 1 71  ? -11.983 0.209   -5.867  1.00 56.54  ? 136 TRP A O   1 
ATOM   362  C CB  . TRP A 1 71  ? -13.566 -0.493  -8.624  1.00 46.97  ? 136 TRP A CB  1 
ATOM   363  C CG  . TRP A 1 71  ? -14.081 0.814   -9.161  1.00 54.15  ? 136 TRP A CG  1 
ATOM   364  C CD1 . TRP A 1 71  ? -13.409 2.003   -9.195  1.00 52.44  ? 136 TRP A CD1 1 
ATOM   365  C CD2 . TRP A 1 71  ? -15.397 1.080   -9.698  1.00 58.21  ? 136 TRP A CD2 1 
ATOM   366  N NE1 . TRP A 1 71  ? -14.215 2.988   -9.724  1.00 55.04  ? 136 TRP A NE1 1 
ATOM   367  C CE2 . TRP A 1 71  ? -15.437 2.449   -10.039 1.00 58.23  ? 136 TRP A CE2 1 
ATOM   368  C CE3 . TRP A 1 71  ? -16.541 0.297   -9.910  1.00 52.35  ? 136 TRP A CE3 1 
ATOM   369  C CZ2 . TRP A 1 71  ? -16.573 3.048   -10.591 1.00 59.14  ? 136 TRP A CZ2 1 
ATOM   370  C CZ3 . TRP A 1 71  ? -17.651 0.890   -10.462 1.00 53.24  ? 136 TRP A CZ3 1 
ATOM   371  C CH2 . TRP A 1 71  ? -17.662 2.251   -10.797 1.00 56.15  ? 136 TRP A CH2 1 
ATOM   372  N N   . ARG A 1 72  ? -13.827 1.509   -5.994  1.00 52.84  ? 137 ARG A N   1 
ATOM   373  C CA  . ARG A 1 72  ? -13.218 2.639   -5.299  1.00 51.03  ? 137 ARG A CA  1 
ATOM   374  C C   . ARG A 1 72  ? -12.697 2.263   -3.911  1.00 60.64  ? 137 ARG A C   1 
ATOM   375  O O   . ARG A 1 72  ? -11.778 2.917   -3.391  1.00 58.36  ? 137 ARG A O   1 
ATOM   376  C CB  . ARG A 1 72  ? -14.216 3.783   -5.167  1.00 51.49  ? 137 ARG A CB  1 
ATOM   377  C CG  . ARG A 1 72  ? -14.785 4.320   -6.456  1.00 55.85  ? 137 ARG A CG  1 
ATOM   378  C CD  . ARG A 1 72  ? -15.740 5.467   -6.142  1.00 59.28  ? 137 ARG A CD  1 
ATOM   379  N NE  . ARG A 1 72  ? -16.344 6.026   -7.344  1.00 66.59  ? 137 ARG A NE  1 
ATOM   380  C CZ  . ARG A 1 72  ? -15.859 7.058   -8.028  1.00 64.15  ? 137 ARG A CZ  1 
ATOM   381  N NH1 . ARG A 1 72  ? -14.739 7.665   -7.645  1.00 60.32  ? 137 ARG A NH1 1 
ATOM   382  N NH2 . ARG A 1 72  ? -16.503 7.477   -9.104  1.00 67.36  ? 137 ARG A NH2 1 
ATOM   383  N N   . TYR A 1 73  ? -13.261 1.236   -3.278  1.00 54.36  ? 138 TYR A N   1 
ATOM   384  C CA  . TYR A 1 73  ? -12.717 0.913   -1.968  1.00 55.92  ? 138 TYR A CA  1 
ATOM   385  C C   . TYR A 1 73  ? -11.319 0.306   -2.073  1.00 55.67  ? 138 TYR A C   1 
ATOM   386  O O   . TYR A 1 73  ? -10.648 0.139   -1.041  1.00 55.41  ? 138 TYR A O   1 
ATOM   387  C CB  . TYR A 1 73  ? -13.700 -0.001  -1.202  1.00 54.66  ? 138 TYR A CB  1 
ATOM   388  C CG  . TYR A 1 73  ? -15.024 0.691   -0.934  1.00 57.10  ? 138 TYR A CG  1 
ATOM   389  C CD1 . TYR A 1 73  ? -16.183 0.336   -1.639  1.00 56.02  ? 138 TYR A CD1 1 
ATOM   390  C CD2 . TYR A 1 73  ? -15.113 1.728   -0.008  1.00 53.67  ? 138 TYR A CD2 1 
ATOM   391  C CE1 . TYR A 1 73  ? -17.387 0.990   -1.419  1.00 49.49  ? 138 TYR A CE1 1 
ATOM   392  C CE2 . TYR A 1 73  ? -16.317 2.380   0.227   1.00 54.39  ? 138 TYR A CE2 1 
ATOM   393  C CZ  . TYR A 1 73  ? -17.446 2.009   -0.488  1.00 58.11  ? 138 TYR A CZ  1 
ATOM   394  O OH  . TYR A 1 73  ? -18.633 2.675   -0.267  1.00 64.12  ? 138 TYR A OH  1 
ATOM   395  N N   . PHE A 1 74  ? -10.854 0.017   -3.291  1.00 48.73  ? 139 PHE A N   1 
ATOM   396  C CA  . PHE A 1 74  ? -9.510  -0.502  -3.509  1.00 52.41  ? 139 PHE A CA  1 
ATOM   397  C C   . PHE A 1 74  ? -8.654  0.352   -4.437  1.00 55.34  ? 139 PHE A C   1 
ATOM   398  O O   . PHE A 1 74  ? -7.435  0.410   -4.237  1.00 53.51  ? 139 PHE A O   1 
ATOM   399  C CB  . PHE A 1 74  ? -9.564  -1.927  -4.075  1.00 47.19  ? 139 PHE A CB  1 
ATOM   400  C CG  . PHE A 1 74  ? -10.507 -2.830  -3.337  1.00 56.83  ? 139 PHE A CG  1 
ATOM   401  C CD1 . PHE A 1 74  ? -11.848 -2.891  -3.688  1.00 56.45  ? 139 PHE A CD1 1 
ATOM   402  C CD2 . PHE A 1 74  ? -10.061 -3.609  -2.284  1.00 60.58  ? 139 PHE A CD2 1 
ATOM   403  C CE1 . PHE A 1 74  ? -12.717 -3.710  -3.008  1.00 53.78  ? 139 PHE A CE1 1 
ATOM   404  C CE2 . PHE A 1 74  ? -10.926 -4.435  -1.595  1.00 55.56  ? 139 PHE A CE2 1 
ATOM   405  C CZ  . PHE A 1 74  ? -12.249 -4.487  -1.956  1.00 58.09  ? 139 PHE A CZ  1 
ATOM   406  N N   . THR A 1 75  ? -9.244  1.034   -5.424  1.00 52.49  ? 140 THR A N   1 
ATOM   407  C CA  . THR A 1 75  ? -8.422  1.582   -6.499  1.00 56.75  ? 140 THR A CA  1 
ATOM   408  C C   . THR A 1 75  ? -7.650  2.835   -6.091  1.00 55.75  ? 140 THR A C   1 
ATOM   409  O O   . THR A 1 75  ? -6.710  3.202   -6.802  1.00 58.70  ? 140 THR A O   1 
ATOM   410  C CB  . THR A 1 75  ? -9.265  1.874   -7.764  1.00 55.16  ? 140 THR A CB  1 
ATOM   411  O OG1 . THR A 1 75  ? -10.350 2.777   -7.472  1.00 52.49  ? 140 THR A OG1 1 
ATOM   412  C CG2 . THR A 1 75  ? -9.813  0.580   -8.350  1.00 45.40  ? 140 THR A CG2 1 
ATOM   413  N N   . HIS A 1 76  ? -8.004  3.496   -4.978  1.00 50.48  ? 141 HIS A N   1 
ATOM   414  C CA  . HIS A 1 76  ? -7.138  4.557   -4.451  1.00 53.44  ? 141 HIS A CA  1 
ATOM   415  C C   . HIS A 1 76  ? -5.686  4.092   -4.320  1.00 50.29  ? 141 HIS A C   1 
ATOM   416  O O   . HIS A 1 76  ? -4.764  4.883   -4.532  1.00 51.93  ? 141 HIS A O   1 
ATOM   417  C CB  . HIS A 1 76  ? -7.654  5.040   -3.088  1.00 54.47  ? 141 HIS A CB  1 
ATOM   418  C CG  . HIS A 1 76  ? -7.729  3.944   -2.068  1.00 61.07  ? 141 HIS A CG  1 
ATOM   419  N ND1 . HIS A 1 76  ? -6.623  3.500   -1.367  1.00 55.27  ? 141 HIS A ND1 1 
ATOM   420  C CD2 . HIS A 1 76  ? -8.763  3.151   -1.688  1.00 52.88  ? 141 HIS A CD2 1 
ATOM   421  C CE1 . HIS A 1 76  ? -6.983  2.500   -0.578  1.00 56.78  ? 141 HIS A CE1 1 
ATOM   422  N NE2 . HIS A 1 76  ? -8.274  2.270   -0.754  1.00 53.99  ? 141 HIS A NE2 1 
ATOM   423  N N   . ALA A 1 77  ? -5.469  2.808   -3.987  1.00 49.49  ? 142 ALA A N   1 
ATOM   424  C CA  . ALA A 1 77  ? -4.130  2.222   -3.909  1.00 53.51  ? 142 ALA A CA  1 
ATOM   425  C C   . ALA A 1 77  ? -3.376  2.288   -5.234  1.00 54.00  ? 142 ALA A C   1 
ATOM   426  O O   . ALA A 1 77  ? -2.151  2.092   -5.256  1.00 52.15  ? 142 ALA A O   1 
ATOM   427  C CB  . ALA A 1 77  ? -4.210  0.757   -3.458  1.00 44.55  ? 142 ALA A CB  1 
ATOM   428  N N   . LEU A 1 78  ? -4.074  2.529   -6.338  1.00 51.59  ? 143 LEU A N   1 
ATOM   429  C CA  . LEU A 1 78  ? -3.431  2.532   -7.644  1.00 57.62  ? 143 LEU A CA  1 
ATOM   430  C C   . LEU A 1 78  ? -2.951  3.905   -8.089  1.00 57.19  ? 143 LEU A C   1 
ATOM   431  O O   . LEU A 1 78  ? -2.205  3.984   -9.060  1.00 59.44  ? 143 LEU A O   1 
ATOM   432  C CB  . LEU A 1 78  ? -4.379  1.978   -8.705  1.00 50.21  ? 143 LEU A CB  1 
ATOM   433  C CG  . LEU A 1 78  ? -4.767  0.533   -8.474  1.00 51.33  ? 143 LEU A CG  1 
ATOM   434  C CD1 . LEU A 1 78  ? -5.624  0.118   -9.627  1.00 47.37  ? 143 LEU A CD1 1 
ATOM   435  C CD2 . LEU A 1 78  ? -3.526  -0.347  -8.354  1.00 51.53  ? 143 LEU A CD2 1 
ATOM   436  N N   . MET A 1 79  ? -3.363  4.980   -7.426  1.00 55.22  ? 144 MET A N   1 
ATOM   437  C CA  . MET A 1 79  ? -3.047  6.325   -7.877  1.00 54.23  ? 144 MET A CA  1 
ATOM   438  C C   . MET A 1 79  ? -1.735  6.784   -7.253  1.00 62.27  ? 144 MET A C   1 
ATOM   439  O O   . MET A 1 79  ? -1.542  6.655   -6.036  1.00 55.14  ? 144 MET A O   1 
ATOM   440  C CB  . MET A 1 79  ? -4.173  7.292   -7.502  1.00 57.22  ? 144 MET A CB  1 
ATOM   441  C CG  . MET A 1 79  ? -5.417  7.200   -8.404  1.00 58.80  ? 144 MET A CG  1 
ATOM   442  S SD  . MET A 1 79  ? -6.770  8.322   -7.914  1.00 71.75  ? 144 MET A SD  1 
ATOM   443  C CE  . MET A 1 79  ? -7.214  7.684   -6.281  1.00 55.64  ? 144 MET A CE  1 
ATOM   444  N N   . HIS A 1 80  ? -0.841  7.329   -8.083  1.00 60.51  ? 145 HIS A N   1 
ATOM   445  C CA  . HIS A 1 80  ? 0.365   7.987   -7.592  1.00 64.92  ? 145 HIS A CA  1 
ATOM   446  C C   . HIS A 1 80  ? 0.472   9.360   -8.232  1.00 59.30  ? 145 HIS A C   1 
ATOM   447  O O   . HIS A 1 80  ? 0.152   9.528   -9.403  1.00 59.29  ? 145 HIS A O   1 
ATOM   448  C CB  . HIS A 1 80  ? 1.597   7.115   -7.855  1.00 59.96  ? 145 HIS A CB  1 
ATOM   449  C CG  . HIS A 1 80  ? 1.560   5.827   -7.089  1.00 64.64  ? 145 HIS A CG  1 
ATOM   450  N ND1 . HIS A 1 80  ? 1.076   4.648   -7.630  1.00 55.41  ? 145 HIS A ND1 1 
ATOM   451  C CD2 . HIS A 1 80  ? 1.873   5.554   -5.798  1.00 56.59  ? 145 HIS A CD2 1 
ATOM   452  C CE1 . HIS A 1 80  ? 1.125   3.697   -6.712  1.00 60.89  ? 145 HIS A CE1 1 
ATOM   453  N NE2 . HIS A 1 80  ? 1.606   4.219   -5.593  1.00 59.91  ? 145 HIS A NE2 1 
ATOM   454  N N   . PHE A 1 81  ? 0.871   10.350  -7.454  1.00 60.28  ? 146 PHE A N   1 
ATOM   455  C CA  . PHE A 1 81  ? 0.775   11.732  -7.897  1.00 64.56  ? 146 PHE A CA  1 
ATOM   456  C C   . PHE A 1 81  ? 2.090   12.316  -8.404  1.00 67.05  ? 146 PHE A C   1 
ATOM   457  O O   . PHE A 1 81  ? 2.128   13.483  -8.812  1.00 70.46  ? 146 PHE A O   1 
ATOM   458  C CB  . PHE A 1 81  ? 0.218   12.573  -6.755  1.00 67.62  ? 146 PHE A CB  1 
ATOM   459  C CG  . PHE A 1 81  ? -1.055  12.028  -6.218  1.00 71.69  ? 146 PHE A CG  1 
ATOM   460  C CD1 . PHE A 1 81  ? -1.075  11.330  -5.018  1.00 68.38  ? 146 PHE A CD1 1 
ATOM   461  C CD2 . PHE A 1 81  ? -2.232  12.148  -6.964  1.00 69.01  ? 146 PHE A CD2 1 
ATOM   462  C CE1 . PHE A 1 81  ? -2.261  10.798  -4.542  1.00 71.38  ? 146 PHE A CE1 1 
ATOM   463  C CE2 . PHE A 1 81  ? -3.418  11.628  -6.504  1.00 67.85  ? 146 PHE A CE2 1 
ATOM   464  C CZ  . PHE A 1 81  ? -3.444  10.942  -5.293  1.00 70.78  ? 146 PHE A CZ  1 
ATOM   465  N N   . SER A 1 82  ? 3.156   11.535  -8.423  1.00 65.47  ? 147 SER A N   1 
ATOM   466  C CA  . SER A 1 82  ? 4.427   12.065  -8.879  1.00 72.84  ? 147 SER A CA  1 
ATOM   467  C C   . SER A 1 82  ? 5.348   10.895  -9.151  1.00 72.29  ? 147 SER A C   1 
ATOM   468  O O   . SER A 1 82  ? 5.088   9.763   -8.731  1.00 72.84  ? 147 SER A O   1 
ATOM   469  C CB  . SER A 1 82  ? 5.060   13.007  -7.849  1.00 67.02  ? 147 SER A CB  1 
ATOM   470  O OG  . SER A 1 82  ? 5.786   12.254  -6.900  1.00 72.09  ? 147 SER A OG  1 
ATOM   471  N N   . LEU A 1 83  ? 6.431   11.193  -9.862  1.00 76.71  ? 148 LEU A N   1 
ATOM   472  C CA  . LEU A 1 83  ? 7.451   10.199  -10.149 1.00 75.30  ? 148 LEU A CA  1 
ATOM   473  C C   . LEU A 1 83  ? 7.968   9.557   -8.871  1.00 74.21  ? 148 LEU A C   1 
ATOM   474  O O   . LEU A 1 83  ? 8.155   8.336   -8.795  1.00 71.43  ? 148 LEU A O   1 
ATOM   475  C CB  . LEU A 1 83  ? 8.605   10.856  -10.889 1.00 77.90  ? 148 LEU A CB  1 
ATOM   476  C CG  . LEU A 1 83  ? 9.173   9.758   -11.759 1.00 85.72  ? 148 LEU A CG  1 
ATOM   477  C CD1 . LEU A 1 83  ? 8.180   9.555   -12.909 1.00 81.96  ? 148 LEU A CD1 1 
ATOM   478  C CD2 . LEU A 1 83  ? 10.652  10.014  -12.212 1.00 88.04  ? 148 LEU A CD2 1 
ATOM   479  N N   . MET A 1 84  ? 8.225   10.385  -7.861  1.00 73.91  ? 149 MET A N   1 
ATOM   480  C CA  . MET A 1 84  ? 8.736   9.883   -6.592  1.00 80.14  ? 149 MET A CA  1 
ATOM   481  C C   . MET A 1 84  ? 7.755   8.908   -5.960  1.00 75.16  ? 149 MET A C   1 
ATOM   482  O O   . MET A 1 84  ? 8.132   7.803   -5.541  1.00 68.97  ? 149 MET A O   1 
ATOM   483  C CB  . MET A 1 84  ? 8.995   11.056  -5.648  1.00 84.95  ? 149 MET A CB  1 
ATOM   484  C CG  . MET A 1 84  ? 10.252  11.842  -5.897  1.00 93.78  ? 149 MET A CG  1 
ATOM   485  S SD  . MET A 1 84  ? 11.720  10.812  -5.917  1.00 112.18 ? 149 MET A SD  1 
ATOM   486  C CE  . MET A 1 84  ? 12.269  11.025  -7.614  1.00 107.27 ? 149 MET A CE  1 
ATOM   487  N N   . HIS A 1 85  ? 6.487   9.321   -5.874  1.00 71.40  ? 150 HIS A N   1 
ATOM   488  C CA  . HIS A 1 85  ? 5.439   8.500   -5.286  1.00 69.28  ? 150 HIS A CA  1 
ATOM   489  C C   . HIS A 1 85  ? 5.466   7.086   -5.839  1.00 64.20  ? 150 HIS A C   1 
ATOM   490  O O   . HIS A 1 85  ? 5.578   6.105   -5.091  1.00 61.34  ? 150 HIS A O   1 
ATOM   491  C CB  . HIS A 1 85  ? 4.077   9.140   -5.555  1.00 67.09  ? 150 HIS A CB  1 
ATOM   492  C CG  . HIS A 1 85  ? 3.043   8.783   -4.538  1.00 69.05  ? 150 HIS A CG  1 
ATOM   493  N ND1 . HIS A 1 85  ? 1.756   9.273   -4.575  1.00 67.03  ? 150 HIS A ND1 1 
ATOM   494  C CD2 . HIS A 1 85  ? 3.119   7.999   -3.438  1.00 63.89  ? 150 HIS A CD2 1 
ATOM   495  C CE1 . HIS A 1 85  ? 1.083   8.801   -3.540  1.00 69.24  ? 150 HIS A CE1 1 
ATOM   496  N NE2 . HIS A 1 85  ? 1.886   8.023   -2.837  1.00 64.42  ? 150 HIS A NE2 1 
ATOM   497  N N   . ILE A 1 86  ? 5.381   6.969   -7.164  1.00 59.80  ? 151 ILE A N   1 
ATOM   498  C CA  . ILE A 1 86  ? 5.154   5.661   -7.754  1.00 63.29  ? 151 ILE A CA  1 
ATOM   499  C C   . ILE A 1 86  ? 6.424   4.830   -7.712  1.00 65.23  ? 151 ILE A C   1 
ATOM   500  O O   . ILE A 1 86  ? 6.370   3.613   -7.497  1.00 68.97  ? 151 ILE A O   1 
ATOM   501  C CB  . ILE A 1 86  ? 4.593   5.798   -9.183  1.00 66.54  ? 151 ILE A CB  1 
ATOM   502  C CG1 . ILE A 1 86  ? 4.269   4.412   -9.763  1.00 62.24  ? 151 ILE A CG1 1 
ATOM   503  C CG2 . ILE A 1 86  ? 5.537   6.634   -10.091 1.00 65.96  ? 151 ILE A CG2 1 
ATOM   504  C CD1 . ILE A 1 86  ? 3.412   4.471   -11.047 1.00 53.88  ? 151 ILE A CD1 1 
ATOM   505  N N   . LEU A 1 87  ? 7.585   5.473   -7.872  1.00 67.79  ? 152 LEU A N   1 
ATOM   506  C CA  . LEU A 1 87  ? 8.849   4.742   -7.900  1.00 65.17  ? 152 LEU A CA  1 
ATOM   507  C C   . LEU A 1 87  ? 9.139   4.110   -6.545  1.00 63.67  ? 152 LEU A C   1 
ATOM   508  O O   . LEU A 1 87  ? 9.522   2.939   -6.462  1.00 59.62  ? 152 LEU A O   1 
ATOM   509  C CB  . LEU A 1 87  ? 9.987   5.679   -8.306  1.00 66.18  ? 152 LEU A CB  1 
ATOM   510  C CG  . LEU A 1 87  ? 10.006  5.932   -9.820  1.00 78.84  ? 152 LEU A CG  1 
ATOM   511  C CD1 . LEU A 1 87  ? 11.131  6.877   -10.249 1.00 83.16  ? 152 LEU A CD1 1 
ATOM   512  C CD2 . LEU A 1 87  ? 9.995   4.535   -10.632 1.00 81.45  ? 152 LEU A CD2 1 
ATOM   513  N N   . PHE A 1 88  ? 8.977   4.883   -5.476  1.00 56.75  ? 153 PHE A N   1 
ATOM   514  C CA  . PHE A 1 88  ? 9.241   4.354   -4.146  1.00 66.46  ? 153 PHE A CA  1 
ATOM   515  C C   . PHE A 1 88  ? 8.233   3.283   -3.768  1.00 69.89  ? 153 PHE A C   1 
ATOM   516  O O   . PHE A 1 88  ? 8.610   2.221   -3.247  1.00 67.96  ? 153 PHE A O   1 
ATOM   517  C CB  . PHE A 1 88  ? 9.237   5.487   -3.121  1.00 74.63  ? 153 PHE A CB  1 
ATOM   518  C CG  . PHE A 1 88  ? 10.559  6.170   -2.984  1.00 85.46  ? 153 PHE A CG  1 
ATOM   519  C CD1 . PHE A 1 88  ? 10.734  7.497   -3.351  1.00 89.10  ? 153 PHE A CD1 1 
ATOM   520  C CD2 . PHE A 1 88  ? 11.652  5.457   -2.518  1.00 87.77  ? 153 PHE A CD2 1 
ATOM   521  C CE1 . PHE A 1 88  ? 11.979  8.100   -3.222  1.00 91.84  ? 153 PHE A CE1 1 
ATOM   522  C CE2 . PHE A 1 88  ? 12.884  6.046   -2.396  1.00 85.85  ? 153 PHE A CE2 1 
ATOM   523  C CZ  . PHE A 1 88  ? 13.053  7.366   -2.742  1.00 92.03  ? 153 PHE A CZ  1 
ATOM   524  N N   . ASN A 1 89  ? 6.948   3.541   -4.027  1.00 65.68  ? 154 ASN A N   1 
ATOM   525  C CA  . ASN A 1 89  ? 5.929   2.553   -3.719  1.00 61.71  ? 154 ASN A CA  1 
ATOM   526  C C   . ASN A 1 89  ? 6.140   1.288   -4.535  1.00 61.22  ? 154 ASN A C   1 
ATOM   527  O O   . ASN A 1 89  ? 6.141   0.178   -3.992  1.00 60.38  ? 154 ASN A O   1 
ATOM   528  C CB  . ASN A 1 89  ? 4.546   3.150   -3.948  1.00 61.76  ? 154 ASN A CB  1 
ATOM   529  C CG  . ASN A 1 89  ? 4.051   3.902   -2.731  1.00 61.41  ? 154 ASN A CG  1 
ATOM   530  O OD1 . ASN A 1 89  ? 4.294   3.484   -1.608  1.00 67.69  ? 154 ASN A OD1 1 
ATOM   531  N ND2 . ASN A 1 89  ? 3.383   5.018   -2.943  1.00 64.97  ? 154 ASN A ND2 1 
ATOM   532  N N   . LEU A 1 90  ? 6.374   1.431   -5.836  1.00 57.15  ? 155 LEU A N   1 
ATOM   533  C CA  . LEU A 1 90  ? 6.553   0.225   -6.631  1.00 58.42  ? 155 LEU A CA  1 
ATOM   534  C C   . LEU A 1 90  ? 7.809   -0.522  -6.239  1.00 62.20  ? 155 LEU A C   1 
ATOM   535  O O   . LEU A 1 90  ? 7.892   -1.737  -6.451  1.00 60.57  ? 155 LEU A O   1 
ATOM   536  C CB  . LEU A 1 90  ? 6.587   0.562   -8.118  1.00 56.07  ? 155 LEU A CB  1 
ATOM   537  C CG  . LEU A 1 90  ? 5.195   0.860   -8.662  1.00 59.30  ? 155 LEU A CG  1 
ATOM   538  C CD1 . LEU A 1 90  ? 5.140   0.711   -10.161 1.00 61.30  ? 155 LEU A CD1 1 
ATOM   539  C CD2 . LEU A 1 90  ? 4.148   -0.038  -7.979  1.00 59.34  ? 155 LEU A CD2 1 
ATOM   540  N N   . LEU A 1 91  ? 8.783   0.180   -5.670  1.00 65.52  ? 156 LEU A N   1 
ATOM   541  C CA  . LEU A 1 91  ? 10.039  -0.435  -5.289  1.00 62.79  ? 156 LEU A CA  1 
ATOM   542  C C   . LEU A 1 91  ? 9.813   -1.428  -4.166  1.00 60.16  ? 156 LEU A C   1 
ATOM   543  O O   . LEU A 1 91  ? 9.961   -2.639  -4.360  1.00 61.29  ? 156 LEU A O   1 
ATOM   544  C CB  . LEU A 1 91  ? 11.034  0.633   -4.855  1.00 69.99  ? 156 LEU A CB  1 
ATOM   545  C CG  . LEU A 1 91  ? 12.432  0.063   -4.665  1.00 66.42  ? 156 LEU A CG  1 
ATOM   546  C CD1 . LEU A 1 91  ? 12.890  -0.498  -5.985  1.00 68.96  ? 156 LEU A CD1 1 
ATOM   547  C CD2 . LEU A 1 91  ? 13.362  1.135   -4.171  1.00 65.46  ? 156 LEU A CD2 1 
ATOM   548  N N   . TRP A 1 92  ? 9.471   -0.896  -2.988  1.00 57.81  ? 157 TRP A N   1 
ATOM   549  C CA  . TRP A 1 92  ? 8.987   -1.696  -1.868  1.00 61.46  ? 157 TRP A CA  1 
ATOM   550  C C   . TRP A 1 92  ? 8.033   -2.801  -2.291  1.00 60.76  ? 157 TRP A C   1 
ATOM   551  O O   . TRP A 1 92  ? 8.228   -3.973  -1.951  1.00 59.37  ? 157 TRP A O   1 
ATOM   552  C CB  . TRP A 1 92  ? 8.280   -0.785  -0.879  1.00 64.08  ? 157 TRP A CB  1 
ATOM   553  C CG  . TRP A 1 92  ? 9.206   -0.013  -0.016  1.00 72.80  ? 157 TRP A CG  1 
ATOM   554  C CD1 . TRP A 1 92  ? 9.474   1.322   -0.085  1.00 77.24  ? 157 TRP A CD1 1 
ATOM   555  C CD2 . TRP A 1 92  ? 9.994   -0.528  1.060   1.00 72.90  ? 157 TRP A CD2 1 
ATOM   556  N NE1 . TRP A 1 92  ? 10.377  1.675   0.889   1.00 81.37  ? 157 TRP A NE1 1 
ATOM   557  C CE2 . TRP A 1 92  ? 10.718  0.558   1.604   1.00 78.30  ? 157 TRP A CE2 1 
ATOM   558  C CE3 . TRP A 1 92  ? 10.156  -1.799  1.619   1.00 68.41  ? 157 TRP A CE3 1 
ATOM   559  C CZ2 . TRP A 1 92  ? 11.593  0.411   2.675   1.00 71.66  ? 157 TRP A CZ2 1 
ATOM   560  C CZ3 . TRP A 1 92  ? 11.023  -1.947  2.682   1.00 76.60  ? 157 TRP A CZ3 1 
ATOM   561  C CH2 . TRP A 1 92  ? 11.733  -0.846  3.200   1.00 75.86  ? 157 TRP A CH2 1 
ATOM   562  N N   . TRP A 1 93  ? 6.980   -2.436  -3.024  1.00 60.18  ? 158 TRP A N   1 
ATOM   563  C CA  . TRP A 1 93  ? 5.994   -3.430  -3.431  1.00 62.56  ? 158 TRP A CA  1 
ATOM   564  C C   . TRP A 1 93  ? 6.678   -4.594  -4.128  1.00 59.86  ? 158 TRP A C   1 
ATOM   565  O O   . TRP A 1 93  ? 6.548   -5.749  -3.700  1.00 55.71  ? 158 TRP A O   1 
ATOM   566  C CB  . TRP A 1 93  ? 4.919   -2.793  -4.325  1.00 60.98  ? 158 TRP A CB  1 
ATOM   567  C CG  . TRP A 1 93  ? 4.143   -3.797  -5.105  1.00 57.17  ? 158 TRP A CG  1 
ATOM   568  C CD1 . TRP A 1 93  ? 4.384   -4.198  -6.382  1.00 60.07  ? 158 TRP A CD1 1 
ATOM   569  C CD2 . TRP A 1 93  ? 3.025   -4.566  -4.650  1.00 58.30  ? 158 TRP A CD2 1 
ATOM   570  N NE1 . TRP A 1 93  ? 3.479   -5.158  -6.763  1.00 60.57  ? 158 TRP A NE1 1 
ATOM   571  C CE2 . TRP A 1 93  ? 2.629   -5.402  -5.716  1.00 64.00  ? 158 TRP A CE2 1 
ATOM   572  C CE3 . TRP A 1 93  ? 2.316   -4.627  -3.452  1.00 55.90  ? 158 TRP A CE3 1 
ATOM   573  C CZ2 . TRP A 1 93  ? 1.550   -6.293  -5.612  1.00 60.66  ? 158 TRP A CZ2 1 
ATOM   574  C CZ3 . TRP A 1 93  ? 1.244   -5.502  -3.357  1.00 56.23  ? 158 TRP A CZ3 1 
ATOM   575  C CH2 . TRP A 1 93  ? 0.876   -6.322  -4.430  1.00 53.56  ? 158 TRP A CH2 1 
ATOM   576  N N   . TRP A 1 94  ? 7.462   -4.294  -5.175  1.00 60.28  ? 159 TRP A N   1 
ATOM   577  C CA  . TRP A 1 94  ? 8.154   -5.333  -5.940  1.00 62.09  ? 159 TRP A CA  1 
ATOM   578  C C   . TRP A 1 94  ? 9.002   -6.234  -5.052  1.00 70.49  ? 159 TRP A C   1 
ATOM   579  O O   . TRP A 1 94  ? 9.073   -7.455  -5.265  1.00 70.23  ? 159 TRP A O   1 
ATOM   580  C CB  . TRP A 1 94  ? 9.045   -4.698  -7.002  1.00 64.26  ? 159 TRP A CB  1 
ATOM   581  C CG  . TRP A 1 94  ? 9.996   -5.695  -7.650  1.00 71.94  ? 159 TRP A CG  1 
ATOM   582  C CD1 . TRP A 1 94  ? 9.708   -6.587  -8.650  1.00 75.93  ? 159 TRP A CD1 1 
ATOM   583  C CD2 . TRP A 1 94  ? 11.376  -5.887  -7.339  1.00 69.60  ? 159 TRP A CD2 1 
ATOM   584  N NE1 . TRP A 1 94  ? 10.824  -7.315  -8.978  1.00 75.24  ? 159 TRP A NE1 1 
ATOM   585  C CE2 . TRP A 1 94  ? 11.862  -6.905  -8.186  1.00 72.35  ? 159 TRP A CE2 1 
ATOM   586  C CE3 . TRP A 1 94  ? 12.253  -5.293  -6.431  1.00 72.47  ? 159 TRP A CE3 1 
ATOM   587  C CZ2 . TRP A 1 94  ? 13.175  -7.339  -8.145  1.00 77.03  ? 159 TRP A CZ2 1 
ATOM   588  C CZ3 . TRP A 1 94  ? 13.561  -5.730  -6.394  1.00 73.05  ? 159 TRP A CZ3 1 
ATOM   589  C CH2 . TRP A 1 94  ? 14.007  -6.744  -7.245  1.00 74.51  ? 159 TRP A CH2 1 
ATOM   590  N N   . TYR A 1 95  ? 9.668   -5.651  -4.058  1.00 66.68  ? 160 TYR A N   1 
ATOM   591  C CA  . TYR A 1 95  ? 10.602  -6.436  -3.272  1.00 65.92  ? 160 TYR A CA  1 
ATOM   592  C C   . TYR A 1 95  ? 9.892   -7.249  -2.201  1.00 62.30  ? 160 TYR A C   1 
ATOM   593  O O   . TYR A 1 95  ? 10.069  -8.465  -2.120  1.00 65.63  ? 160 TYR A O   1 
ATOM   594  C CB  . TYR A 1 95  ? 11.652  -5.531  -2.641  1.00 66.21  ? 160 TYR A CB  1 
ATOM   595  C CG  . TYR A 1 95  ? 12.738  -6.337  -1.997  1.00 72.67  ? 160 TYR A CG  1 
ATOM   596  C CD1 . TYR A 1 95  ? 13.644  -7.047  -2.774  1.00 74.65  ? 160 TYR A CD1 1 
ATOM   597  C CD2 . TYR A 1 95  ? 12.841  -6.424  -0.619  1.00 71.70  ? 160 TYR A CD2 1 
ATOM   598  C CE1 . TYR A 1 95  ? 14.638  -7.802  -2.201  1.00 77.92  ? 160 TYR A CE1 1 
ATOM   599  C CE2 . TYR A 1 95  ? 13.834  -7.183  -0.034  1.00 80.01  ? 160 TYR A CE2 1 
ATOM   600  C CZ  . TYR A 1 95  ? 14.733  -7.864  -0.828  1.00 83.46  ? 160 TYR A CZ  1 
ATOM   601  O OH  . TYR A 1 95  ? 15.727  -8.613  -0.241  1.00 86.71  ? 160 TYR A OH  1 
ATOM   602  N N   . LEU A 1 96  ? 9.124   -6.591  -1.336  1.00 59.55  ? 161 LEU A N   1 
ATOM   603  C CA  . LEU A 1 96  ? 8.420   -7.324  -0.289  1.00 62.89  ? 161 LEU A CA  1 
ATOM   604  C C   . LEU A 1 96  ? 7.242   -8.102  -0.866  1.00 67.47  ? 161 LEU A C   1 
ATOM   605  O O   . LEU A 1 96  ? 7.040   -9.280  -0.545  1.00 69.19  ? 161 LEU A O   1 
ATOM   606  C CB  . LEU A 1 96  ? 7.943   -6.367  0.804   1.00 60.17  ? 161 LEU A CB  1 
ATOM   607  C CG  . LEU A 1 96  ? 9.019   -5.675  1.636   1.00 63.30  ? 161 LEU A CG  1 
ATOM   608  C CD1 . LEU A 1 96  ? 8.406   -4.777  2.677   1.00 62.78  ? 161 LEU A CD1 1 
ATOM   609  C CD2 . LEU A 1 96  ? 9.853   -6.733  2.315   1.00 68.45  ? 161 LEU A CD2 1 
ATOM   610  N N   . GLY A 1 97  ? 6.444   -7.454  -1.716  1.00 67.45  ? 162 GLY A N   1 
ATOM   611  C CA  . GLY A 1 97  ? 5.313   -8.142  -2.296  1.00 62.55  ? 162 GLY A CA  1 
ATOM   612  C C   . GLY A 1 97  ? 5.762   -9.307  -3.136  1.00 66.48  ? 162 GLY A C   1 
ATOM   613  O O   . GLY A 1 97  ? 5.187   -10.397 -3.062  1.00 68.08  ? 162 GLY A O   1 
ATOM   614  N N   . GLY A 1 98  ? 6.814   -9.101  -3.928  1.00 67.03  ? 163 GLY A N   1 
ATOM   615  C CA  . GLY A 1 98  ? 7.359   -10.197 -4.703  1.00 73.00  ? 163 GLY A CA  1 
ATOM   616  C C   . GLY A 1 98  ? 7.987   -11.252 -3.824  1.00 74.13  ? 163 GLY A C   1 
ATOM   617  O O   . GLY A 1 98  ? 7.985   -12.435 -4.175  1.00 74.05  ? 163 GLY A O   1 
ATOM   618  N N   . ALA A 1 99  ? 8.510   -10.847 -2.662  1.00 71.81  ? 164 ALA A N   1 
ATOM   619  C CA  . ALA A 1 99  ? 8.945   -11.825 -1.674  1.00 77.32  ? 164 ALA A CA  1 
ATOM   620  C C   . ALA A 1 99  ? 7.761   -12.661 -1.199  1.00 76.66  ? 164 ALA A C   1 
ATOM   621  O O   . ALA A 1 99  ? 7.757   -13.884 -1.371  1.00 75.51  ? 164 ALA A O   1 
ATOM   622  C CB  . ALA A 1 99  ? 9.649   -11.131 -0.501  1.00 69.11  ? 164 ALA A CB  1 
ATOM   623  N N   . VAL A 1 100 ? 6.724   -12.017 -0.641  1.00 74.22  ? 165 VAL A N   1 
ATOM   624  C CA  . VAL A 1 100 ? 5.548   -12.757 -0.177  1.00 74.41  ? 165 VAL A CA  1 
ATOM   625  C C   . VAL A 1 100 ? 5.016   -13.681 -1.266  1.00 74.72  ? 165 VAL A C   1 
ATOM   626  O O   . VAL A 1 100 ? 4.589   -14.809 -0.988  1.00 75.52  ? 165 VAL A O   1 
ATOM   627  C CB  . VAL A 1 100 ? 4.450   -11.797 0.315   1.00 73.07  ? 165 VAL A CB  1 
ATOM   628  C CG1 . VAL A 1 100 ? 3.220   -12.606 0.807   1.00 70.70  ? 165 VAL A CG1 1 
ATOM   629  C CG2 . VAL A 1 100 ? 4.983   -10.898 1.402   1.00 66.22  ? 165 VAL A CG2 1 
ATOM   630  N N   . GLU A 1 101 ? 5.047   -13.233 -2.520  1.00 68.65  ? 166 GLU A N   1 
ATOM   631  C CA  . GLU A 1 101 ? 4.449   -14.029 -3.583  1.00 71.34  ? 166 GLU A CA  1 
ATOM   632  C C   . GLU A 1 101 ? 5.191   -15.346 -3.788  1.00 77.36  ? 166 GLU A C   1 
ATOM   633  O O   . GLU A 1 101 ? 4.568   -16.412 -3.812  1.00 79.55  ? 166 GLU A O   1 
ATOM   634  C CB  . GLU A 1 101 ? 4.395   -13.226 -4.879  1.00 68.47  ? 166 GLU A CB  1 
ATOM   635  C CG  . GLU A 1 101 ? 3.883   -14.033 -6.052  1.00 70.95  ? 166 GLU A CG  1 
ATOM   636  C CD  . GLU A 1 101 ? 3.036   -13.206 -7.028  1.00 75.12  ? 166 GLU A CD  1 
ATOM   637  O OE1 . GLU A 1 101 ? 2.025   -13.746 -7.546  1.00 76.12  ? 166 GLU A OE1 1 
ATOM   638  O OE2 . GLU A 1 101 ? 3.366   -12.019 -7.279  1.00 77.83  ? 166 GLU A OE2 1 
ATOM   639  N N   . LYS A 1 102 ? 6.522   -15.302 -3.934  1.00 79.41  ? 167 LYS A N   1 
ATOM   640  C CA  . LYS A 1 102 ? 7.245   -16.508 -4.346  1.00 82.82  ? 167 LYS A CA  1 
ATOM   641  C C   . LYS A 1 102 ? 7.412   -17.509 -3.216  1.00 82.42  ? 167 LYS A C   1 
ATOM   642  O O   . LYS A 1 102 ? 7.393   -18.722 -3.458  1.00 90.14  ? 167 LYS A O   1 
ATOM   643  C CB  . LYS A 1 102 ? 8.622   -16.158 -4.907  1.00 85.09  ? 167 LYS A CB  1 
ATOM   644  C CG  . LYS A 1 102 ? 9.375   -17.370 -5.457  1.00 95.35  ? 167 LYS A CG  1 
ATOM   645  C CD  . LYS A 1 102 ? 9.102   -17.560 -6.955  1.00 105.23 ? 167 LYS A CD  1 
ATOM   646  C CE  . LYS A 1 102 ? 9.844   -18.774 -7.537  1.00 111.48 ? 167 LYS A CE  1 
ATOM   647  N NZ  . LYS A 1 102 ? 9.177   -20.071 -7.158  1.00 116.20 ? 167 LYS A NZ  1 
ATOM   648  N N   . ARG A 1 103 ? 7.571   -17.026 -1.991  1.00 78.77  ? 168 ARG A N   1 
ATOM   649  C CA  . ARG A 1 103 ? 7.765   -17.912 -0.857  1.00 82.03  ? 168 ARG A CA  1 
ATOM   650  C C   . ARG A 1 103 ? 6.433   -18.396 -0.277  1.00 82.55  ? 168 ARG A C   1 
ATOM   651  O O   . ARG A 1 103 ? 6.253   -19.600 -0.065  1.00 84.87  ? 168 ARG A O   1 
ATOM   652  C CB  . ARG A 1 103 ? 8.615   -17.178 0.166   1.00 83.49  ? 168 ARG A CB  1 
ATOM   653  C CG  . ARG A 1 103 ? 9.606   -16.162 -0.479  1.00 92.93  ? 168 ARG A CG  1 
ATOM   654  C CD  . ARG A 1 103 ? 9.932   -14.994 0.465   1.00 104.38 ? 168 ARG A CD  1 
ATOM   655  N NE  . ARG A 1 103 ? 8.693   -14.378 0.983   1.00 110.42 ? 168 ARG A NE  1 
ATOM   656  C CZ  . ARG A 1 103 ? 8.627   -13.304 1.766   1.00 110.44 ? 168 ARG A CZ  1 
ATOM   657  N NH1 . ARG A 1 103 ? 9.746   -12.721 2.180   1.00 108.42 ? 168 ARG A NH1 1 
ATOM   658  N NH2 . ARG A 1 103 ? 7.450   -12.881 2.193   1.00 114.72 ? 168 ARG A NH2 1 
ATOM   659  N N   . LEU A 1 104 ? 5.458   -17.492 -0.104  1.00 76.56  ? 169 LEU A N   1 
ATOM   660  C CA  . LEU A 1 104 ? 4.185   -17.813 0.535   1.00 71.28  ? 169 LEU A CA  1 
ATOM   661  C C   . LEU A 1 104 ? 3.025   -18.039 -0.437  1.00 74.76  ? 169 LEU A C   1 
ATOM   662  O O   . LEU A 1 104 ? 1.997   -18.590 -0.024  1.00 77.32  ? 169 LEU A O   1 
ATOM   663  C CB  . LEU A 1 104 ? 3.801   -16.707 1.516   1.00 69.16  ? 169 LEU A CB  1 
ATOM   664  C CG  . LEU A 1 104 ? 4.812   -16.476 2.630   1.00 74.64  ? 169 LEU A CG  1 
ATOM   665  C CD1 . LEU A 1 104 ? 4.299   -15.432 3.622   1.00 70.71  ? 169 LEU A CD1 1 
ATOM   666  C CD2 . LEU A 1 104 ? 5.120   -17.788 3.320   1.00 76.42  ? 169 LEU A CD2 1 
ATOM   667  N N   . GLY A 1 105 ? 3.143   -17.635 -1.691  1.00 78.15  ? 170 GLY A N   1 
ATOM   668  C CA  . GLY A 1 105 ? 2.088   -17.940 -2.640  1.00 71.74  ? 170 GLY A CA  1 
ATOM   669  C C   . GLY A 1 105 ? 1.318   -16.698 -3.070  1.00 71.66  ? 170 GLY A C   1 
ATOM   670  O O   . GLY A 1 105 ? 1.149   -15.731 -2.305  1.00 67.38  ? 170 GLY A O   1 
ATOM   671  N N   . SER A 1 106 ? 0.833   -16.729 -4.317  1.00 68.54  ? 171 SER A N   1 
ATOM   672  C CA  . SER A 1 106 ? 0.127   -15.578 -4.875  1.00 70.46  ? 171 SER A CA  1 
ATOM   673  C C   . SER A 1 106 ? -1.094  -15.210 -4.033  1.00 70.40  ? 171 SER A C   1 
ATOM   674  O O   . SER A 1 106 ? -1.323  -14.031 -3.724  1.00 63.56  ? 171 SER A O   1 
ATOM   675  C CB  . SER A 1 106 ? -0.291  -15.869 -6.316  1.00 72.12  ? 171 SER A CB  1 
ATOM   676  O OG  . SER A 1 106 ? 0.824   -16.200 -7.123  1.00 77.83  ? 171 SER A OG  1 
ATOM   677  N N   . GLY A 1 107 ? -1.893  -16.217 -3.658  1.00 68.47  ? 172 GLY A N   1 
ATOM   678  C CA  . GLY A 1 107 ? -3.119  -15.946 -2.929  1.00 63.88  ? 172 GLY A CA  1 
ATOM   679  C C   . GLY A 1 107 ? -2.877  -15.150 -1.664  1.00 62.49  ? 172 GLY A C   1 
ATOM   680  O O   . GLY A 1 107 ? -3.666  -14.266 -1.320  1.00 60.77  ? 172 GLY A O   1 
ATOM   681  N N   . LYS A 1 108 ? -1.767  -15.430 -0.971  1.00 64.29  ? 173 LYS A N   1 
ATOM   682  C CA  . LYS A 1 108 ? -1.479  -14.716 0.271   1.00 65.20  ? 173 LYS A CA  1 
ATOM   683  C C   . LYS A 1 108 ? -1.247  -13.239 -0.002  1.00 62.88  ? 173 LYS A C   1 
ATOM   684  O O   . LYS A 1 108 ? -1.759  -12.367 0.720   1.00 57.33  ? 173 LYS A O   1 
ATOM   685  C CB  . LYS A 1 108 ? -0.266  -15.326 0.984   1.00 62.13  ? 173 LYS A CB  1 
ATOM   686  C CG  . LYS A 1 108 ? 0.222   -14.482 2.154   1.00 66.34  ? 173 LYS A CG  1 
ATOM   687  C CD  . LYS A 1 108 ? -0.286  -14.970 3.499   1.00 67.49  ? 173 LYS A CD  1 
ATOM   688  C CE  . LYS A 1 108 ? 0.405   -16.255 3.906   1.00 70.13  ? 173 LYS A CE  1 
ATOM   689  N NZ  . LYS A 1 108 ? -0.241  -16.866 5.106   1.00 73.52  ? 173 LYS A NZ  1 
ATOM   690  N N   . LEU A 1 109 ? -0.481  -12.937 -1.052  1.00 55.98  ? 174 LEU A N   1 
ATOM   691  C CA  . LEU A 1 109 ? -0.241  -11.543 -1.378  1.00 57.38  ? 174 LEU A CA  1 
ATOM   692  C C   . LEU A 1 109 ? -1.549  -10.862 -1.742  1.00 54.77  ? 174 LEU A C   1 
ATOM   693  O O   . LEU A 1 109 ? -1.795  -9.709  -1.365  1.00 53.59  ? 174 LEU A O   1 
ATOM   694  C CB  . LEU A 1 109 ? 0.779   -11.440 -2.509  1.00 59.11  ? 174 LEU A CB  1 
ATOM   695  C CG  . LEU A 1 109 ? 1.079   -10.017 -2.975  1.00 57.81  ? 174 LEU A CG  1 
ATOM   696  C CD1 . LEU A 1 109 ? 1.642   -9.176  -1.821  1.00 56.73  ? 174 LEU A CD1 1 
ATOM   697  C CD2 . LEU A 1 109 ? 2.021   -10.045 -4.174  1.00 60.05  ? 174 LEU A CD2 1 
ATOM   698  N N   . ILE A 1 110 ? -2.420  -11.587 -2.438  1.00 59.09  ? 175 ILE A N   1 
ATOM   699  C CA  . ILE A 1 110 ? -3.725  -11.055 -2.801  1.00 55.75  ? 175 ILE A CA  1 
ATOM   700  C C   . ILE A 1 110 ? -4.502  -10.637 -1.557  1.00 54.54  ? 175 ILE A C   1 
ATOM   701  O O   . ILE A 1 110 ? -5.009  -9.510  -1.475  1.00 56.91  ? 175 ILE A O   1 
ATOM   702  C CB  . ILE A 1 110 ? -4.500  -12.086 -3.640  1.00 61.37  ? 175 ILE A CB  1 
ATOM   703  C CG1 . ILE A 1 110 ? -3.909  -12.158 -5.053  1.00 58.47  ? 175 ILE A CG1 1 
ATOM   704  C CG2 . ILE A 1 110 ? -5.998  -11.752 -3.676  1.00 52.96  ? 175 ILE A CG2 1 
ATOM   705  C CD1 . ILE A 1 110 ? -4.485  -13.275 -5.873  1.00 61.45  ? 175 ILE A CD1 1 
ATOM   706  N N   . VAL A 1 111 ? -4.593  -11.521 -0.559  1.00 52.05  ? 176 VAL A N   1 
ATOM   707  C CA  . VAL A 1 111 ? -5.385  -11.192 0.625   1.00 53.61  ? 176 VAL A CA  1 
ATOM   708  C C   . VAL A 1 111 ? -4.770  -10.015 1.373   1.00 60.62  ? 176 VAL A C   1 
ATOM   709  O O   . VAL A 1 111 ? -5.485  -9.090  1.801   1.00 54.78  ? 176 VAL A O   1 
ATOM   710  C CB  . VAL A 1 111 ? -5.532  -12.409 1.549   1.00 57.46  ? 176 VAL A CB  1 
ATOM   711  C CG1 . VAL A 1 111 ? -6.326  -12.008 2.786   1.00 57.59  ? 176 VAL A CG1 1 
ATOM   712  C CG2 . VAL A 1 111 ? -6.236  -13.534 0.829   1.00 59.22  ? 176 VAL A CG2 1 
ATOM   713  N N   . ILE A 1 112 ? -3.440  -10.049 1.576   1.00 58.45  ? 177 ILE A N   1 
ATOM   714  C CA  . ILE A 1 112 ? -2.758  -8.948  2.250   1.00 51.89  ? 177 ILE A CA  1 
ATOM   715  C C   . ILE A 1 112 ? -3.135  -7.642  1.577   1.00 54.37  ? 177 ILE A C   1 
ATOM   716  O O   . ILE A 1 112 ? -3.527  -6.663  2.232   1.00 50.05  ? 177 ILE A O   1 
ATOM   717  C CB  . ILE A 1 112 ? -1.234  -9.162  2.223   1.00 57.69  ? 177 ILE A CB  1 
ATOM   718  C CG1 . ILE A 1 112 ? -0.842  -10.473 2.904   1.00 58.84  ? 177 ILE A CG1 1 
ATOM   719  C CG2 . ILE A 1 112 ? -0.530  -7.987  2.877   1.00 62.39  ? 177 ILE A CG2 1 
ATOM   720  C CD1 . ILE A 1 112 ? 0.669   -10.661 3.054   1.00 62.94  ? 177 ILE A CD1 1 
ATOM   721  N N   . THR A 1 113 ? -3.078  -7.644  0.235   1.00 52.75  ? 178 THR A N   1 
ATOM   722  C CA  . THR A 1 113 ? -3.315  -6.439  -0.549  1.00 52.36  ? 178 THR A CA  1 
ATOM   723  C C   . THR A 1 113 ? -4.766  -5.985  -0.448  1.00 50.32  ? 178 THR A C   1 
ATOM   724  O O   . THR A 1 113 ? -5.037  -4.797  -0.215  1.00 49.39  ? 178 THR A O   1 
ATOM   725  C CB  . THR A 1 113 ? -2.933  -6.682  -2.007  1.00 52.61  ? 178 THR A CB  1 
ATOM   726  O OG1 . THR A 1 113 ? -1.562  -7.110  -2.091  1.00 49.63  ? 178 THR A OG1 1 
ATOM   727  C CG2 . THR A 1 113 ? -3.143  -5.416  -2.823  1.00 48.00  ? 178 THR A CG2 1 
ATOM   728  N N   . LEU A 1 114 ? -5.715  -6.916  -0.605  1.00 49.76  ? 179 LEU A N   1 
ATOM   729  C CA  . LEU A 1 114 ? -7.131  -6.552  -0.480  1.00 48.86  ? 179 LEU A CA  1 
ATOM   730  C C   . LEU A 1 114 ? -7.422  -5.967  0.891   1.00 50.51  ? 179 LEU A C   1 
ATOM   731  O O   . LEU A 1 114 ? -8.057  -4.910  1.003   1.00 51.02  ? 179 LEU A O   1 
ATOM   732  C CB  . LEU A 1 114 ? -8.042  -7.762  -0.743  1.00 49.38  ? 179 LEU A CB  1 
ATOM   733  C CG  . LEU A 1 114 ? -8.137  -8.311  -2.180  1.00 53.55  ? 179 LEU A CG  1 
ATOM   734  C CD1 . LEU A 1 114 ? -9.074  -9.503  -2.302  1.00 47.28  ? 179 LEU A CD1 1 
ATOM   735  C CD2 . LEU A 1 114 ? -8.530  -7.209  -3.165  1.00 52.23  ? 179 LEU A CD2 1 
ATOM   736  N N   . ILE A 1 115 ? -6.932  -6.629  1.950   1.00 52.31  ? 180 ILE A N   1 
ATOM   737  C CA  . ILE A 1 115 ? -7.265  -6.222  3.312   1.00 51.85  ? 180 ILE A CA  1 
ATOM   738  C C   . ILE A 1 115 ? -6.628  -4.879  3.643   1.00 51.11  ? 180 ILE A C   1 
ATOM   739  O O   . ILE A 1 115 ? -7.326  -3.929  4.030   1.00 49.58  ? 180 ILE A O   1 
ATOM   740  C CB  . ILE A 1 115 ? -6.853  -7.319  4.310   1.00 55.42  ? 180 ILE A CB  1 
ATOM   741  C CG1 . ILE A 1 115 ? -7.706  -8.568  4.066   1.00 56.46  ? 180 ILE A CG1 1 
ATOM   742  C CG2 . ILE A 1 115 ? -7.018  -6.828  5.733   1.00 52.40  ? 180 ILE A CG2 1 
ATOM   743  C CD1 . ILE A 1 115 ? -7.603  -9.619  5.136   1.00 57.41  ? 180 ILE A CD1 1 
ATOM   744  N N   . SER A 1 116 ? -5.295  -4.773  3.474   1.00 52.02  ? 181 SER A N   1 
ATOM   745  C CA  . SER A 1 116 ? -4.623  -3.506  3.751   1.00 50.72  ? 181 SER A CA  1 
ATOM   746  C C   . SER A 1 116 ? -5.195  -2.384  2.902   1.00 51.94  ? 181 SER A C   1 
ATOM   747  O O   . SER A 1 116 ? -5.462  -1.287  3.411   1.00 54.57  ? 181 SER A O   1 
ATOM   748  C CB  . SER A 1 116 ? -3.116  -3.616  3.525   1.00 51.49  ? 181 SER A CB  1 
ATOM   749  O OG  . SER A 1 116 ? -2.789  -3.923  2.188   1.00 50.66  ? 181 SER A OG  1 
ATOM   750  N N   . ALA A 1 117 ? -5.421  -2.639  1.610   1.00 46.59  ? 182 ALA A N   1 
ATOM   751  C CA  . ALA A 1 117 ? -5.918  -1.561  0.772   1.00 45.85  ? 182 ALA A CA  1 
ATOM   752  C C   . ALA A 1 117 ? -7.235  -1.052  1.312   1.00 46.65  ? 182 ALA A C   1 
ATOM   753  O O   . ALA A 1 117 ? -7.448  0.161   1.404   1.00 49.97  ? 182 ALA A O   1 
ATOM   754  C CB  . ALA A 1 117 ? -6.042  -2.020  -0.677  1.00 43.60  ? 182 ALA A CB  1 
ATOM   755  N N   . LEU A 1 118 ? -8.086  -1.975  1.776   1.00 53.73  ? 183 LEU A N   1 
ATOM   756  C CA  . LEU A 1 118 ? -9.403  -1.629  2.302   1.00 52.28  ? 183 LEU A CA  1 
ATOM   757  C C   . LEU A 1 118 ? -9.309  -0.878  3.616   1.00 49.27  ? 183 LEU A C   1 
ATOM   758  O O   . LEU A 1 118 ? -9.949  0.167   3.790   1.00 48.70  ? 183 LEU A O   1 
ATOM   759  C CB  . LEU A 1 118 ? -10.208 -2.898  2.505   1.00 54.50  ? 183 LEU A CB  1 
ATOM   760  C CG  . LEU A 1 118 ? -11.675 -2.880  2.122   1.00 61.11  ? 183 LEU A CG  1 
ATOM   761  C CD1 . LEU A 1 118 ? -11.883 -2.147  0.825   1.00 59.25  ? 183 LEU A CD1 1 
ATOM   762  C CD2 . LEU A 1 118 ? -12.130 -4.329  1.994   1.00 64.32  ? 183 LEU A CD2 1 
ATOM   763  N N   . LEU A 1 119 ? -8.548  -1.414  4.574   1.00 54.55  ? 184 LEU A N   1 
ATOM   764  C CA  . LEU A 1 119 ? -8.504  -0.789  5.897   1.00 56.79  ? 184 LEU A CA  1 
ATOM   765  C C   . LEU A 1 119 ? -7.745  0.536   5.844   1.00 55.97  ? 184 LEU A C   1 
ATOM   766  O O   . LEU A 1 119 ? -8.212  1.555   6.371   1.00 52.34  ? 184 LEU A O   1 
ATOM   767  C CB  . LEU A 1 119 ? -7.882  -1.748  6.917   1.00 48.49  ? 184 LEU A CB  1 
ATOM   768  C CG  . LEU A 1 119 ? -8.078  -1.244  8.351   1.00 62.60  ? 184 LEU A CG  1 
ATOM   769  C CD1 . LEU A 1 119 ? -9.564  -1.049  8.645   1.00 58.68  ? 184 LEU A CD1 1 
ATOM   770  C CD2 . LEU A 1 119 ? -7.439  -2.145  9.394   1.00 55.55  ? 184 LEU A CD2 1 
ATOM   771  N N   . SER A 1 120 ? -6.587  0.550   5.176   1.00 53.44  ? 185 SER A N   1 
ATOM   772  C CA  . SER A 1 120 ? -5.849  1.802   5.030   1.00 56.04  ? 185 SER A CA  1 
ATOM   773  C C   . SER A 1 120 ? -6.728  2.866   4.390   1.00 55.75  ? 185 SER A C   1 
ATOM   774  O O   . SER A 1 120 ? -6.810  4.001   4.870   1.00 59.34  ? 185 SER A O   1 
ATOM   775  C CB  . SER A 1 120 ? -4.574  1.580   4.219   1.00 54.48  ? 185 SER A CB  1 
ATOM   776  O OG  . SER A 1 120 ? -4.846  1.472   2.830   1.00 58.04  ? 185 SER A OG  1 
ATOM   777  N N   . GLY A 1 121 ? -7.432  2.504   3.327   1.00 53.17  ? 186 GLY A N   1 
ATOM   778  C CA  . GLY A 1 121 ? -8.345  3.458   2.736   1.00 54.32  ? 186 GLY A CA  1 
ATOM   779  C C   . GLY A 1 121 ? -9.353  3.978   3.739   1.00 52.64  ? 186 GLY A C   1 
ATOM   780  O O   . GLY A 1 121 ? -9.618  5.182   3.804   1.00 53.78  ? 186 GLY A O   1 
ATOM   781  N N   . TYR A 1 122 ? -9.925  3.076   4.539   1.00 58.51  ? 187 TYR A N   1 
ATOM   782  C CA  . TYR A 1 122 ? -10.975 3.476   5.470   1.00 59.08  ? 187 TYR A CA  1 
ATOM   783  C C   . TYR A 1 122 ? -10.436 4.447   6.503   1.00 58.02  ? 187 TYR A C   1 
ATOM   784  O O   . TYR A 1 122 ? -11.022 5.509   6.745   1.00 56.48  ? 187 TYR A O   1 
ATOM   785  C CB  . TYR A 1 122 ? -11.557 2.258   6.174   1.00 62.78  ? 187 TYR A CB  1 
ATOM   786  C CG  . TYR A 1 122 ? -12.533 2.691   7.229   1.00 65.91  ? 187 TYR A CG  1 
ATOM   787  C CD1 . TYR A 1 122 ? -12.232 2.597   8.586   1.00 61.10  ? 187 TYR A CD1 1 
ATOM   788  C CD2 . TYR A 1 122 ? -13.744 3.258   6.856   1.00 65.75  ? 187 TYR A CD2 1 
ATOM   789  C CE1 . TYR A 1 122 ? -13.138 3.034   9.540   1.00 65.09  ? 187 TYR A CE1 1 
ATOM   790  C CE2 . TYR A 1 122 ? -14.644 3.692   7.794   1.00 70.68  ? 187 TYR A CE2 1 
ATOM   791  C CZ  . TYR A 1 122 ? -14.343 3.583   9.125   1.00 71.76  ? 187 TYR A CZ  1 
ATOM   792  O OH  . TYR A 1 122 ? -15.290 4.030   10.009  1.00 80.85  ? 187 TYR A OH  1 
ATOM   793  N N   . VAL A 1 123 ? -9.315  4.087   7.126   1.00 54.56  ? 188 VAL A N   1 
ATOM   794  C CA  . VAL A 1 123 ? -8.748  4.912   8.181   1.00 60.48  ? 188 VAL A CA  1 
ATOM   795  C C   . VAL A 1 123 ? -8.307  6.257   7.607   1.00 65.37  ? 188 VAL A C   1 
ATOM   796  O O   . VAL A 1 123 ? -8.663  7.320   8.135   1.00 66.77  ? 188 VAL A O   1 
ATOM   797  C CB  . VAL A 1 123 ? -7.599  4.156   8.880   1.00 64.26  ? 188 VAL A CB  1 
ATOM   798  C CG1 . VAL A 1 123 ? -6.963  5.007   9.954   1.00 70.39  ? 188 VAL A CG1 1 
ATOM   799  C CG2 . VAL A 1 123 ? -8.123  2.865   9.494   1.00 62.58  ? 188 VAL A CG2 1 
ATOM   800  N N   . GLN A 1 124 ? -7.570  6.229   6.486   1.00 62.08  ? 189 GLN A N   1 
ATOM   801  C CA  . GLN A 1 124 ? -7.181  7.464   5.819   1.00 54.91  ? 189 GLN A CA  1 
ATOM   802  C C   . GLN A 1 124 ? -8.377  8.370   5.597   1.00 64.08  ? 189 GLN A C   1 
ATOM   803  O O   . GLN A 1 124 ? -8.347  9.554   5.955   1.00 67.46  ? 189 GLN A O   1 
ATOM   804  C CB  . GLN A 1 124 ? -6.512  7.173   4.478   1.00 66.03  ? 189 GLN A CB  1 
ATOM   805  C CG  . GLN A 1 124 ? -6.007  8.444   3.760   1.00 63.73  ? 189 GLN A CG  1 
ATOM   806  C CD  . GLN A 1 124 ? -5.150  9.328   4.679   1.00 66.88  ? 189 GLN A CD  1 
ATOM   807  O OE1 . GLN A 1 124 ? -4.348  8.823   5.473   1.00 59.00  ? 189 GLN A OE1 1 
ATOM   808  N NE2 . GLN A 1 124 ? -5.325  10.647  4.574   1.00 61.66  ? 189 GLN A NE2 1 
ATOM   809  N N   . GLN A 1 125 ? -9.446  7.838   5.003   1.00 57.42  ? 190 GLN A N   1 
ATOM   810  C CA  . GLN A 1 125 ? -10.555 8.718   4.676   1.00 57.31  ? 190 GLN A CA  1 
ATOM   811  C C   . GLN A 1 125 ? -11.219 9.255   5.934   1.00 64.50  ? 190 GLN A C   1 
ATOM   812  O O   . GLN A 1 125 ? -11.645 10.415  5.952   1.00 64.46  ? 190 GLN A O   1 
ATOM   813  C CB  . GLN A 1 125 ? -11.545 8.001   3.753   1.00 58.35  ? 190 GLN A CB  1 
ATOM   814  C CG  . GLN A 1 125 ? -12.437 6.948   4.394   1.00 66.03  ? 190 GLN A CG  1 
ATOM   815  C CD  . GLN A 1 125 ? -13.634 7.547   5.124   1.00 66.45  ? 190 GLN A CD  1 
ATOM   816  O OE1 . GLN A 1 125 ? -14.067 8.673   4.839   1.00 67.06  ? 190 GLN A OE1 1 
ATOM   817  N NE2 . GLN A 1 125 ? -14.147 6.809   6.090   1.00 63.43  ? 190 GLN A NE2 1 
ATOM   818  N N   . LYS A 1 126 ? -11.277 8.447   7.004   1.00 69.74  ? 191 LYS A N   1 
ATOM   819  C CA  . LYS A 1 126 ? -11.845 8.913   8.271   1.00 73.09  ? 191 LYS A CA  1 
ATOM   820  C C   . LYS A 1 126 ? -11.033 10.060  8.853   1.00 74.89  ? 191 LYS A C   1 
ATOM   821  O O   . LYS A 1 126 ? -11.593 10.962  9.490   1.00 77.63  ? 191 LYS A O   1 
ATOM   822  C CB  . LYS A 1 126 ? -11.931 7.766   9.288   1.00 69.49  ? 191 LYS A CB  1 
ATOM   823  C CG  . LYS A 1 126 ? -13.078 7.917   10.325  1.00 77.58  ? 191 LYS A CG  1 
ATOM   824  C CD  . LYS A 1 126 ? -14.369 8.538   9.702   1.00 87.19  ? 191 LYS A CD  1 
ATOM   825  C CE  . LYS A 1 126 ? -15.290 7.510   9.003   1.00 82.41  ? 191 LYS A CE  1 
ATOM   826  N NZ  . LYS A 1 126 ? -16.322 8.166   8.128   1.00 89.30  ? 191 LYS A NZ  1 
ATOM   827  N N   . PHE A 1 127 ? -9.724  10.065  8.624   1.00 71.15  ? 192 PHE A N   1 
ATOM   828  C CA  . PHE A 1 127 ? -8.877  11.109  9.190   1.00 79.04  ? 192 PHE A CA  1 
ATOM   829  C C   . PHE A 1 127 ? -8.736  12.343  8.305   1.00 80.50  ? 192 PHE A C   1 
ATOM   830  O O   . PHE A 1 127 ? -8.571  13.454  8.832   1.00 83.78  ? 192 PHE A O   1 
ATOM   831  C CB  . PHE A 1 127 ? -7.481  10.555  9.474   1.00 80.35  ? 192 PHE A CB  1 
ATOM   832  C CG  . PHE A 1 127 ? -7.429  9.620   10.642  1.00 88.10  ? 192 PHE A CG  1 
ATOM   833  C CD1 . PHE A 1 127 ? -8.483  9.552   11.536  1.00 90.18  ? 192 PHE A CD1 1 
ATOM   834  C CD2 . PHE A 1 127 ? -6.321  8.813   10.850  1.00 93.17  ? 192 PHE A CD2 1 
ATOM   835  C CE1 . PHE A 1 127 ? -8.431  8.694   12.616  1.00 99.80  ? 192 PHE A CE1 1 
ATOM   836  C CE2 . PHE A 1 127 ? -6.262  7.954   11.925  1.00 93.22  ? 192 PHE A CE2 1 
ATOM   837  C CZ  . PHE A 1 127 ? -7.315  7.893   12.809  1.00 100.68 ? 192 PHE A CZ  1 
ATOM   838  N N   . SER A 1 128 ? -8.788  12.199  6.973   1.00 72.14  ? 193 SER A N   1 
ATOM   839  C CA  . SER A 1 128 ? -8.407  13.332  6.139   1.00 69.68  ? 193 SER A CA  1 
ATOM   840  C C   . SER A 1 128 ? -9.275  13.482  4.896   1.00 71.28  ? 193 SER A C   1 
ATOM   841  O O   . SER A 1 128 ? -8.871  14.174  3.951   1.00 75.32  ? 193 SER A O   1 
ATOM   842  C CB  . SER A 1 128 ? -6.931  13.206  5.730   1.00 70.60  ? 193 SER A CB  1 
ATOM   843  O OG  . SER A 1 128 ? -6.113  12.878  6.849   1.00 71.05  ? 193 SER A OG  1 
ATOM   844  N N   . GLY A 1 129 ? -10.447 12.857  4.857   1.00 70.58  ? 194 GLY A N   1 
ATOM   845  C CA  . GLY A 1 129 ? -11.268 12.896  3.672   1.00 61.23  ? 194 GLY A CA  1 
ATOM   846  C C   . GLY A 1 129 ? -10.780 11.917  2.632   1.00 59.49  ? 194 GLY A C   1 
ATOM   847  O O   . GLY A 1 129 ? -9.774  11.231  2.809   1.00 61.40  ? 194 GLY A O   1 
ATOM   848  N N   . PRO A 1 130 ? -11.477 11.854  1.493   1.00 58.12  ? 195 PRO A N   1 
ATOM   849  C CA  . PRO A 1 130 ? -11.233 10.787  0.526   1.00 58.15  ? 195 PRO A CA  1 
ATOM   850  C C   . PRO A 1 130 ? -10.139 11.065  -0.495  1.00 62.27  ? 195 PRO A C   1 
ATOM   851  O O   . PRO A 1 130 ? -9.862  10.185  -1.323  1.00 57.58  ? 195 PRO A O   1 
ATOM   852  C CB  . PRO A 1 130 ? -12.599 10.694  -0.162  1.00 59.77  ? 195 PRO A CB  1 
ATOM   853  C CG  . PRO A 1 130 ? -13.074 12.116  -0.176  1.00 57.26  ? 195 PRO A CG  1 
ATOM   854  C CD  . PRO A 1 130 ? -12.532 12.773  1.047   1.00 61.03  ? 195 PRO A CD  1 
ATOM   855  N N   . TRP A 1 131 ? -9.505  12.244  -0.460  1.00 64.19  ? 196 TRP A N   1 
ATOM   856  C CA  . TRP A 1 131 ? -8.625  12.683  -1.548  1.00 61.36  ? 196 TRP A CA  1 
ATOM   857  C C   . TRP A 1 131 ? -7.194  12.257  -1.262  1.00 59.73  ? 196 TRP A C   1 
ATOM   858  O O   . TRP A 1 131 ? -6.325  13.054  -0.901  1.00 64.38  ? 196 TRP A O   1 
ATOM   859  C CB  . TRP A 1 131 ? -8.745  14.182  -1.745  1.00 66.05  ? 196 TRP A CB  1 
ATOM   860  C CG  . TRP A 1 131 ? -10.139 14.569  -2.017  1.00 70.04  ? 196 TRP A CG  1 
ATOM   861  C CD1 . TRP A 1 131 ? -10.997 15.211  -1.172  1.00 67.55  ? 196 TRP A CD1 1 
ATOM   862  C CD2 . TRP A 1 131 ? -10.865 14.310  -3.215  1.00 70.84  ? 196 TRP A CD2 1 
ATOM   863  N NE1 . TRP A 1 131 ? -12.207 15.396  -1.788  1.00 69.27  ? 196 TRP A NE1 1 
ATOM   864  C CE2 . TRP A 1 131 ? -12.154 14.845  -3.043  1.00 71.72  ? 196 TRP A CE2 1 
ATOM   865  C CE3 . TRP A 1 131 ? -10.549 13.680  -4.422  1.00 72.55  ? 196 TRP A CE3 1 
ATOM   866  C CZ2 . TRP A 1 131 ? -13.133 14.767  -4.033  1.00 69.48  ? 196 TRP A CZ2 1 
ATOM   867  C CZ3 . TRP A 1 131 ? -11.521 13.606  -5.404  1.00 74.13  ? 196 TRP A CZ3 1 
ATOM   868  C CH2 . TRP A 1 131 ? -12.799 14.142  -5.202  1.00 70.99  ? 196 TRP A CH2 1 
ATOM   869  N N   . PHE A 1 132 ? -6.948  10.970  -1.467  1.00 54.15  ? 197 PHE A N   1 
ATOM   870  C CA  . PHE A 1 132 ? -5.670  10.364  -1.154  1.00 55.99  ? 197 PHE A CA  1 
ATOM   871  C C   . PHE A 1 132 ? -5.454  9.242   -2.141  1.00 50.28  ? 197 PHE A C   1 
ATOM   872  O O   . PHE A 1 132 ? -6.391  8.797   -2.792  1.00 54.14  ? 197 PHE A O   1 
ATOM   873  C CB  . PHE A 1 132 ? -5.643  9.807   0.268   1.00 60.31  ? 197 PHE A CB  1 
ATOM   874  C CG  . PHE A 1 132 ? -6.604  8.685   0.471   1.00 54.75  ? 197 PHE A CG  1 
ATOM   875  C CD1 . PHE A 1 132 ? -6.221  7.373   0.230   1.00 51.06  ? 197 PHE A CD1 1 
ATOM   876  C CD2 . PHE A 1 132 ? -7.911  8.948   0.879   1.00 54.38  ? 197 PHE A CD2 1 
ATOM   877  C CE1 . PHE A 1 132 ? -7.133  6.343   0.405   1.00 58.33  ? 197 PHE A CE1 1 
ATOM   878  C CE2 . PHE A 1 132 ? -8.817  7.935   1.062   1.00 48.40  ? 197 PHE A CE2 1 
ATOM   879  C CZ  . PHE A 1 132 ? -8.435  6.632   0.827   1.00 50.97  ? 197 PHE A CZ  1 
ATOM   880  N N   . GLY A 1 133 ? -4.224  8.767   -2.228  1.00 50.87  ? 198 GLY A N   1 
ATOM   881  C CA  . GLY A 1 133 ? -3.923  7.696   -3.150  1.00 50.01  ? 198 GLY A CA  1 
ATOM   882  C C   . GLY A 1 133 ? -2.508  7.218   -2.946  1.00 55.50  ? 198 GLY A C   1 
ATOM   883  O O   . GLY A 1 133 ? -1.683  7.905   -2.339  1.00 56.84  ? 198 GLY A O   1 
ATOM   884  N N   . GLY A 1 134 ? -2.245  6.024   -3.453  1.00 54.08  ? 199 GLY A N   1 
ATOM   885  C CA  . GLY A 1 134 ? -0.937  5.411   -3.339  1.00 53.33  ? 199 GLY A CA  1 
ATOM   886  C C   . GLY A 1 134 ? -0.989  4.002   -2.783  1.00 53.99  ? 199 GLY A C   1 
ATOM   887  O O   . GLY A 1 134 ? -1.836  3.665   -1.950  1.00 52.55  ? 199 GLY A O   1 
ATOM   888  N N   . LEU A 1 135 ? -0.054  3.171   -3.247  1.00 53.54  ? 200 LEU A N   1 
ATOM   889  C CA  . LEU A 1 135 ? 0.164   1.801   -2.804  1.00 55.49  ? 200 LEU A CA  1 
ATOM   890  C C   . LEU A 1 135 ? 0.797   1.704   -1.407  1.00 55.94  ? 200 LEU A C   1 
ATOM   891  O O   . LEU A 1 135 ? 1.058   0.589   -0.942  1.00 54.28  ? 200 LEU A O   1 
ATOM   892  C CB  . LEU A 1 135 ? 1.051   1.087   -3.837  1.00 53.57  ? 200 LEU A CB  1 
ATOM   893  C CG  . LEU A 1 135 ? 1.022   -0.443  -3.916  1.00 56.84  ? 200 LEU A CG  1 
ATOM   894  C CD1 . LEU A 1 135 ? -0.409  -0.981  -3.869  1.00 51.81  ? 200 LEU A CD1 1 
ATOM   895  C CD2 . LEU A 1 135 ? 1.691   -0.896  -5.175  1.00 56.54  ? 200 LEU A CD2 1 
ATOM   896  N N   . SER A 1 136 ? 1.053   2.815   -0.718  1.00 52.88  ? 201 SER A N   1 
ATOM   897  C CA  . SER A 1 136 ? 1.937   2.713   0.438   1.00 59.10  ? 201 SER A CA  1 
ATOM   898  C C   . SER A 1 136 ? 1.238   2.071   1.629   1.00 62.52  ? 201 SER A C   1 
ATOM   899  O O   . SER A 1 136 ? 1.888   1.370   2.419   1.00 60.84  ? 201 SER A O   1 
ATOM   900  C CB  . SER A 1 136 ? 2.505   4.085   0.818   1.00 61.24  ? 201 SER A CB  1 
ATOM   901  O OG  . SER A 1 136 ? 1.550   4.932   1.426   1.00 60.63  ? 201 SER A OG  1 
ATOM   902  N N   . GLY A 1 137 ? -0.071  2.300   1.782   1.00 61.14  ? 202 GLY A N   1 
ATOM   903  C CA  . GLY A 1 137 ? -0.828  1.519   2.747   1.00 55.45  ? 202 GLY A CA  1 
ATOM   904  C C   . GLY A 1 137 ? -0.565  0.034   2.592   1.00 56.65  ? 202 GLY A C   1 
ATOM   905  O O   . GLY A 1 137 ? -0.282  -0.667  3.570   1.00 56.06  ? 202 GLY A O   1 
ATOM   906  N N   . VAL A 1 138 ? -0.614  -0.459  1.345   1.00 52.70  ? 203 VAL A N   1 
ATOM   907  C CA  . VAL A 1 138 ? -0.299  -1.859  1.079   1.00 49.51  ? 203 VAL A CA  1 
ATOM   908  C C   . VAL A 1 138 ? 1.157   -2.151  1.433   1.00 59.13  ? 203 VAL A C   1 
ATOM   909  O O   . VAL A 1 138 ? 1.472   -3.196  2.015   1.00 55.30  ? 203 VAL A O   1 
ATOM   910  C CB  . VAL A 1 138 ? -0.612  -2.202  -0.391  1.00 53.51  ? 203 VAL A CB  1 
ATOM   911  C CG1 . VAL A 1 138 ? -0.208  -3.640  -0.729  1.00 50.60  ? 203 VAL A CG1 1 
ATOM   912  C CG2 . VAL A 1 138 ? -2.078  -1.964  -0.698  1.00 52.15  ? 203 VAL A CG2 1 
ATOM   913  N N   . VAL A 1 139 ? 2.066   -1.230  1.094   1.00 56.56  ? 204 VAL A N   1 
ATOM   914  C CA  . VAL A 1 139 ? 3.489   -1.474  1.308   1.00 58.87  ? 204 VAL A CA  1 
ATOM   915  C C   . VAL A 1 139 ? 3.791   -1.587  2.805   1.00 62.86  ? 204 VAL A C   1 
ATOM   916  O O   . VAL A 1 139 ? 4.570   -2.449  3.240   1.00 57.55  ? 204 VAL A O   1 
ATOM   917  C CB  . VAL A 1 139 ? 4.320   -0.366  0.630   1.00 60.54  ? 204 VAL A CB  1 
ATOM   918  C CG1 . VAL A 1 139 ? 5.708   -0.300  1.252   1.00 61.47  ? 204 VAL A CG1 1 
ATOM   919  C CG2 . VAL A 1 139 ? 4.396   -0.580  -0.907  1.00 54.16  ? 204 VAL A CG2 1 
ATOM   920  N N   . TYR A 1 140 ? 3.154   -0.743  3.616   1.00 61.57  ? 205 TYR A N   1 
ATOM   921  C CA  . TYR A 1 140 ? 3.351   -0.807  5.062   1.00 66.20  ? 205 TYR A CA  1 
ATOM   922  C C   . TYR A 1 140 ? 2.840   -2.118  5.652   1.00 66.10  ? 205 TYR A C   1 
ATOM   923  O O   . TYR A 1 140 ? 3.437   -2.660  6.593   1.00 66.39  ? 205 TYR A O   1 
ATOM   924  C CB  . TYR A 1 140 ? 2.680   0.387   5.721   1.00 63.03  ? 205 TYR A CB  1 
ATOM   925  C CG  . TYR A 1 140 ? 3.605   1.562   5.708   1.00 75.72  ? 205 TYR A CG  1 
ATOM   926  C CD1 . TYR A 1 140 ? 3.321   2.710   6.413   1.00 77.05  ? 205 TYR A CD1 1 
ATOM   927  C CD2 . TYR A 1 140 ? 4.799   1.508   4.989   1.00 87.15  ? 205 TYR A CD2 1 
ATOM   928  C CE1 . TYR A 1 140 ? 4.200   3.785   6.410   1.00 85.49  ? 205 TYR A CE1 1 
ATOM   929  C CE2 . TYR A 1 140 ? 5.684   2.572   4.972   1.00 96.20  ? 205 TYR A CE2 1 
ATOM   930  C CZ  . TYR A 1 140 ? 5.375   3.710   5.684   1.00 98.43  ? 205 TYR A CZ  1 
ATOM   931  O OH  . TYR A 1 140 ? 6.255   4.766   5.660   1.00 108.80 ? 205 TYR A OH  1 
ATOM   932  N N   . ALA A 1 141 ? 1.741   -2.652  5.114   1.00 66.01  ? 206 ALA A N   1 
ATOM   933  C CA  . ALA A 1 141 ? 1.305   -3.982  5.528   1.00 65.97  ? 206 ALA A CA  1 
ATOM   934  C C   . ALA A 1 141 ? 2.334   -5.042  5.155   1.00 61.64  ? 206 ALA A C   1 
ATOM   935  O O   . ALA A 1 141 ? 2.593   -5.961  5.937   1.00 68.46  ? 206 ALA A O   1 
ATOM   936  C CB  . ALA A 1 141 ? -0.054  -4.308  4.911   1.00 61.06  ? 206 ALA A CB  1 
ATOM   937  N N   . LEU A 1 142 ? 2.935   -4.931  3.971   1.00 60.77  ? 207 LEU A N   1 
ATOM   938  C CA  . LEU A 1 142 ? 4.018   -5.838  3.601   1.00 65.41  ? 207 LEU A CA  1 
ATOM   939  C C   . LEU A 1 142 ? 5.248   -5.670  4.508   1.00 67.46  ? 207 LEU A C   1 
ATOM   940  O O   . LEU A 1 142 ? 5.876   -6.659  4.907   1.00 62.51  ? 207 LEU A O   1 
ATOM   941  C CB  . LEU A 1 142 ? 4.385   -5.621  2.137   1.00 56.64  ? 207 LEU A CB  1 
ATOM   942  C CG  . LEU A 1 142 ? 3.373   -6.245  1.183   1.00 59.37  ? 207 LEU A CG  1 
ATOM   943  C CD1 . LEU A 1 142 ? 3.643   -5.838  -0.267  1.00 54.30  ? 207 LEU A CD1 1 
ATOM   944  C CD2 . LEU A 1 142 ? 3.390   -7.751  1.320   1.00 55.98  ? 207 LEU A CD2 1 
ATOM   945  N N   . MET A 1 143 ? 5.625   -4.435  4.833   1.00 63.87  ? 208 MET A N   1 
ATOM   946  C CA  . MET A 1 143 ? 6.725   -4.262  5.773   1.00 68.55  ? 208 MET A CA  1 
ATOM   947  C C   . MET A 1 143 ? 6.413   -4.967  7.089   1.00 76.15  ? 208 MET A C   1 
ATOM   948  O O   . MET A 1 143 ? 7.199   -5.796  7.564   1.00 75.02  ? 208 MET A O   1 
ATOM   949  C CB  . MET A 1 143 ? 6.991   -2.780  6.019   1.00 69.83  ? 208 MET A CB  1 
ATOM   950  C CG  . MET A 1 143 ? 7.601   -2.025  4.859   1.00 73.71  ? 208 MET A CG  1 
ATOM   951  S SD  . MET A 1 143 ? 7.620   -0.260  5.239   1.00 80.52  ? 208 MET A SD  1 
ATOM   952  C CE  . MET A 1 143 ? 8.147   0.416   3.676   1.00 79.47  ? 208 MET A CE  1 
ATOM   953  N N   . GLY A 1 144 ? 5.249   -4.667  7.674   1.00 70.69  ? 209 GLY A N   1 
ATOM   954  C CA  . GLY A 1 144 ? 4.890   -5.265  8.949   1.00 71.25  ? 209 GLY A CA  1 
ATOM   955  C C   . GLY A 1 144 ? 4.742   -6.777  8.886   1.00 75.86  ? 209 GLY A C   1 
ATOM   956  O O   . GLY A 1 144 ? 5.089   -7.479  9.838   1.00 74.96  ? 209 GLY A O   1 
ATOM   957  N N   . TYR A 1 145 ? 4.219   -7.303  7.771   1.00 68.90  ? 210 TYR A N   1 
ATOM   958  C CA  . TYR A 1 145 ? 4.048   -8.750  7.667   1.00 71.05  ? 210 TYR A CA  1 
ATOM   959  C C   . TYR A 1 145 ? 5.387   -9.457  7.511   1.00 74.71  ? 210 TYR A C   1 
ATOM   960  O O   . TYR A 1 145 ? 5.664   -10.435 8.214   1.00 73.70  ? 210 TYR A O   1 
ATOM   961  C CB  . TYR A 1 145 ? 3.138   -9.121  6.492   1.00 66.86  ? 210 TYR A CB  1 
ATOM   962  C CG  . TYR A 1 145 ? 2.896   -10.619 6.394   1.00 66.23  ? 210 TYR A CG  1 
ATOM   963  C CD1 . TYR A 1 145 ? 1.805   -11.209 7.034   1.00 68.68  ? 210 TYR A CD1 1 
ATOM   964  C CD2 . TYR A 1 145 ? 3.759   -11.447 5.679   1.00 64.63  ? 210 TYR A CD2 1 
ATOM   965  C CE1 . TYR A 1 145 ? 1.572   -12.581 6.959   1.00 68.88  ? 210 TYR A CE1 1 
ATOM   966  C CE2 . TYR A 1 145 ? 3.537   -12.823 5.605   1.00 72.56  ? 210 TYR A CE2 1 
ATOM   967  C CZ  . TYR A 1 145 ? 2.437   -13.383 6.252   1.00 71.92  ? 210 TYR A CZ  1 
ATOM   968  O OH  . TYR A 1 145 ? 2.192   -14.738 6.192   1.00 71.87  ? 210 TYR A OH  1 
ATOM   969  N N   . VAL A 1 146 ? 6.209   -9.019  6.552   1.00 70.09  ? 211 VAL A N   1 
ATOM   970  C CA  . VAL A 1 146 ? 7.463   -9.725  6.308   1.00 73.41  ? 211 VAL A CA  1 
ATOM   971  C C   . VAL A 1 146 ? 8.369   -9.637  7.531   1.00 78.62  ? 211 VAL A C   1 
ATOM   972  O O   . VAL A 1 146 ? 9.136   -10.565 7.812   1.00 82.86  ? 211 VAL A O   1 
ATOM   973  C CB  . VAL A 1 146 ? 8.147   -9.181  5.038   1.00 78.03  ? 211 VAL A CB  1 
ATOM   974  C CG1 . VAL A 1 146 ? 9.552   -9.723  4.907   1.00 77.92  ? 211 VAL A CG1 1 
ATOM   975  C CG2 . VAL A 1 146 ? 7.346   -9.559  3.816   1.00 77.17  ? 211 VAL A CG2 1 
ATOM   976  N N   . TRP A 1 147 ? 8.266   -8.555  8.306   1.00 76.05  ? 212 TRP A N   1 
ATOM   977  C CA  . TRP A 1 147 ? 9.061   -8.438  9.524   1.00 77.84  ? 212 TRP A CA  1 
ATOM   978  C C   . TRP A 1 147 ? 8.593   -9.386  10.621  1.00 81.48  ? 212 TRP A C   1 
ATOM   979  O O   . TRP A 1 147 ? 9.350   -10.258 11.056  1.00 88.56  ? 212 TRP A O   1 
ATOM   980  C CB  . TRP A 1 147 ? 9.041   -7.015  10.077  1.00 74.35  ? 212 TRP A CB  1 
ATOM   981  C CG  . TRP A 1 147 ? 9.725   -6.955  11.413  1.00 80.02  ? 212 TRP A CG  1 
ATOM   982  C CD1 . TRP A 1 147 ? 11.060  -7.111  11.653  1.00 78.13  ? 212 TRP A CD1 1 
ATOM   983  C CD2 . TRP A 1 147 ? 9.108   -6.758  12.693  1.00 78.68  ? 212 TRP A CD2 1 
ATOM   984  N NE1 . TRP A 1 147 ? 11.308  -7.007  12.993  1.00 82.37  ? 212 TRP A NE1 1 
ATOM   985  C CE2 . TRP A 1 147 ? 10.130  -6.787  13.654  1.00 79.93  ? 212 TRP A CE2 1 
ATOM   986  C CE3 . TRP A 1 147 ? 7.791   -6.547  13.114  1.00 78.71  ? 212 TRP A CE3 1 
ATOM   987  C CZ2 . TRP A 1 147 ? 9.880   -6.620  15.014  1.00 81.04  ? 212 TRP A CZ2 1 
ATOM   988  C CZ3 . TRP A 1 147 ? 7.543   -6.377  14.463  1.00 80.40  ? 212 TRP A CZ3 1 
ATOM   989  C CH2 . TRP A 1 147 ? 8.584   -6.416  15.399  1.00 86.00  ? 212 TRP A CH2 1 
ATOM   990  N N   . LEU A 1 148 ? 7.359   -9.200  11.095  1.00 80.23  ? 213 LEU A N   1 
ATOM   991  C CA  . LEU A 1 148 ? 6.878   -9.957  12.244  1.00 73.92  ? 213 LEU A CA  1 
ATOM   992  C C   . LEU A 1 148 ? 6.795   -11.442 11.943  1.00 77.04  ? 213 LEU A C   1 
ATOM   993  O O   . LEU A 1 148 ? 6.959   -12.265 12.845  1.00 80.62  ? 213 LEU A O   1 
ATOM   994  C CB  . LEU A 1 148 ? 5.521   -9.421  12.682  1.00 69.10  ? 213 LEU A CB  1 
ATOM   995  C CG  . LEU A 1 148 ? 4.888   -9.922  13.984  1.00 79.74  ? 213 LEU A CG  1 
ATOM   996  C CD1 . LEU A 1 148 ? 3.920   -8.873  14.532  1.00 77.50  ? 213 LEU A CD1 1 
ATOM   997  C CD2 . LEU A 1 148 ? 4.141   -11.238 13.795  1.00 82.94  ? 213 LEU A CD2 1 
ATOM   998  N N   . ARG A 1 149 ? 6.531   -11.812 10.693  1.00 78.45  ? 214 ARG A N   1 
ATOM   999  C CA  . ARG A 1 149 ? 6.476   -13.230 10.367  1.00 83.26  ? 214 ARG A CA  1 
ATOM   1000 C C   . ARG A 1 149 ? 7.837   -13.879 10.574  1.00 91.50  ? 214 ARG A C   1 
ATOM   1001 O O   . ARG A 1 149 ? 7.922   -15.026 11.027  1.00 97.05  ? 214 ARG A O   1 
ATOM   1002 C CB  . ARG A 1 149 ? 5.983   -13.426 8.935   1.00 78.49  ? 214 ARG A CB  1 
ATOM   1003 C CG  . ARG A 1 149 ? 5.830   -14.870 8.525   1.00 84.17  ? 214 ARG A CG  1 
ATOM   1004 C CD  . ARG A 1 149 ? 4.724   -15.568 9.296   1.00 87.07  ? 214 ARG A CD  1 
ATOM   1005 N NE  . ARG A 1 149 ? 4.782   -17.010 9.074   1.00 96.11  ? 214 ARG A NE  1 
ATOM   1006 C CZ  . ARG A 1 149 ? 4.337   -17.620 7.975   1.00 94.07  ? 214 ARG A CZ  1 
ATOM   1007 N NH1 . ARG A 1 149 ? 3.792   -16.917 6.993   1.00 88.60  ? 214 ARG A NH1 1 
ATOM   1008 N NH2 . ARG A 1 149 ? 4.443   -18.939 7.854   1.00 97.99  ? 214 ARG A NH2 1 
ATOM   1009 N N   . GLY A 1 150 ? 8.916   -13.143 10.292  1.00 91.84  ? 215 GLY A N   1 
ATOM   1010 C CA  . GLY A 1 150 ? 10.253  -13.685 10.469  1.00 93.53  ? 215 GLY A CA  1 
ATOM   1011 C C   . GLY A 1 150 ? 10.734  -13.723 11.901  1.00 95.51  ? 215 GLY A C   1 
ATOM   1012 O O   . GLY A 1 150 ? 11.535  -14.592 12.260  1.00 99.81  ? 215 GLY A O   1 
ATOM   1013 N N   . GLU A 1 151 ? 10.266  -12.798 12.740  1.00 92.14  ? 216 GLU A N   1 
ATOM   1014 C CA  . GLU A 1 151 ? 10.645  -12.840 14.149  1.00 95.58  ? 216 GLU A CA  1 
ATOM   1015 C C   . GLU A 1 151 ? 9.975   -13.996 14.885  1.00 101.47 ? 216 GLU A C   1 
ATOM   1016 O O   . GLU A 1 151 ? 10.604  -14.613 15.751  1.00 109.86 ? 216 GLU A O   1 
ATOM   1017 C CB  . GLU A 1 151 ? 10.312  -11.511 14.837  1.00 92.84  ? 216 GLU A CB  1 
ATOM   1018 C CG  . GLU A 1 151 ? 11.388  -10.420 14.693  1.00 101.30 ? 216 GLU A CG  1 
ATOM   1019 C CD  . GLU A 1 151 ? 12.808  -10.972 14.621  1.00 110.67 ? 216 GLU A CD  1 
ATOM   1020 O OE1 . GLU A 1 151 ? 13.360  -11.340 15.688  1.00 114.60 ? 216 GLU A OE1 1 
ATOM   1021 O OE2 . GLU A 1 151 ? 13.375  -11.010 13.499  1.00 110.25 ? 216 GLU A OE2 1 
ATOM   1022 N N   . ARG A 1 152 ? 8.723   -14.321 14.558  1.00 99.10  ? 217 ARG A N   1 
ATOM   1023 C CA  . ARG A 1 152 ? 8.016   -15.386 15.262  1.00 95.17  ? 217 ARG A CA  1 
ATOM   1024 C C   . ARG A 1 152 ? 8.105   -16.735 14.568  1.00 99.19  ? 217 ARG A C   1 
ATOM   1025 O O   . ARG A 1 152 ? 7.950   -17.770 15.229  1.00 108.35 ? 217 ARG A O   1 
ATOM   1026 C CB  . ARG A 1 152 ? 6.542   -15.016 15.449  1.00 90.00  ? 217 ARG A CB  1 
ATOM   1027 C CG  . ARG A 1 152 ? 6.256   -14.270 16.732  1.00 92.21  ? 217 ARG A CG  1 
ATOM   1028 C CD  . ARG A 1 152 ? 5.914   -12.841 16.442  1.00 90.74  ? 217 ARG A CD  1 
ATOM   1029 N NE  . ARG A 1 152 ? 5.823   -12.013 17.636  1.00 93.41  ? 217 ARG A NE  1 
ATOM   1030 C CZ  . ARG A 1 152 ? 4.779   -12.004 18.452  1.00 96.81  ? 217 ARG A CZ  1 
ATOM   1031 N NH1 . ARG A 1 152 ? 4.774   -11.200 19.507  1.00 102.32 ? 217 ARG A NH1 1 
ATOM   1032 N NH2 . ARG A 1 152 ? 3.748   -12.812 18.221  1.00 94.40  ? 217 ARG A NH2 1 
ATOM   1033 N N   . ASP A 1 153 ? 8.347   -16.763 13.263  1.00 100.46 ? 218 ASP A N   1 
ATOM   1034 C CA  . ASP A 1 153 ? 8.315   -18.003 12.485  1.00 107.18 ? 218 ASP A CA  1 
ATOM   1035 C C   . ASP A 1 153 ? 9.446   -17.954 11.466  1.00 108.25 ? 218 ASP A C   1 
ATOM   1036 O O   . ASP A 1 153 ? 9.211   -17.917 10.250  1.00 109.53 ? 218 ASP A O   1 
ATOM   1037 C CB  . ASP A 1 153 ? 6.946   -18.175 11.825  1.00 106.40 ? 218 ASP A CB  1 
ATOM   1038 C CG  . ASP A 1 153 ? 6.756   -19.528 11.134  1.00 111.06 ? 218 ASP A CG  1 
ATOM   1039 O OD1 . ASP A 1 153 ? 5.584   -19.831 10.802  1.00 109.59 ? 218 ASP A OD1 1 
ATOM   1040 O OD2 . ASP A 1 153 ? 7.735   -20.275 10.909  1.00 114.29 ? 218 ASP A OD2 1 
ATOM   1041 N N   . PRO A 1 154 ? 10.694  -17.948 11.935  1.00 106.66 ? 219 PRO A N   1 
ATOM   1042 C CA  . PRO A 1 154 ? 11.818  -17.850 10.989  1.00 109.26 ? 219 PRO A CA  1 
ATOM   1043 C C   . PRO A 1 154 ? 11.919  -19.054 10.077  1.00 113.60 ? 219 PRO A C   1 
ATOM   1044 O O   . PRO A 1 154 ? 12.593  -18.976 9.044   1.00 115.23 ? 219 PRO A O   1 
ATOM   1045 C CB  . PRO A 1 154 ? 13.052  -17.725 11.894  1.00 104.97 ? 219 PRO A CB  1 
ATOM   1046 C CG  . PRO A 1 154 ? 12.624  -18.166 13.231  1.00 108.61 ? 219 PRO A CG  1 
ATOM   1047 C CD  . PRO A 1 154 ? 11.137  -18.067 13.338  1.00 107.32 ? 219 PRO A CD  1 
ATOM   1048 N N   . GLN A 1 155 ? 11.264  -20.165 10.420  1.00 116.00 ? 220 GLN A N   1 
ATOM   1049 C CA  . GLN A 1 155 ? 11.213  -21.296 9.508   1.00 116.28 ? 220 GLN A CA  1 
ATOM   1050 C C   . GLN A 1 155 ? 10.457  -20.964 8.238   1.00 117.73 ? 220 GLN A C   1 
ATOM   1051 O O   . GLN A 1 155 ? 10.689  -21.609 7.210   1.00 125.09 ? 220 GLN A O   1 
ATOM   1052 C CB  . GLN A 1 155 ? 10.556  -22.492 10.183  1.00 116.73 ? 220 GLN A CB  1 
ATOM   1053 C CG  . GLN A 1 155 ? 11.061  -22.778 11.569  1.00 117.94 ? 220 GLN A CG  1 
ATOM   1054 C CD  . GLN A 1 155 ? 10.376  -23.987 12.158  1.00 120.29 ? 220 GLN A CD  1 
ATOM   1055 O OE1 . GLN A 1 155 ? 9.577   -24.642 11.489  1.00 120.85 ? 220 GLN A OE1 1 
ATOM   1056 N NE2 . GLN A 1 155 ? 10.682  -24.293 13.413  1.00 120.48 ? 220 GLN A NE2 1 
ATOM   1057 N N   . SER A 1 156 ? 9.562   -19.970 8.286   1.00 117.25 ? 221 SER A N   1 
ATOM   1058 C CA  . SER A 1 156 ? 8.807   -19.549 7.106   1.00 110.99 ? 221 SER A CA  1 
ATOM   1059 C C   . SER A 1 156 ? 9.689   -19.245 5.903   1.00 109.54 ? 221 SER A C   1 
ATOM   1060 O O   . SER A 1 156 ? 9.197   -19.278 4.770   1.00 108.55 ? 221 SER A O   1 
ATOM   1061 C CB  . SER A 1 156 ? 7.992   -18.291 7.412   1.00 108.66 ? 221 SER A CB  1 
ATOM   1062 O OG  . SER A 1 156 ? 7.140   -18.469 8.526   1.00 116.50 ? 221 SER A OG  1 
ATOM   1063 N N   . GLY A 1 157 ? 10.971  -18.951 6.118   1.00 112.61 ? 222 GLY A N   1 
ATOM   1064 C CA  . GLY A 1 157 ? 11.820  -18.362 5.097   1.00 110.03 ? 222 GLY A CA  1 
ATOM   1065 C C   . GLY A 1 157 ? 11.579  -16.884 4.854   1.00 102.71 ? 222 GLY A C   1 
ATOM   1066 O O   . GLY A 1 157 ? 12.059  -16.343 3.840   1.00 95.34  ? 222 GLY A O   1 
ATOM   1067 N N   . ILE A 1 158 ? 10.827  -16.216 5.731   1.00 104.19 ? 223 ILE A N   1 
ATOM   1068 C CA  . ILE A 1 158 ? 10.318  -14.884 5.451   1.00 99.41  ? 223 ILE A CA  1 
ATOM   1069 C C   . ILE A 1 158 ? 10.926  -13.977 6.494   1.00 90.06  ? 223 ILE A C   1 
ATOM   1070 O O   . ILE A 1 158 ? 10.643  -14.157 7.685   1.00 93.45  ? 223 ILE A O   1 
ATOM   1071 C CB  . ILE A 1 158 ? 8.794   -14.811 5.578   1.00 99.11  ? 223 ILE A CB  1 
ATOM   1072 C CG1 . ILE A 1 158 ? 8.082   -15.903 4.768   1.00 102.57 ? 223 ILE A CG1 1 
ATOM   1073 C CG2 . ILE A 1 158 ? 8.345   -13.395 5.236   1.00 88.38  ? 223 ILE A CG2 1 
ATOM   1074 C CD1 . ILE A 1 158 ? 8.663   -16.236 3.405   1.00 100.69 ? 223 ILE A CD1 1 
ATOM   1075 N N   . TYR A 1 159 ? 11.764  -13.026 6.084   1.00 84.48  ? 224 TYR A N   1 
ATOM   1076 C CA  . TYR A 1 159 ? 12.333  -12.136 7.085   1.00 86.51  ? 224 TYR A CA  1 
ATOM   1077 C C   . TYR A 1 159 ? 12.660  -10.802 6.440   1.00 81.28  ? 224 TYR A C   1 
ATOM   1078 O O   . TYR A 1 159 ? 13.016  -10.736 5.263   1.00 81.98  ? 224 TYR A O   1 
ATOM   1079 C CB  . TYR A 1 159 ? 13.577  -12.745 7.769   1.00 90.10  ? 224 TYR A CB  1 
ATOM   1080 C CG  . TYR A 1 159 ? 14.804  -12.725 6.897   1.00 88.46  ? 224 TYR A CG  1 
ATOM   1081 C CD1 . TYR A 1 159 ? 15.852  -11.853 7.162   1.00 87.70  ? 224 TYR A CD1 1 
ATOM   1082 C CD2 . TYR A 1 159 ? 14.895  -13.553 5.785   1.00 91.42  ? 224 TYR A CD2 1 
ATOM   1083 C CE1 . TYR A 1 159 ? 16.961  -11.816 6.358   1.00 97.15  ? 224 TYR A CE1 1 
ATOM   1084 C CE2 . TYR A 1 159 ? 16.008  -13.528 4.962   1.00 98.21  ? 224 TYR A CE2 1 
ATOM   1085 C CZ  . TYR A 1 159 ? 17.040  -12.651 5.257   1.00 103.37 ? 224 TYR A CZ  1 
ATOM   1086 O OH  . TYR A 1 159 ? 18.169  -12.584 4.471   1.00 121.06 ? 224 TYR A OH  1 
ATOM   1087 N N   . LEU A 1 160 ? 12.513  -9.741  7.221   1.00 77.67  ? 225 LEU A N   1 
ATOM   1088 C CA  . LEU A 1 160 ? 12.870  -8.404  6.770   1.00 78.78  ? 225 LEU A CA  1 
ATOM   1089 C C   . LEU A 1 160 ? 14.337  -8.187  7.130   1.00 76.06  ? 225 LEU A C   1 
ATOM   1090 O O   . LEU A 1 160 ? 14.676  -8.093  8.310   1.00 74.75  ? 225 LEU A O   1 
ATOM   1091 C CB  . LEU A 1 160 ? 11.962  -7.355  7.410   1.00 69.47  ? 225 LEU A CB  1 
ATOM   1092 C CG  . LEU A 1 160 ? 12.054  -5.982  6.765   1.00 65.00  ? 225 LEU A CG  1 
ATOM   1093 C CD1 . LEU A 1 160 ? 11.758  -6.146  5.295   1.00 68.71  ? 225 LEU A CD1 1 
ATOM   1094 C CD2 . LEU A 1 160 ? 11.103  -5.016  7.432   1.00 60.48  ? 225 LEU A CD2 1 
ATOM   1095 N N   . GLN A 1 161 ? 15.214  -8.174  6.121   1.00 77.41  ? 226 GLN A N   1 
ATOM   1096 C CA  . GLN A 1 161 ? 16.642  -8.016  6.373   1.00 78.35  ? 226 GLN A CA  1 
ATOM   1097 C C   . GLN A 1 161 ? 16.910  -6.679  7.060   1.00 77.00  ? 226 GLN A C   1 
ATOM   1098 O O   . GLN A 1 161 ? 16.223  -5.679  6.806   1.00 74.40  ? 226 GLN A O   1 
ATOM   1099 C CB  . GLN A 1 161 ? 17.441  -8.137  5.068   1.00 80.42  ? 226 GLN A CB  1 
ATOM   1100 C CG  . GLN A 1 161 ? 16.738  -7.580  3.827   1.00 90.21  ? 226 GLN A CG  1 
ATOM   1101 C CD  . GLN A 1 161 ? 15.829  -8.603  3.106   1.00 95.55  ? 226 GLN A CD  1 
ATOM   1102 O OE1 . GLN A 1 161 ? 14.715  -8.903  3.546   1.00 97.56  ? 226 GLN A OE1 1 
ATOM   1103 N NE2 . GLN A 1 161 ? 16.317  -9.134  1.994   1.00 95.21  ? 226 GLN A NE2 1 
ATOM   1104 N N   . ARG A 1 162 ? 17.901  -6.677  7.959   1.00 72.75  ? 227 ARG A N   1 
ATOM   1105 C CA  . ARG A 1 162 ? 18.068  -5.557  8.877   1.00 68.31  ? 227 ARG A CA  1 
ATOM   1106 C C   . ARG A 1 162 ? 18.209  -4.235  8.139   1.00 68.66  ? 227 ARG A C   1 
ATOM   1107 O O   . ARG A 1 162 ? 17.728  -3.205  8.622   1.00 66.25  ? 227 ARG A O   1 
ATOM   1108 C CB  . ARG A 1 162 ? 19.269  -5.800  9.773   1.00 77.66  ? 227 ARG A CB  1 
ATOM   1109 C CG  . ARG A 1 162 ? 19.010  -6.807  10.857  1.00 77.29  ? 227 ARG A CG  1 
ATOM   1110 C CD  . ARG A 1 162 ? 20.302  -7.139  11.536  1.00 74.11  ? 227 ARG A CD  1 
ATOM   1111 N NE  . ARG A 1 162 ? 20.089  -7.917  12.746  1.00 79.52  ? 227 ARG A NE  1 
ATOM   1112 C CZ  . ARG A 1 162 ? 21.074  -8.359  13.522  1.00 77.81  ? 227 ARG A CZ  1 
ATOM   1113 N NH1 . ARG A 1 162 ? 22.339  -8.102  13.199  1.00 71.70  ? 227 ARG A NH1 1 
ATOM   1114 N NH2 . ARG A 1 162 ? 20.794  -9.060  14.614  1.00 75.11  ? 227 ARG A NH2 1 
ATOM   1115 N N   . GLY A 1 163 ? 18.876  -4.238  6.976   1.00 70.74  ? 228 GLY A N   1 
ATOM   1116 C CA  . GLY A 1 163 ? 18.858  -3.052  6.132   1.00 66.99  ? 228 GLY A CA  1 
ATOM   1117 C C   . GLY A 1 163 ? 17.457  -2.486  6.005   1.00 72.78  ? 228 GLY A C   1 
ATOM   1118 O O   . GLY A 1 163 ? 17.229  -1.285  6.196   1.00 69.86  ? 228 GLY A O   1 
ATOM   1119 N N   . LEU A 1 164 ? 16.480  -3.365  5.751   1.00 68.49  ? 229 LEU A N   1 
ATOM   1120 C CA  . LEU A 1 164 ? 15.131  -2.913  5.443   1.00 67.31  ? 229 LEU A CA  1 
ATOM   1121 C C   . LEU A 1 164 ? 14.358  -2.563  6.700   1.00 67.41  ? 229 LEU A C   1 
ATOM   1122 O O   . LEU A 1 164 ? 13.557  -1.625  6.687   1.00 67.38  ? 229 LEU A O   1 
ATOM   1123 C CB  . LEU A 1 164 ? 14.397  -3.974  4.636   1.00 67.14  ? 229 LEU A CB  1 
ATOM   1124 C CG  . LEU A 1 164 ? 14.896  -4.015  3.190   1.00 74.68  ? 229 LEU A CG  1 
ATOM   1125 C CD1 . LEU A 1 164 ? 14.099  -5.011  2.380   1.00 76.94  ? 229 LEU A CD1 1 
ATOM   1126 C CD2 . LEU A 1 164 ? 14.846  -2.632  2.554   1.00 66.53  ? 229 LEU A CD2 1 
ATOM   1127 N N   . ILE A 1 165 ? 14.583  -3.306  7.786   1.00 64.78  ? 230 ILE A N   1 
ATOM   1128 C CA  . ILE A 1 165 ? 14.054  -2.904  9.088   1.00 65.50  ? 230 ILE A CA  1 
ATOM   1129 C C   . ILE A 1 165 ? 14.364  -1.435  9.359   1.00 70.06  ? 230 ILE A C   1 
ATOM   1130 O O   . ILE A 1 165 ? 13.484  -0.651  9.731   1.00 73.88  ? 230 ILE A O   1 
ATOM   1131 C CB  . ILE A 1 165 ? 14.626  -3.804  10.190  1.00 64.21  ? 230 ILE A CB  1 
ATOM   1132 C CG1 . ILE A 1 165 ? 14.212  -5.251  9.942   1.00 65.79  ? 230 ILE A CG1 1 
ATOM   1133 C CG2 . ILE A 1 165 ? 14.222  -3.280  11.536  1.00 59.83  ? 230 ILE A CG2 1 
ATOM   1134 C CD1 . ILE A 1 165 ? 14.552  -6.182  11.071  1.00 64.29  ? 230 ILE A CD1 1 
ATOM   1135 N N   . ILE A 1 166 ? 15.626  -1.047  9.153   1.00 71.19  ? 231 ILE A N   1 
ATOM   1136 C CA  . ILE A 1 166 ? 16.050  0.343   9.334   1.00 73.63  ? 231 ILE A CA  1 
ATOM   1137 C C   . ILE A 1 166 ? 15.334  1.260   8.349   1.00 74.23  ? 231 ILE A C   1 
ATOM   1138 O O   . ILE A 1 166 ? 14.706  2.256   8.739   1.00 72.93  ? 231 ILE A O   1 
ATOM   1139 C CB  . ILE A 1 166 ? 17.581  0.457   9.188   1.00 65.41  ? 231 ILE A CB  1 
ATOM   1140 C CG1 . ILE A 1 166 ? 18.271  -0.464  10.175  1.00 66.72  ? 231 ILE A CG1 1 
ATOM   1141 C CG2 . ILE A 1 166 ? 18.027  1.879   9.413   1.00 63.50  ? 231 ILE A CG2 1 
ATOM   1142 C CD1 . ILE A 1 166 ? 17.969  -0.083  11.621  1.00 67.73  ? 231 ILE A CD1 1 
ATOM   1143 N N   . PHE A 1 167 ? 15.448  0.965   7.051   1.00 71.18  ? 232 PHE A N   1 
ATOM   1144 C CA  . PHE A 1 167 ? 14.779  1.811   6.072   1.00 75.23  ? 232 PHE A CA  1 
ATOM   1145 C C   . PHE A 1 167 ? 13.266  1.872   6.311   1.00 76.06  ? 232 PHE A C   1 
ATOM   1146 O O   . PHE A 1 167 ? 12.657  2.940   6.181   1.00 73.65  ? 232 PHE A O   1 
ATOM   1147 C CB  . PHE A 1 167 ? 15.112  1.344   4.656   1.00 77.77  ? 232 PHE A CB  1 
ATOM   1148 C CG  . PHE A 1 167 ? 16.532  1.652   4.243   1.00 80.37  ? 232 PHE A CG  1 
ATOM   1149 C CD1 . PHE A 1 167 ? 17.167  0.914   3.244   1.00 82.10  ? 232 PHE A CD1 1 
ATOM   1150 C CD2 . PHE A 1 167 ? 17.249  2.651   4.890   1.00 82.97  ? 232 PHE A CD2 1 
ATOM   1151 C CE1 . PHE A 1 167 ? 18.479  1.197   2.879   1.00 81.91  ? 232 PHE A CE1 1 
ATOM   1152 C CE2 . PHE A 1 167 ? 18.572  2.943   4.534   1.00 80.26  ? 232 PHE A CE2 1 
ATOM   1153 C CZ  . PHE A 1 167 ? 19.192  2.208   3.540   1.00 76.65  ? 232 PHE A CZ  1 
ATOM   1154 N N   . ALA A 1 168 ? 12.647  0.751   6.696   1.00 70.61  ? 233 ALA A N   1 
ATOM   1155 C CA  . ALA A 1 168 ? 11.215  0.780   6.978   1.00 74.35  ? 233 ALA A CA  1 
ATOM   1156 C C   . ALA A 1 168 ? 10.911  1.701   8.149   1.00 76.64  ? 233 ALA A C   1 
ATOM   1157 O O   . ALA A 1 168 ? 9.952   2.483   8.095   1.00 75.01  ? 233 ALA A O   1 
ATOM   1158 C CB  . ALA A 1 168 ? 10.688  -0.631  7.255   1.00 68.93  ? 233 ALA A CB  1 
ATOM   1159 N N   . LEU A 1 169 ? 11.718  1.619   9.216   1.00 78.73  ? 234 LEU A N   1 
ATOM   1160 C CA  . LEU A 1 169 ? 11.589  2.521   10.365  1.00 76.54  ? 234 LEU A CA  1 
ATOM   1161 C C   . LEU A 1 169 ? 11.663  3.975   9.928   1.00 73.93  ? 234 LEU A C   1 
ATOM   1162 O O   . LEU A 1 169 ? 10.886  4.828   10.378  1.00 69.15  ? 234 LEU A O   1 
ATOM   1163 C CB  . LEU A 1 169 ? 12.699  2.239   11.374  1.00 69.59  ? 234 LEU A CB  1 
ATOM   1164 C CG  . LEU A 1 169 ? 12.553  1.027   12.276  1.00 74.48  ? 234 LEU A CG  1 
ATOM   1165 C CD1 . LEU A 1 169 ? 13.920  0.580   12.755  1.00 72.30  ? 234 LEU A CD1 1 
ATOM   1166 C CD2 . LEU A 1 169 ? 11.669  1.386   13.445  1.00 80.00  ? 234 LEU A CD2 1 
ATOM   1167 N N   . ILE A 1 170 ? 12.612  4.274   9.046   1.00 71.73  ? 235 ILE A N   1 
ATOM   1168 C CA  . ILE A 1 170 ? 12.844  5.655   8.662   1.00 71.74  ? 235 ILE A CA  1 
ATOM   1169 C C   . ILE A 1 170 ? 11.626  6.208   7.937   1.00 76.18  ? 235 ILE A C   1 
ATOM   1170 O O   . ILE A 1 170 ? 11.012  7.179   8.393   1.00 74.57  ? 235 ILE A O   1 
ATOM   1171 C CB  . ILE A 1 170 ? 14.135  5.763   7.837   1.00 74.70  ? 235 ILE A CB  1 
ATOM   1172 C CG1 . ILE A 1 170 ? 15.330  5.595   8.792   1.00 73.58  ? 235 ILE A CG1 1 
ATOM   1173 C CG2 . ILE A 1 170 ? 14.171  7.067   7.085   1.00 76.36  ? 235 ILE A CG2 1 
ATOM   1174 C CD1 . ILE A 1 170 ? 16.700  5.706   8.161   1.00 72.88  ? 235 ILE A CD1 1 
ATOM   1175 N N   . TRP A 1 171 ? 11.233  5.560   6.827   1.00 83.24  ? 236 TRP A N   1 
ATOM   1176 C CA  . TRP A 1 171 ? 9.981   5.843   6.116   1.00 84.56  ? 236 TRP A CA  1 
ATOM   1177 C C   . TRP A 1 171 ? 8.826   6.131   7.063   1.00 78.25  ? 236 TRP A C   1 
ATOM   1178 O O   . TRP A 1 171 ? 8.192   7.192   7.002   1.00 75.08  ? 236 TRP A O   1 
ATOM   1179 C CB  . TRP A 1 171 ? 9.617   4.655   5.219   1.00 87.55  ? 236 TRP A CB  1 
ATOM   1180 C CG  . TRP A 1 171 ? 10.123  4.819   3.861   1.00 91.40  ? 236 TRP A CG  1 
ATOM   1181 C CD1 . TRP A 1 171 ? 11.410  5.095   3.499   1.00 93.20  ? 236 TRP A CD1 1 
ATOM   1182 C CD2 . TRP A 1 171 ? 9.367   4.732   2.652   1.00 96.47  ? 236 TRP A CD2 1 
ATOM   1183 N NE1 . TRP A 1 171 ? 11.501  5.193   2.131   1.00 101.00 ? 236 TRP A NE1 1 
ATOM   1184 C CE2 . TRP A 1 171 ? 10.262  4.970   1.586   1.00 99.02  ? 236 TRP A CE2 1 
ATOM   1185 C CE3 . TRP A 1 171 ? 8.023   4.481   2.364   1.00 95.63  ? 236 TRP A CE3 1 
ATOM   1186 C CZ2 . TRP A 1 171 ? 9.851   4.959   0.250   1.00 91.71  ? 236 TRP A CZ2 1 
ATOM   1187 C CZ3 . TRP A 1 171 ? 7.618   4.469   1.032   1.00 96.91  ? 236 TRP A CZ3 1 
ATOM   1188 C CH2 . TRP A 1 171 ? 8.531   4.706   -0.004  1.00 96.63  ? 236 TRP A CH2 1 
ATOM   1189 N N   . ILE A 1 172 ? 8.546   5.173   7.947   1.00 74.58  ? 237 ILE A N   1 
ATOM   1190 C CA  . ILE A 1 172 ? 7.490   5.346   8.937   1.00 77.22  ? 237 ILE A CA  1 
ATOM   1191 C C   . ILE A 1 172 ? 7.628   6.695   9.626   1.00 82.17  ? 237 ILE A C   1 
ATOM   1192 O O   . ILE A 1 172 ? 6.710   7.523   9.608   1.00 80.42  ? 237 ILE A O   1 
ATOM   1193 C CB  . ILE A 1 172 ? 7.534   4.206   9.958   1.00 77.56  ? 237 ILE A CB  1 
ATOM   1194 C CG1 . ILE A 1 172 ? 7.124   2.896   9.283   1.00 87.22  ? 237 ILE A CG1 1 
ATOM   1195 C CG2 . ILE A 1 172 ? 6.671   4.565   11.151  1.00 77.42  ? 237 ILE A CG2 1 
ATOM   1196 C CD1 . ILE A 1 172 ? 7.464   1.653   10.088  1.00 88.21  ? 237 ILE A CD1 1 
ATOM   1197 N N   . VAL A 1 173 ? 8.801   6.922   10.237  1.00 83.89  ? 238 VAL A N   1 
ATOM   1198 C CA  . VAL A 1 173 ? 9.069   8.168   10.953  1.00 79.82  ? 238 VAL A CA  1 
ATOM   1199 C C   . VAL A 1 173 ? 8.910   9.357   10.021  1.00 75.09  ? 238 VAL A C   1 
ATOM   1200 O O   . VAL A 1 173 ? 8.354   10.395  10.402  1.00 73.19  ? 238 VAL A O   1 
ATOM   1201 C CB  . VAL A 1 173 ? 10.473  8.118   11.588  1.00 76.67  ? 238 VAL A CB  1 
ATOM   1202 C CG1 . VAL A 1 173 ? 10.936  9.506   12.027  1.00 65.21  ? 238 VAL A CG1 1 
ATOM   1203 C CG2 . VAL A 1 173 ? 10.480  7.154   12.752  1.00 73.02  ? 238 VAL A CG2 1 
ATOM   1204 N N   . ALA A 1 174 ? 9.381   9.221   8.783   1.00 73.97  ? 239 ALA A N   1 
ATOM   1205 C CA  . ALA A 1 174 ? 9.180   10.280  7.803   1.00 81.72  ? 239 ALA A CA  1 
ATOM   1206 C C   . ALA A 1 174 ? 7.700   10.607  7.660   1.00 88.30  ? 239 ALA A C   1 
ATOM   1207 O O   . ALA A 1 174 ? 7.308   11.781  7.657   1.00 94.13  ? 239 ALA A O   1 
ATOM   1208 C CB  . ALA A 1 174 ? 9.785   9.879   6.458   1.00 83.21  ? 239 ALA A CB  1 
ATOM   1209 N N   . GLY A 1 175 ? 6.858   9.581   7.570   1.00 80.00  ? 240 GLY A N   1 
ATOM   1210 C CA  . GLY A 1 175 ? 5.438   9.823   7.534   1.00 86.94  ? 240 GLY A CA  1 
ATOM   1211 C C   . GLY A 1 175 ? 4.960   10.575  8.759   1.00 87.52  ? 240 GLY A C   1 
ATOM   1212 O O   . GLY A 1 175 ? 4.444   11.691  8.639   1.00 92.41  ? 240 GLY A O   1 
ATOM   1213 N N   . TRP A 1 176 ? 5.157   9.990   9.945   1.00 81.26  ? 241 TRP A N   1 
ATOM   1214 C CA  . TRP A 1 176 ? 4.499   10.510  11.138  1.00 86.78  ? 241 TRP A CA  1 
ATOM   1215 C C   . TRP A 1 176 ? 4.857   11.971  11.385  1.00 91.70  ? 241 TRP A C   1 
ATOM   1216 O O   . TRP A 1 176 ? 3.997   12.771  11.767  1.00 97.41  ? 241 TRP A O   1 
ATOM   1217 C CB  . TRP A 1 176 ? 4.845   9.652   12.351  1.00 88.59  ? 241 TRP A CB  1 
ATOM   1218 C CG  . TRP A 1 176 ? 4.102   10.056  13.590  1.00 103.00 ? 241 TRP A CG  1 
ATOM   1219 C CD1 . TRP A 1 176 ? 4.638   10.545  14.748  1.00 97.97  ? 241 TRP A CD1 1 
ATOM   1220 C CD2 . TRP A 1 176 ? 2.672   10.025  13.791  1.00 117.16 ? 241 TRP A CD2 1 
ATOM   1221 N NE1 . TRP A 1 176 ? 3.638   10.805  15.660  1.00 112.33 ? 241 TRP A NE1 1 
ATOM   1222 C CE2 . TRP A 1 176 ? 2.424   10.500  15.095  1.00 118.65 ? 241 TRP A CE2 1 
ATOM   1223 C CE3 . TRP A 1 176 ? 1.582   9.642   12.993  1.00 120.74 ? 241 TRP A CE3 1 
ATOM   1224 C CZ2 . TRP A 1 176 ? 1.130   10.603  15.621  1.00 122.60 ? 241 TRP A CZ2 1 
ATOM   1225 C CZ3 . TRP A 1 176 ? 0.304   9.745   13.516  1.00 113.31 ? 241 TRP A CZ3 1 
ATOM   1226 C CH2 . TRP A 1 176 ? 0.089   10.222  14.817  1.00 120.31 ? 241 TRP A CH2 1 
ATOM   1227 N N   . PHE A 1 177 ? 6.106   12.352  11.135  1.00 89.73  ? 242 PHE A N   1 
ATOM   1228 C CA  . PHE A 1 177 ? 6.544   13.722  11.367  1.00 87.75  ? 242 PHE A CA  1 
ATOM   1229 C C   . PHE A 1 177 ? 6.542   14.570  10.106  1.00 90.32  ? 242 PHE A C   1 
ATOM   1230 O O   . PHE A 1 177 ? 6.915   15.742  10.173  1.00 92.46  ? 242 PHE A O   1 
ATOM   1231 C CB  . PHE A 1 177 ? 7.935   13.731  12.006  1.00 79.52  ? 242 PHE A CB  1 
ATOM   1232 C CG  . PHE A 1 177 ? 7.978   13.078  13.361  1.00 76.31  ? 242 PHE A CG  1 
ATOM   1233 C CD1 . PHE A 1 177 ? 8.414   11.771  13.508  1.00 77.80  ? 242 PHE A CD1 1 
ATOM   1234 C CD2 . PHE A 1 177 ? 7.570   13.769  14.488  1.00 76.82  ? 242 PHE A CD2 1 
ATOM   1235 C CE1 . PHE A 1 177 ? 8.452   11.163  14.766  1.00 74.40  ? 242 PHE A CE1 1 
ATOM   1236 C CE2 . PHE A 1 177 ? 7.603   13.170  15.744  1.00 77.54  ? 242 PHE A CE2 1 
ATOM   1237 C CZ  . PHE A 1 177 ? 8.047   11.864  15.879  1.00 73.83  ? 242 PHE A CZ  1 
ATOM   1238 N N   . ASP A 1 178 ? 6.146   14.000  8.966   1.00 92.49  ? 243 ASP A N   1 
ATOM   1239 C CA  . ASP A 1 178 ? 5.824   14.748  7.748   1.00 102.25 ? 243 ASP A CA  1 
ATOM   1240 C C   . ASP A 1 178 ? 7.017   15.569  7.256   1.00 105.25 ? 243 ASP A C   1 
ATOM   1241 O O   . ASP A 1 178 ? 6.958   16.794  7.135   1.00 107.56 ? 243 ASP A O   1 
ATOM   1242 C CB  . ASP A 1 178 ? 4.592   15.643  7.962   1.00 113.12 ? 243 ASP A CB  1 
ATOM   1243 C CG  . ASP A 1 178 ? 4.135   16.351  6.677   1.00 128.28 ? 243 ASP A CG  1 
ATOM   1244 O OD1 . ASP A 1 178 ? 4.441   17.554  6.502   1.00 123.59 ? 243 ASP A OD1 1 
ATOM   1245 O OD2 . ASP A 1 178 ? 3.462   15.705  5.842   1.00 132.41 ? 243 ASP A OD2 1 
ATOM   1246 N N   . LEU A 1 179 ? 8.112   14.876  6.954   1.00 106.39 ? 244 LEU A N   1 
ATOM   1247 C CA  . LEU A 1 179 ? 9.232   15.614  6.383   1.00 109.61 ? 244 LEU A CA  1 
ATOM   1248 C C   . LEU A 1 179 ? 9.497   15.212  4.929   1.00 113.27 ? 244 LEU A C   1 
ATOM   1249 O O   . LEU A 1 179 ? 10.618  14.826  4.579   1.00 124.41 ? 244 LEU A O   1 
ATOM   1250 C CB  . LEU A 1 179 ? 10.499  15.482  7.258   1.00 106.08 ? 244 LEU A CB  1 
ATOM   1251 C CG  . LEU A 1 179 ? 11.511  14.337  7.303   1.00 103.43 ? 244 LEU A CG  1 
ATOM   1252 C CD1 . LEU A 1 179 ? 12.590  14.554  8.266   1.00 99.68  ? 244 LEU A CD1 1 
ATOM   1253 C CD2 . LEU A 1 179 ? 10.846  13.071  7.576   1.00 91.00  ? 244 LEU A CD2 1 
ATOM   1254 N N   . PHE A 1 180 ? 8.467   15.285  4.081   1.00 107.08 ? 245 PHE A N   1 
ATOM   1255 C CA  . PHE A 1 180 ? 8.658   15.554  2.655   1.00 106.96 ? 245 PHE A CA  1 
ATOM   1256 C C   . PHE A 1 180 ? 7.836   16.782  2.280   1.00 103.37 ? 245 PHE A C   1 
ATOM   1257 O O   . PHE A 1 180 ? 7.293   17.491  3.135   1.00 102.18 ? 245 PHE A O   1 
ATOM   1258 C CB  . PHE A 1 180 ? 8.244   14.420  1.705   1.00 106.91 ? 245 PHE A CB  1 
ATOM   1259 C CG  . PHE A 1 180 ? 8.578   13.036  2.161   1.00 107.16 ? 245 PHE A CG  1 
ATOM   1260 C CD1 . PHE A 1 180 ? 9.757   12.428  1.756   1.00 111.49 ? 245 PHE A CD1 1 
ATOM   1261 C CD2 . PHE A 1 180 ? 7.663   12.311  2.911   1.00 104.36 ? 245 PHE A CD2 1 
ATOM   1262 C CE1 . PHE A 1 180 ? 10.043  11.128  2.148   1.00 112.13 ? 245 PHE A CE1 1 
ATOM   1263 C CE2 . PHE A 1 180 ? 7.918   11.013  3.294   1.00 99.38  ? 245 PHE A CE2 1 
ATOM   1264 C CZ  . PHE A 1 180 ? 9.111   10.414  2.913   1.00 105.09 ? 245 PHE A CZ  1 
ATOM   1265 N N   . GLY A 1 181 ? 7.710   17.000  0.970   1.00 98.23  ? 246 GLY A N   1 
ATOM   1266 C CA  . GLY A 1 181 ? 7.020   18.180  0.490   1.00 101.72 ? 246 GLY A CA  1 
ATOM   1267 C C   . GLY A 1 181 ? 5.511   18.058  0.509   1.00 102.65 ? 246 GLY A C   1 
ATOM   1268 O O   . GLY A 1 181 ? 4.807   19.071  0.546   1.00 105.40 ? 246 GLY A O   1 
ATOM   1269 N N   . MET A 1 182 ? 4.989   16.837  0.497   1.00 98.15  ? 247 MET A N   1 
ATOM   1270 C CA  . MET A 1 182 ? 3.557   16.637  0.345   1.00 93.37  ? 247 MET A CA  1 
ATOM   1271 C C   . MET A 1 182 ? 2.943   16.002  1.586   1.00 90.93  ? 247 MET A C   1 
ATOM   1272 O O   . MET A 1 182 ? 3.603   15.275  2.334   1.00 92.58  ? 247 MET A O   1 
ATOM   1273 C CB  . MET A 1 182 ? 3.259   15.768  -0.873  1.00 93.50  ? 247 MET A CB  1 
ATOM   1274 C CG  . MET A 1 182 ? 3.722   14.341  -0.712  1.00 101.23 ? 247 MET A CG  1 
ATOM   1275 S SD  . MET A 1 182 ? 5.501   14.217  -0.682  1.00 110.71 ? 247 MET A SD  1 
ATOM   1276 C CE  . MET A 1 182 ? 5.688   12.457  -0.489  1.00 94.83  ? 247 MET A CE  1 
ATOM   1277 N N   . SER A 1 183 ? 1.656   16.287  1.786   1.00 88.46  ? 248 SER A N   1 
ATOM   1278 C CA  . SER A 1 183 ? 0.902   15.682  2.873   1.00 83.99  ? 248 SER A CA  1 
ATOM   1279 C C   . SER A 1 183 ? 0.933   14.161  2.774   1.00 82.14  ? 248 SER A C   1 
ATOM   1280 O O   . SER A 1 183 ? 0.636   13.580  1.724   1.00 75.97  ? 248 SER A O   1 
ATOM   1281 C CB  . SER A 1 183 ? -0.542  16.181  2.856   1.00 84.17  ? 248 SER A CB  1 
ATOM   1282 O OG  . SER A 1 183 ? -0.641  17.486  3.398   1.00 91.21  ? 248 SER A OG  1 
ATOM   1283 N N   . MET A 1 184 ? 1.289   13.526  3.889   1.00 85.86  ? 249 MET A N   1 
ATOM   1284 C CA  . MET A 1 184 ? 1.367   12.078  4.003   1.00 83.00  ? 249 MET A CA  1 
ATOM   1285 C C   . MET A 1 184 ? 0.027   11.477  4.415   1.00 78.24  ? 249 MET A C   1 
ATOM   1286 O O   . MET A 1 184 ? -0.735  12.083  5.176   1.00 77.37  ? 249 MET A O   1 
ATOM   1287 C CB  . MET A 1 184 ? 2.441   11.699  5.025   1.00 86.70  ? 249 MET A CB  1 
ATOM   1288 C CG  . MET A 1 184 ? 3.838   12.009  4.584   1.00 91.21  ? 249 MET A CG  1 
ATOM   1289 S SD  . MET A 1 184 ? 4.438   10.729  3.476   1.00 105.67 ? 249 MET A SD  1 
ATOM   1290 C CE  . MET A 1 184 ? 3.821   11.285  1.898   1.00 85.87  ? 249 MET A CE  1 
ATOM   1291 N N   . ALA A 1 185 ? -0.251  10.274  3.908   1.00 74.73  ? 250 ALA A N   1 
ATOM   1292 C CA  . ALA A 1 185 ? -1.450  9.523   4.288   1.00 76.09  ? 250 ALA A CA  1 
ATOM   1293 C C   . ALA A 1 185 ? -1.145  8.742   5.573   1.00 74.24  ? 250 ALA A C   1 
ATOM   1294 O O   . ALA A 1 185 ? -0.885  7.534   5.569   1.00 69.76  ? 250 ALA A O   1 
ATOM   1295 C CB  . ALA A 1 185 ? -1.893  8.614   3.147   1.00 69.88  ? 250 ALA A CB  1 
ATOM   1296 N N   . ASN A 1 186 ? -1.179  9.459   6.703   1.00 72.85  ? 251 ASN A N   1 
ATOM   1297 C CA  . ASN A 1 186 ? -0.731  8.863   7.964   1.00 75.90  ? 251 ASN A CA  1 
ATOM   1298 C C   . ASN A 1 186 ? -1.664  7.747   8.423   1.00 75.53  ? 251 ASN A C   1 
ATOM   1299 O O   . ASN A 1 186 ? -1.197  6.694   8.880   1.00 73.47  ? 251 ASN A O   1 
ATOM   1300 C CB  . ASN A 1 186 ? -0.598  9.938   9.047   1.00 78.96  ? 251 ASN A CB  1 
ATOM   1301 C CG  . ASN A 1 186 ? 0.653   10.795  8.868   1.00 84.90  ? 251 ASN A CG  1 
ATOM   1302 O OD1 . ASN A 1 186 ? 0.671   11.979  9.223   1.00 90.59  ? 251 ASN A OD1 1 
ATOM   1303 N ND2 . ASN A 1 186 ? 1.698   10.204  8.295   1.00 77.79  ? 251 ASN A ND2 1 
ATOM   1304 N N   . GLY A 1 187 ? -2.981  7.958   8.302   1.00 71.74  ? 252 GLY A N   1 
ATOM   1305 C CA  . GLY A 1 187 ? -3.933  6.882   8.564   1.00 71.22  ? 252 GLY A CA  1 
ATOM   1306 C C   . GLY A 1 187 ? -3.674  5.639   7.732   1.00 68.03  ? 252 GLY A C   1 
ATOM   1307 O O   . GLY A 1 187 ? -3.589  4.530   8.261   1.00 67.59  ? 252 GLY A O   1 
ATOM   1308 N N   . ALA A 1 188 ? -3.535  5.809   6.411   1.00 68.66  ? 253 ALA A N   1 
ATOM   1309 C CA  . ALA A 1 188 ? -3.306  4.657   5.542   1.00 64.00  ? 253 ALA A CA  1 
ATOM   1310 C C   . ALA A 1 188 ? -2.065  3.890   5.967   1.00 66.76  ? 253 ALA A C   1 
ATOM   1311 O O   . ALA A 1 188 ? -2.007  2.662   5.824   1.00 66.28  ? 253 ALA A O   1 
ATOM   1312 C CB  . ALA A 1 188 ? -3.188  5.106   4.076   1.00 59.81  ? 253 ALA A CB  1 
ATOM   1313 N N   . HIS A 1 189 ? -1.070  4.600   6.509   1.00 69.75  ? 254 HIS A N   1 
ATOM   1314 C CA  . HIS A 1 189 ? 0.173   3.967   6.930   1.00 66.31  ? 254 HIS A CA  1 
ATOM   1315 C C   . HIS A 1 189 ? -0.028  3.137   8.188   1.00 67.65  ? 254 HIS A C   1 
ATOM   1316 O O   . HIS A 1 189 ? 0.353   1.961   8.245   1.00 63.28  ? 254 HIS A O   1 
ATOM   1317 C CB  . HIS A 1 189 ? 1.220   5.043   7.173   1.00 72.41  ? 254 HIS A CB  1 
ATOM   1318 C CG  . HIS A 1 189 ? 1.617   5.776   5.937   1.00 77.45  ? 254 HIS A CG  1 
ATOM   1319 N ND1 . HIS A 1 189 ? 1.436   7.133   5.788   1.00 79.51  ? 254 HIS A ND1 1 
ATOM   1320 C CD2 . HIS A 1 189 ? 2.146   5.334   4.773   1.00 77.51  ? 254 HIS A CD2 1 
ATOM   1321 C CE1 . HIS A 1 189 ? 1.860   7.500   4.592   1.00 78.96  ? 254 HIS A CE1 1 
ATOM   1322 N NE2 . HIS A 1 189 ? 2.290   6.426   3.956   1.00 79.88  ? 254 HIS A NE2 1 
ATOM   1323 N N   . ILE A 1 190 ? -0.630  3.747   9.210   1.00 69.72  ? 255 ILE A N   1 
ATOM   1324 C CA  . ILE A 1 190 ? -0.863  3.069   10.482  1.00 71.27  ? 255 ILE A CA  1 
ATOM   1325 C C   . ILE A 1 190 ? -1.796  1.876   10.292  1.00 68.74  ? 255 ILE A C   1 
ATOM   1326 O O   . ILE A 1 190 ? -1.492  0.749   10.711  1.00 64.86  ? 255 ILE A O   1 
ATOM   1327 C CB  . ILE A 1 190 ? -1.416  4.069   11.514  1.00 69.12  ? 255 ILE A CB  1 
ATOM   1328 C CG1 . ILE A 1 190 ? -0.278  4.762   12.276  1.00 77.10  ? 255 ILE A CG1 1 
ATOM   1329 C CG2 . ILE A 1 190 ? -2.362  3.379   12.473  1.00 76.80  ? 255 ILE A CG2 1 
ATOM   1330 C CD1 . ILE A 1 190 ? 0.789   5.450   11.399  1.00 82.62  ? 255 ILE A CD1 1 
ATOM   1331 N N   . ALA A 1 191 ? -2.953  2.106   9.661   1.00 68.20  ? 256 ALA A N   1 
ATOM   1332 C CA  . ALA A 1 191 ? -3.849  1.003   9.343   1.00 61.29  ? 256 ALA A CA  1 
ATOM   1333 C C   . ALA A 1 191 ? -3.117  -0.060  8.542   1.00 60.46  ? 256 ALA A C   1 
ATOM   1334 O O   . ALA A 1 191 ? -3.246  -1.260  8.815   1.00 60.93  ? 256 ALA A O   1 
ATOM   1335 C CB  . ALA A 1 191 ? -5.067  1.520   8.578   1.00 58.54  ? 256 ALA A CB  1 
ATOM   1336 N N   . GLY A 1 192 ? -2.305  0.369   7.579   1.00 58.28  ? 257 GLY A N   1 
ATOM   1337 C CA  . GLY A 1 192 ? -1.579  -0.596  6.778   1.00 61.72  ? 257 GLY A CA  1 
ATOM   1338 C C   . GLY A 1 192 ? -0.713  -1.495  7.633   1.00 65.18  ? 257 GLY A C   1 
ATOM   1339 O O   . GLY A 1 192 ? -0.772  -2.727  7.530   1.00 63.53  ? 257 GLY A O   1 
ATOM   1340 N N   . LEU A 1 193 ? 0.085   -0.888  8.513   1.00 67.15  ? 258 LEU A N   1 
ATOM   1341 C CA  . LEU A 1 193 ? 1.015   -1.675  9.309   1.00 65.71  ? 258 LEU A CA  1 
ATOM   1342 C C   . LEU A 1 193 ? 0.269   -2.598  10.266  1.00 64.21  ? 258 LEU A C   1 
ATOM   1343 O O   . LEU A 1 193 ? 0.622   -3.779  10.404  1.00 59.63  ? 258 LEU A O   1 
ATOM   1344 C CB  . LEU A 1 193 ? 1.962   -0.745  10.065  1.00 67.91  ? 258 LEU A CB  1 
ATOM   1345 C CG  . LEU A 1 193 ? 3.053   -1.488  10.827  1.00 68.69  ? 258 LEU A CG  1 
ATOM   1346 C CD1 . LEU A 1 193 ? 4.167   -1.822  9.869   1.00 70.69  ? 258 LEU A CD1 1 
ATOM   1347 C CD2 . LEU A 1 193 ? 3.581   -0.667  11.962  1.00 65.52  ? 258 LEU A CD2 1 
ATOM   1348 N N   . ALA A 1 194 ? -0.780  -2.078  10.912  1.00 66.94  ? 259 ALA A N   1 
ATOM   1349 C CA  . ALA A 1 194 ? -1.607  -2.891  11.796  1.00 60.28  ? 259 ALA A CA  1 
ATOM   1350 C C   . ALA A 1 194 ? -2.034  -4.182  11.107  1.00 70.29  ? 259 ALA A C   1 
ATOM   1351 O O   . ALA A 1 194 ? -1.851  -5.280  11.649  1.00 71.10  ? 259 ALA A O   1 
ATOM   1352 C CB  . ALA A 1 194 ? -2.825  -2.085  12.237  1.00 57.27  ? 259 ALA A CB  1 
ATOM   1353 N N   . VAL A 1 195 ? -2.579  -4.068  9.891   1.00 64.85  ? 260 VAL A N   1 
ATOM   1354 C CA  . VAL A 1 195 ? -3.080  -5.243  9.189   1.00 59.73  ? 260 VAL A CA  1 
ATOM   1355 C C   . VAL A 1 195 ? -1.974  -6.274  9.016   1.00 62.51  ? 260 VAL A C   1 
ATOM   1356 O O   . VAL A 1 195 ? -2.142  -7.463  9.323   1.00 68.40  ? 260 VAL A O   1 
ATOM   1357 C CB  . VAL A 1 195 ? -3.677  -4.837  7.836   1.00 56.96  ? 260 VAL A CB  1 
ATOM   1358 C CG1 . VAL A 1 195 ? -3.946  -6.065  7.028   1.00 60.11  ? 260 VAL A CG1 1 
ATOM   1359 C CG2 . VAL A 1 195 ? -4.939  -4.073  8.044   1.00 56.08  ? 260 VAL A CG2 1 
ATOM   1360 N N   . GLY A 1 196 ? -0.821  -5.835  8.528   1.00 60.22  ? 261 GLY A N   1 
ATOM   1361 C CA  . GLY A 1 196 ? 0.250   -6.776  8.260   1.00 67.05  ? 261 GLY A CA  1 
ATOM   1362 C C   . GLY A 1 196 ? 0.760   -7.479  9.504   1.00 69.23  ? 261 GLY A C   1 
ATOM   1363 O O   . GLY A 1 196 ? 1.168   -8.646  9.442   1.00 67.01  ? 261 GLY A O   1 
ATOM   1364 N N   . LEU A 1 197 ? 0.764   -6.782  10.641  1.00 67.29  ? 262 LEU A N   1 
ATOM   1365 C CA  . LEU A 1 197 ? 1.132   -7.433  11.893  1.00 70.57  ? 262 LEU A CA  1 
ATOM   1366 C C   . LEU A 1 197 ? 0.117   -8.511  12.255  1.00 67.41  ? 262 LEU A C   1 
ATOM   1367 O O   . LEU A 1 197 ? 0.456   -9.694  12.371  1.00 68.37  ? 262 LEU A O   1 
ATOM   1368 C CB  . LEU A 1 197 ? 1.256   -6.391  13.006  1.00 67.73  ? 262 LEU A CB  1 
ATOM   1369 C CG  . LEU A 1 197 ? 2.221   -5.259  12.670  1.00 71.10  ? 262 LEU A CG  1 
ATOM   1370 C CD1 . LEU A 1 197 ? 2.029   -4.068  13.568  1.00 66.98  ? 262 LEU A CD1 1 
ATOM   1371 C CD2 . LEU A 1 197 ? 3.639   -5.739  12.746  1.00 66.05  ? 262 LEU A CD2 1 
ATOM   1372 N N   . ALA A 1 198 ? -1.139  -8.112  12.428  1.00 64.32  ? 263 ALA A N   1 
ATOM   1373 C CA  . ALA A 1 198 ? -2.211  -9.040  12.740  1.00 65.50  ? 263 ALA A CA  1 
ATOM   1374 C C   . ALA A 1 198 ? -2.114  -10.277 11.855  1.00 71.00  ? 263 ALA A C   1 
ATOM   1375 O O   . ALA A 1 198 ? -2.237  -11.405 12.344  1.00 71.12  ? 263 ALA A O   1 
ATOM   1376 C CB  . ALA A 1 198 ? -3.563  -8.348  12.581  1.00 61.91  ? 263 ALA A CB  1 
ATOM   1377 N N   . MET A 1 199 ? -1.823  -10.080 10.566  1.00 67.19  ? 264 MET A N   1 
ATOM   1378 C CA  . MET A 1 199 ? -1.835  -11.207 9.645   1.00 65.74  ? 264 MET A CA  1 
ATOM   1379 C C   . MET A 1 199 ? -0.643  -12.129 9.867   1.00 70.43  ? 264 MET A C   1 
ATOM   1380 O O   . MET A 1 199 ? -0.789  -13.359 9.835   1.00 70.29  ? 264 MET A O   1 
ATOM   1381 C CB  . MET A 1 199 ? -1.886  -10.703 8.207   1.00 65.76  ? 264 MET A CB  1 
ATOM   1382 C CG  . MET A 1 199 ? -3.325  -10.413 7.788   1.00 72.39  ? 264 MET A CG  1 
ATOM   1383 S SD  . MET A 1 199 ? -3.551  -9.955  6.066   1.00 64.24  ? 264 MET A SD  1 
ATOM   1384 C CE  . MET A 1 199 ? -3.169  -11.523 5.266   1.00 62.82  ? 264 MET A CE  1 
ATOM   1385 N N   . ALA A 1 200 ? 0.550   -11.562 10.073  1.00 75.63  ? 265 ALA A N   1 
ATOM   1386 C CA  . ALA A 1 200 ? 1.712   -12.402 10.361  1.00 76.14  ? 265 ALA A CA  1 
ATOM   1387 C C   . ALA A 1 200 ? 1.583   -13.039 11.734  1.00 75.14  ? 265 ALA A C   1 
ATOM   1388 O O   . ALA A 1 200 ? 1.988   -14.191 11.933  1.00 78.25  ? 265 ALA A O   1 
ATOM   1389 C CB  . ALA A 1 200 ? 3.008   -11.590 10.255  1.00 68.97  ? 265 ALA A CB  1 
ATOM   1390 N N   . PHE A 1 201 ? 1.008   -12.308 12.683  1.00 69.02  ? 266 PHE A N   1 
ATOM   1391 C CA  . PHE A 1 201 ? 0.695   -12.895 13.968  1.00 71.50  ? 266 PHE A CA  1 
ATOM   1392 C C   . PHE A 1 201 ? -0.178  -14.134 13.804  1.00 80.61  ? 266 PHE A C   1 
ATOM   1393 O O   . PHE A 1 201 ? 0.165   -15.221 14.289  1.00 82.34  ? 266 PHE A O   1 
ATOM   1394 C CB  . PHE A 1 201 ? 0.010   -11.856 14.837  1.00 68.94  ? 266 PHE A CB  1 
ATOM   1395 C CG  . PHE A 1 201 ? -0.285  -12.344 16.200  1.00 82.33  ? 266 PHE A CG  1 
ATOM   1396 C CD1 . PHE A 1 201 ? 0.739   -12.503 17.117  1.00 84.26  ? 266 PHE A CD1 1 
ATOM   1397 C CD2 . PHE A 1 201 ? -1.577  -12.676 16.564  1.00 82.35  ? 266 PHE A CD2 1 
ATOM   1398 C CE1 . PHE A 1 201 ? 0.479   -12.967 18.375  1.00 86.93  ? 266 PHE A CE1 1 
ATOM   1399 C CE2 . PHE A 1 201 ? -1.847  -13.139 17.825  1.00 83.50  ? 266 PHE A CE2 1 
ATOM   1400 C CZ  . PHE A 1 201 ? -0.818  -13.284 18.734  1.00 86.80  ? 266 PHE A CZ  1 
ATOM   1401 N N   . VAL A 1 202 ? -1.301  -13.997 13.094  1.00 74.93  ? 267 VAL A N   1 
ATOM   1402 C CA  . VAL A 1 202 ? -2.187  -15.136 12.912  1.00 74.40  ? 267 VAL A CA  1 
ATOM   1403 C C   . VAL A 1 202 ? -1.465  -16.255 12.174  1.00 81.03  ? 267 VAL A C   1 
ATOM   1404 O O   . VAL A 1 202 ? -1.759  -17.438 12.383  1.00 90.42  ? 267 VAL A O   1 
ATOM   1405 C CB  . VAL A 1 202 ? -3.469  -14.690 12.185  1.00 73.23  ? 267 VAL A CB  1 
ATOM   1406 C CG1 . VAL A 1 202 ? -4.261  -15.882 11.682  1.00 74.41  ? 267 VAL A CG1 1 
ATOM   1407 C CG2 . VAL A 1 202 ? -4.323  -13.840 13.103  1.00 71.34  ? 267 VAL A CG2 1 
ATOM   1408 N N   . ASP A 1 203 ? -0.482  -15.913 11.343  1.00 74.62  ? 268 ASP A N   1 
ATOM   1409 C CA  . ASP A 1 203 ? 0.220   -16.925 10.561  1.00 80.96  ? 268 ASP A CA  1 
ATOM   1410 C C   . ASP A 1 203 ? 1.318   -17.635 11.347  1.00 88.02  ? 268 ASP A C   1 
ATOM   1411 O O   . ASP A 1 203 ? 1.696   -18.761 11.008  1.00 92.32  ? 268 ASP A O   1 
ATOM   1412 C CB  . ASP A 1 203 ? 0.831   -16.287 9.314   1.00 83.19  ? 268 ASP A CB  1 
ATOM   1413 C CG  . ASP A 1 203 ? -0.165  -16.114 8.204   1.00 81.18  ? 268 ASP A CG  1 
ATOM   1414 O OD1 . ASP A 1 203 ? -1.286  -16.659 8.322   1.00 83.85  ? 268 ASP A OD1 1 
ATOM   1415 O OD2 . ASP A 1 203 ? 0.180   -15.451 7.199   1.00 83.46  ? 268 ASP A OD2 1 
ATOM   1416 N N   . SER A 1 204 ? 1.869   -17.001 12.360  1.00 83.95  ? 269 SER A N   1 
ATOM   1417 C CA  . SER A 1 204 ? 2.973   -17.620 13.060  1.00 94.39  ? 269 SER A CA  1 
ATOM   1418 C C   . SER A 1 204 ? 2.513   -18.508 14.200  1.00 103.03 ? 269 SER A C   1 
ATOM   1419 O O   . SER A 1 204 ? 3.362   -19.062 14.904  1.00 118.48 ? 269 SER A O   1 
ATOM   1420 C CB  . SER A 1 204 ? 3.925   -16.552 13.594  1.00 92.65  ? 269 SER A CB  1 
ATOM   1421 O OG  . SER A 1 204 ? 3.282   -15.776 14.589  1.00 91.83  ? 269 SER A OG  1 
ATOM   1422 N N   . LEU A 1 205 ? 1.199   -18.666 14.393  1.00 99.78  ? 270 LEU A N   1 
ATOM   1423 C CA  . LEU A 1 205 ? 0.702   -19.405 15.553  1.00 103.74 ? 270 LEU A CA  1 
ATOM   1424 C C   . LEU A 1 205 ? 1.233   -20.836 15.580  1.00 112.49 ? 270 LEU A C   1 
ATOM   1425 O O   . LEU A 1 205 ? 1.654   -21.326 16.636  1.00 116.75 ? 270 LEU A O   1 
ATOM   1426 C CB  . LEU A 1 205 ? -0.822  -19.375 15.569  1.00 97.40  ? 270 LEU A CB  1 
ATOM   1427 C CG  . LEU A 1 205 ? -1.337  -17.984 15.948  1.00 90.55  ? 270 LEU A CG  1 
ATOM   1428 C CD1 . LEU A 1 205 ? -2.822  -18.008 16.121  1.00 85.62  ? 270 LEU A CD1 1 
ATOM   1429 C CD2 . LEU A 1 205 ? -0.666  -17.463 17.207  1.00 91.20  ? 270 LEU A CD2 1 
ATOM   1430 N N   . ASN A 1 206 ? 1.221   -21.515 14.434  1.00 116.80 ? 271 ASN A N   1 
ATOM   1431 C CA  . ASN A 1 206 ? 2.088   -22.680 14.201  1.00 122.41 ? 271 ASN A CA  1 
ATOM   1432 C C   . ASN A 1 206 ? 2.000   -23.125 12.739  1.00 116.28 ? 271 ASN A C   1 
ATOM   1433 O O   . ASN A 1 206 ? 2.096   -22.302 11.823  1.00 103.66 ? 271 ASN A O   1 
ATOM   1434 C CB  . ASN A 1 206 ? 1.749   -23.843 15.150  1.00 124.28 ? 271 ASN A CB  1 
ATOM   1435 C CG  . ASN A 1 206 ? 0.478   -24.575 14.764  1.00 130.81 ? 271 ASN A CG  1 
ATOM   1436 O OD1 . ASN A 1 206 ? -0.461  -23.986 14.222  1.00 126.99 ? 271 ASN A OD1 1 
ATOM   1437 N ND2 . ASN A 1 206 ? 0.438   -25.871 15.055  1.00 136.38 ? 271 ASN A ND2 1 
ATOM   1438 C CA  . ALA B 2 1   ? -5.587  20.524  -5.251  1.00 92.49  ? 496 ALA B CA  1 
ATOM   1439 C C   . ALA B 2 1   ? -4.564  19.688  -4.487  1.00 94.32  ? 496 ALA B C   1 
ATOM   1440 O O   . ALA B 2 1   ? -3.731  19.017  -5.094  1.00 123.58 ? 496 ALA B O   1 
ATOM   1441 N N   . ARG B 2 2   ? -4.615  19.734  -3.160  1.00 82.01  ? 497 ARG B N   1 
ATOM   1442 C CA  . ARG B 2 2   ? -3.709  18.920  -2.363  1.00 83.11  ? 497 ARG B CA  1 
ATOM   1443 C C   . ARG B 2 2   ? -4.303  17.539  -2.100  1.00 80.61  ? 497 ARG B C   1 
ATOM   1444 O O   . ARG B 2 2   ? -5.501  17.396  -1.852  1.00 80.87  ? 497 ARG B O   1 
ATOM   1445 C CB  . ARG B 2 2   ? -3.380  19.606  -1.043  1.00 87.39  ? 497 ARG B CB  1 
ATOM   1446 C CG  . ARG B 2 2   ? -2.825  21.010  -1.175  1.00 93.31  ? 497 ARG B CG  1 
ATOM   1447 C CD  . ARG B 2 2   ? -3.054  21.750  0.125   1.00 93.02  ? 497 ARG B CD  1 
ATOM   1448 N NE  . ARG B 2 2   ? -2.740  23.170  0.052   1.00 97.25  ? 497 ARG B NE  1 
ATOM   1449 C CZ  . ARG B 2 2   ? -3.295  24.082  0.845   1.00 98.42  ? 497 ARG B CZ  1 
ATOM   1450 N NH1 . ARG B 2 2   ? -2.967  25.373  0.738   1.00 88.40  ? 497 ARG B NH1 1 
ATOM   1451 N NH2 . ARG B 2 2   ? -4.206  23.701  1.732   1.00 93.82  ? 497 ARG B NH2 1 
ATOM   1452 N N   . VAL B 2 3   ? -3.453  16.518  -2.168  1.00 72.84  ? 498 VAL B N   1 
ATOM   1453 C CA  . VAL B 2 3   ? -3.871  15.132  -2.007  1.00 76.81  ? 498 VAL B CA  1 
ATOM   1454 C C   . VAL B 2 3   ? -2.887  14.453  -1.067  1.00 75.00  ? 498 VAL B C   1 
ATOM   1455 O O   . VAL B 2 3   ? -1.717  14.835  -0.990  1.00 78.86  ? 498 VAL B O   1 
ATOM   1456 C CB  . VAL B 2 3   ? -3.928  14.403  -3.360  1.00 72.37  ? 498 VAL B CB  1 
ATOM   1457 C CG1 . VAL B 2 3   ? -4.941  15.065  -4.274  1.00 72.66  ? 498 VAL B CG1 1 
ATOM   1458 C CG2 . VAL B 2 3   ? -2.560  14.401  -3.991  1.00 70.76  ? 498 VAL B CG2 1 
ATOM   1459 N N   . TRP B 2 4   ? -3.351  13.441  -0.341  1.00 67.76  ? 499 TRP B N   1 
ATOM   1460 C CA  . TRP B 2 4   ? -2.477  12.784  0.623   1.00 72.70  ? 499 TRP B CA  1 
ATOM   1461 C C   . TRP B 2 4   ? -1.830  11.563  -0.005  1.00 70.13  ? 499 TRP B C   1 
ATOM   1462 O O   . TRP B 2 4   ? -2.501  10.777  -0.682  1.00 66.56  ? 499 TRP B O   1 
ATOM   1463 C CB  . TRP B 2 4   ? -3.238  12.383  1.874   1.00 70.65  ? 499 TRP B CB  1 
ATOM   1464 C CG  . TRP B 2 4   ? -3.615  13.526  2.768   1.00 71.95  ? 499 TRP B CG  1 
ATOM   1465 C CD1 . TRP B 2 4   ? -3.053  13.848  3.976   1.00 70.65  ? 499 TRP B CD1 1 
ATOM   1466 C CD2 . TRP B 2 4   ? -4.657  14.485  2.539   1.00 70.59  ? 499 TRP B CD2 1 
ATOM   1467 N NE1 . TRP B 2 4   ? -3.693  14.944  4.519   1.00 68.36  ? 499 TRP B NE1 1 
ATOM   1468 C CE2 . TRP B 2 4   ? -4.678  15.355  3.654   1.00 71.54  ? 499 TRP B CE2 1 
ATOM   1469 C CE3 . TRP B 2 4   ? -5.578  14.692  1.500   1.00 73.16  ? 499 TRP B CE3 1 
ATOM   1470 C CZ2 . TRP B 2 4   ? -5.577  16.421  3.754   1.00 68.39  ? 499 TRP B CZ2 1 
ATOM   1471 C CZ3 . TRP B 2 4   ? -6.481  15.744  1.602   1.00 74.98  ? 499 TRP B CZ3 1 
ATOM   1472 C CH2 . TRP B 2 4   ? -6.471  16.597  2.725   1.00 75.22  ? 499 TRP B CH2 1 
ATOM   1473 N N   . HIS B 2 5   ? -0.526  11.409  0.217   1.00 67.91  ? 500 HIS B N   1 
ATOM   1474 C CA  . HIS B 2 5   ? 0.257   10.380  -0.454  1.00 70.67  ? 500 HIS B CA  1 
ATOM   1475 C C   . HIS B 2 5   ? 0.387   9.178   0.463   1.00 73.51  ? 500 HIS B C   1 
ATOM   1476 O O   . HIS B 2 5   ? 0.861   9.303   1.600   1.00 69.64  ? 500 HIS B O   1 
ATOM   1477 C CB  . HIS B 2 5   ? 1.642   10.881  -0.858  1.00 71.62  ? 500 HIS B CB  1 
ATOM   1478 C CG  . HIS B 2 5   ? 1.622   11.985  -1.862  1.00 70.41  ? 500 HIS B CG  1 
ATOM   1479 N ND1 . HIS B 2 5   ? 0.955   13.174  -1.650  1.00 71.56  ? 500 HIS B ND1 1 
ATOM   1480 C CD2 . HIS B 2 5   ? 2.200   12.088  -3.083  1.00 69.80  ? 500 HIS B CD2 1 
ATOM   1481 C CE1 . HIS B 2 5   ? 1.114   13.956  -2.703  1.00 72.00  ? 500 HIS B CE1 1 
ATOM   1482 N NE2 . HIS B 2 5   ? 1.870   13.323  -3.583  1.00 69.07  ? 500 HIS B NE2 1 
ATOM   1483 N N   . ALA B 2 6   ? -0.020  8.021   -0.045  1.00 68.62  ? 501 ALA B N   1 
ATOM   1484 C CA  . ALA B 2 6   ? 0.073   6.777   0.686   1.00 64.74  ? 501 ALA B CA  1 
ATOM   1485 C C   . ALA B 2 6   ? 1.187   5.930   0.080   1.00 61.28  ? 501 ALA B C   1 
ATOM   1486 O O   . ALA B 2 6   ? 1.121   5.577   -1.096  1.00 57.42  ? 501 ALA B O   1 
ATOM   1487 C CB  . ALA B 2 6   ? -1.269  6.046   0.650   1.00 61.72  ? 501 ALA B CB  1 
HETATM 1488 C CAC . V87 C 3 .   ? 2.511   6.660   0.233   1.00 74.51  ? 601 V87 B CAC 1 
HETATM 1489 N NAD . V87 C 3 .   ? 2.852   7.217   1.537   1.00 75.73  ? 601 V87 B NAD 1 
HETATM 1490 O OAE . V87 C 3 .   ? 3.310   6.737   -0.652  1.00 73.15  ? 601 V87 B OAE 1 
HETATM 1491 C CAF . V87 C 3 .   ? 4.107   7.885   1.851   1.00 76.77  ? 601 V87 B CAF 1 
HETATM 1492 C CAG . V87 C 3 .   ? 5.329   7.262   1.191   1.00 81.45  ? 601 V87 B CAG 1 
HETATM 1493 C CAH . V87 C 3 .   ? 6.163   8.380   0.570   1.00 89.28  ? 601 V87 B CAH 1 
HETATM 1494 C CAI . V87 C 3 .   ? 6.458   8.169   -0.907  1.00 85.16  ? 601 V87 B CAI 1 
HETATM 1495 C CAJ . V87 C 3 .   ? 7.364   9.297   -1.376  1.00 90.41  ? 601 V87 B CAJ 1 
HETATM 1496 C CAK . V87 C 3 .   ? 6.848   10.304  -2.172  1.00 90.17  ? 601 V87 B CAK 1 
HETATM 1497 C CAL . V87 C 3 .   ? 7.671   11.342  -2.587  1.00 95.14  ? 601 V87 B CAL 1 
HETATM 1498 C CAM . V87 C 3 .   ? 9.013   11.365  -2.228  1.00 97.33  ? 601 V87 B CAM 1 
HETATM 1499 C CAN . V87 C 3 .   ? 9.529   10.349  -1.433  1.00 100.71 ? 601 V87 B CAN 1 
HETATM 1500 C CAO . V87 C 3 .   ? 8.701   9.316   -1.004  1.00 96.09  ? 601 V87 B CAO 1 
HETATM 1501 O O   . HOH D 4 .   ? -22.982 4.311   -5.900  1.00 67.53  ? 301 HOH A O   1 
HETATM 1502 O O   . HOH D 4 .   ? -22.689 6.212   -9.497  1.00 80.72  ? 302 HOH A O   1 
HETATM 1503 O O   . HOH D 4 .   ? 1.864   -18.490 -6.691  1.00 79.35  ? 303 HOH A O   1 
HETATM 1504 O O   . HOH D 4 .   ? 0.125   12.190  -11.091 1.00 65.20  ? 304 HOH A O   1 
HETATM 1505 O O   . HOH D 4 .   ? 11.599  -10.392 9.539   1.00 78.46  ? 305 HOH A O   1 
HETATM 1506 O O   . HOH D 4 .   ? -3.839  3.124   1.127   1.00 57.31  ? 306 HOH A O   1 
HETATM 1507 O O   . HOH D 4 .   ? -9.463  14.173  1.270   1.00 66.47  ? 307 HOH A O   1 
HETATM 1508 O O   . HOH D 4 .   ? 7.417   -22.498 9.534   1.00 104.89 ? 308 HOH A O   1 
HETATM 1509 O O   . HOH D 4 .   ? -4.338  4.793   -1.155  1.00 45.79  ? 309 HOH A O   1 
HETATM 1510 O O   . HOH D 4 .   ? -7.197  11.758  2.957   1.00 64.01  ? 310 HOH A O   1 
HETATM 1511 O O   . HOH D 4 .   ? -8.996  7.982   -2.549  1.00 50.21  ? 311 HOH A O   1 
HETATM 1512 O O   . HOH D 4 .   ? -2.042  1.545   -0.265  1.00 53.27  ? 312 HOH A O   1 
HETATM 1513 O O   . HOH D 4 .   ? 0.014   5.053   -10.246 1.00 51.25  ? 313 HOH A O   1 
HETATM 1514 O O   . HOH D 4 .   ? 7.301   -13.161 -6.977  1.00 83.99  ? 314 HOH A O   1 
HETATM 1515 O O   . HOH D 4 .   ? 12.941  -11.998 2.665   1.00 92.03  ? 315 HOH A O   1 
HETATM 1516 O O   . HOH D 4 .   ? -0.914  -18.205 -1.446  1.00 65.42  ? 316 HOH A O   1 
HETATM 1517 O O   . HOH D 4 .   ? -3.311  11.277  7.691   1.00 72.06  ? 317 HOH A O   1 
HETATM 1518 O O   . HOH D 4 .   ? 11.445  -8.690  -11.562 1.00 71.85  ? 318 HOH A O   1 
HETATM 1519 O O   . HOH D 4 .   ? -18.956 10.499  0.848   1.00 77.67  ? 319 HOH A O   1 
HETATM 1520 O O   . HOH D 4 .   ? -6.303  -3.123  -5.250  1.00 53.71  ? 320 HOH A O   1 
HETATM 1521 O O   . HOH D 4 .   ? 5.100   -16.341 -7.928  1.00 87.17  ? 321 HOH A O   1 
HETATM 1522 O O   . HOH D 4 .   ? -4.292  -10.271 -10.143 1.00 70.00  ? 322 HOH A O   1 
# 
